data_1XPX
# 
_entry.id   1XPX 
# 
_audit_conform.dict_name       mmcif_pdbx.dic 
_audit_conform.dict_version    5.386 
_audit_conform.dict_location   http://mmcif.pdb.org/dictionaries/ascii/mmcif_pdbx.dic 
# 
loop_
_database_2.database_id 
_database_2.database_code 
_database_2.pdbx_database_accession 
_database_2.pdbx_DOI 
PDB   1XPX         pdb_00001xpx 10.2210/pdb1xpx/pdb 
NDB   PD0602       ?            ?                   
RCSB  RCSB030627   ?            ?                   
WWPDB D_1000030627 ?            ?                   
# 
loop_
_pdbx_audit_revision_history.ordinal 
_pdbx_audit_revision_history.data_content_type 
_pdbx_audit_revision_history.major_revision 
_pdbx_audit_revision_history.minor_revision 
_pdbx_audit_revision_history.revision_date 
1 'Structure model' 1 0 2005-05-03 
2 'Structure model' 1 1 2008-04-30 
3 'Structure model' 1 2 2011-07-13 
4 'Structure model' 1 3 2024-02-14 
# 
_pdbx_audit_revision_details.ordinal             1 
_pdbx_audit_revision_details.revision_ordinal    1 
_pdbx_audit_revision_details.data_content_type   'Structure model' 
_pdbx_audit_revision_details.provider            repository 
_pdbx_audit_revision_details.type                'Initial release' 
_pdbx_audit_revision_details.description         ? 
_pdbx_audit_revision_details.details             ? 
# 
loop_
_pdbx_audit_revision_group.ordinal 
_pdbx_audit_revision_group.revision_ordinal 
_pdbx_audit_revision_group.data_content_type 
_pdbx_audit_revision_group.group 
1 2 'Structure model' 'Version format compliance' 
2 3 'Structure model' 'Version format compliance' 
3 4 'Structure model' 'Data collection'           
4 4 'Structure model' 'Database references'       
# 
loop_
_pdbx_audit_revision_category.ordinal 
_pdbx_audit_revision_category.revision_ordinal 
_pdbx_audit_revision_category.data_content_type 
_pdbx_audit_revision_category.category 
1 4 'Structure model' chem_comp_atom 
2 4 'Structure model' chem_comp_bond 
3 4 'Structure model' database_2     
# 
loop_
_pdbx_audit_revision_item.ordinal 
_pdbx_audit_revision_item.revision_ordinal 
_pdbx_audit_revision_item.data_content_type 
_pdbx_audit_revision_item.item 
1 4 'Structure model' '_database_2.pdbx_DOI'                
2 4 'Structure model' '_database_2.pdbx_database_accession' 
# 
_pdbx_database_status.status_code                     REL 
_pdbx_database_status.entry_id                        1XPX 
_pdbx_database_status.recvd_initial_deposition_date   2004-10-09 
_pdbx_database_status.deposit_site                    RCSB 
_pdbx_database_status.process_site                    RCSB 
_pdbx_database_status.status_code_sf                  REL 
_pdbx_database_status.status_code_mr                  ? 
_pdbx_database_status.SG_entry                        ? 
_pdbx_database_status.pdb_format_compatible           Y 
_pdbx_database_status.status_code_cs                  ? 
_pdbx_database_status.status_code_nmr_data            ? 
_pdbx_database_status.methods_development_category    ? 
# 
loop_
_audit_author.name 
_audit_author.pdbx_ordinal 
'Yousef, M.S.'   1 
'Matthews, B.W.' 2 
# 
loop_
_citation.id 
_citation.title 
_citation.journal_abbrev 
_citation.journal_volume 
_citation.page_first 
_citation.page_last 
_citation.year 
_citation.journal_id_ASTM 
_citation.country 
_citation.journal_id_ISSN 
_citation.journal_id_CSD 
_citation.book_publisher 
_citation.pdbx_database_id_PubMed 
_citation.pdbx_database_id_DOI 
primary 'Structural Basis of Prospero-DNA Interaction: Implications for Transcription Regulationin Developing Cells.' STRUCTURE 13 
601  607  2005 STRUE6 UK 0969-2126 2005 ? 15837198 10.1016/j.str.2005.01.023       
1       'Structure of the DNA binding region of prospero reveals a novel homeo-prospero domain.'                      Structure 10 
1541 1549 2002 STRUE6 UK 0969-2126 2005 ? 12429095 '10.1016/S0969-2126(02)00883-3' 
# 
loop_
_citation_author.citation_id 
_citation_author.name 
_citation_author.ordinal 
_citation_author.identifier_ORCID 
primary 'Yousef, M.S.'   1 ? 
primary 'Matthews, B.W.' 2 ? 
1       'Ryter, J.M.'    3 ? 
1       'Doe, C.Q.'      4 ? 
1       'Matthews, B.W.' 5 ? 
# 
loop_
_entity.id 
_entity.type 
_entity.src_method 
_entity.pdbx_description 
_entity.formula_weight 
_entity.pdbx_number_of_molecules 
_entity.pdbx_ec 
_entity.pdbx_mutation 
_entity.pdbx_fragment 
_entity.details 
1 polymer syn "5'-D(*AP*GP*CP*AP*TP*GP*CP*CP*TP*G)-3'" 3045.005  1  ? ? ?                                            ? 
2 polymer syn "5'-D(*CP*AP*GP*GP*CP*AP*TP*GP*CP*T)-3'" 3045.005  1  ? ? ?                                            ? 
3 polymer man 'Protein prospero'                       19543.400 1  ? ? 'HOMEO-PROSPERO DOMAIN (RESIDUES 1245-1401)' ? 
4 water   nat water                                    18.015    15 ? ? ?                                            ? 
# 
loop_
_entity_poly.entity_id 
_entity_poly.type 
_entity_poly.nstd_linkage 
_entity_poly.nstd_monomer 
_entity_poly.pdbx_seq_one_letter_code 
_entity_poly.pdbx_seq_one_letter_code_can 
_entity_poly.pdbx_strand_id 
_entity_poly.pdbx_target_identifier 
1 polydeoxyribonucleotide no no '(DA)(DG)(DC)(DA)(DT)(DG)(DC)(DC)(DT)(DG)' AGCATGCCTG D ? 
2 polydeoxyribonucleotide no no '(DC)(DA)(DG)(DG)(DC)(DA)(DT)(DG)(DC)(DT)' CAGGCATGCT C ? 
3 'polypeptide(L)'        no no 
;TPLHSSTLTPMHLRKAKLMFFWVRYPSSAVLKMYFPDIKFNKNNTAQLVKWFSNFREFYYIQMEKYARQAVTEGIKTPDD
LLIAGDSELYRVLNLHYNRNNHIEVPQNFRFVVESTLREFFRAIQGGKDTEQSWKKSIYKIISRMDDPVPEYFKSPNFLE
QLE
;
;TPLHSSTLTPMHLRKAKLMFFWVRYPSSAVLKMYFPDIKFNKNNTAQLVKWFSNFREFYYIQMEKYARQAVTEGIKTPDD
LLIAGDSELYRVLNLHYNRNNHIEVPQNFRFVVESTLREFFRAIQGGKDTEQSWKKSIYKIISRMDDPVPEYFKSPNFLE
QLE
;
A ? 
# 
_pdbx_entity_nonpoly.entity_id   4 
_pdbx_entity_nonpoly.name        water 
_pdbx_entity_nonpoly.comp_id     HOH 
# 
loop_
_entity_poly_seq.entity_id 
_entity_poly_seq.num 
_entity_poly_seq.mon_id 
_entity_poly_seq.hetero 
1 1   DA  n 
1 2   DG  n 
1 3   DC  n 
1 4   DA  n 
1 5   DT  n 
1 6   DG  n 
1 7   DC  n 
1 8   DC  n 
1 9   DT  n 
1 10  DG  n 
2 1   DC  n 
2 2   DA  n 
2 3   DG  n 
2 4   DG  n 
2 5   DC  n 
2 6   DA  n 
2 7   DT  n 
2 8   DG  n 
2 9   DC  n 
2 10  DT  n 
3 1   THR n 
3 2   PRO n 
3 3   LEU n 
3 4   HIS n 
3 5   SER n 
3 6   SER n 
3 7   THR n 
3 8   LEU n 
3 9   THR n 
3 10  PRO n 
3 11  MET n 
3 12  HIS n 
3 13  LEU n 
3 14  ARG n 
3 15  LYS n 
3 16  ALA n 
3 17  LYS n 
3 18  LEU n 
3 19  MET n 
3 20  PHE n 
3 21  PHE n 
3 22  TRP n 
3 23  VAL n 
3 24  ARG n 
3 25  TYR n 
3 26  PRO n 
3 27  SER n 
3 28  SER n 
3 29  ALA n 
3 30  VAL n 
3 31  LEU n 
3 32  LYS n 
3 33  MET n 
3 34  TYR n 
3 35  PHE n 
3 36  PRO n 
3 37  ASP n 
3 38  ILE n 
3 39  LYS n 
3 40  PHE n 
3 41  ASN n 
3 42  LYS n 
3 43  ASN n 
3 44  ASN n 
3 45  THR n 
3 46  ALA n 
3 47  GLN n 
3 48  LEU n 
3 49  VAL n 
3 50  LYS n 
3 51  TRP n 
3 52  PHE n 
3 53  SER n 
3 54  ASN n 
3 55  PHE n 
3 56  ARG n 
3 57  GLU n 
3 58  PHE n 
3 59  TYR n 
3 60  TYR n 
3 61  ILE n 
3 62  GLN n 
3 63  MET n 
3 64  GLU n 
3 65  LYS n 
3 66  TYR n 
3 67  ALA n 
3 68  ARG n 
3 69  GLN n 
3 70  ALA n 
3 71  VAL n 
3 72  THR n 
3 73  GLU n 
3 74  GLY n 
3 75  ILE n 
3 76  LYS n 
3 77  THR n 
3 78  PRO n 
3 79  ASP n 
3 80  ASP n 
3 81  LEU n 
3 82  LEU n 
3 83  ILE n 
3 84  ALA n 
3 85  GLY n 
3 86  ASP n 
3 87  SER n 
3 88  GLU n 
3 89  LEU n 
3 90  TYR n 
3 91  ARG n 
3 92  VAL n 
3 93  LEU n 
3 94  ASN n 
3 95  LEU n 
3 96  HIS n 
3 97  TYR n 
3 98  ASN n 
3 99  ARG n 
3 100 ASN n 
3 101 ASN n 
3 102 HIS n 
3 103 ILE n 
3 104 GLU n 
3 105 VAL n 
3 106 PRO n 
3 107 GLN n 
3 108 ASN n 
3 109 PHE n 
3 110 ARG n 
3 111 PHE n 
3 112 VAL n 
3 113 VAL n 
3 114 GLU n 
3 115 SER n 
3 116 THR n 
3 117 LEU n 
3 118 ARG n 
3 119 GLU n 
3 120 PHE n 
3 121 PHE n 
3 122 ARG n 
3 123 ALA n 
3 124 ILE n 
3 125 GLN n 
3 126 GLY n 
3 127 GLY n 
3 128 LYS n 
3 129 ASP n 
3 130 THR n 
3 131 GLU n 
3 132 GLN n 
3 133 SER n 
3 134 TRP n 
3 135 LYS n 
3 136 LYS n 
3 137 SER n 
3 138 ILE n 
3 139 TYR n 
3 140 LYS n 
3 141 ILE n 
3 142 ILE n 
3 143 SER n 
3 144 ARG n 
3 145 MET n 
3 146 ASP n 
3 147 ASP n 
3 148 PRO n 
3 149 VAL n 
3 150 PRO n 
3 151 GLU n 
3 152 TYR n 
3 153 PHE n 
3 154 LYS n 
3 155 SER n 
3 156 PRO n 
3 157 ASN n 
3 158 PHE n 
3 159 LEU n 
3 160 GLU n 
3 161 GLN n 
3 162 LEU n 
3 163 GLU n 
# 
_entity_src_gen.entity_id                          3 
_entity_src_gen.pdbx_src_id                        1 
_entity_src_gen.pdbx_alt_source_flag               sample 
_entity_src_gen.pdbx_seq_type                      ? 
_entity_src_gen.pdbx_beg_seq_num                   ? 
_entity_src_gen.pdbx_end_seq_num                   ? 
_entity_src_gen.gene_src_common_name               'fruit fly' 
_entity_src_gen.gene_src_genus                     Drosophila 
_entity_src_gen.pdbx_gene_src_gene                 pros 
_entity_src_gen.gene_src_species                   ? 
_entity_src_gen.gene_src_strain                    ? 
_entity_src_gen.gene_src_tissue                    ? 
_entity_src_gen.gene_src_tissue_fraction           ? 
_entity_src_gen.gene_src_details                   ? 
_entity_src_gen.pdbx_gene_src_fragment             ? 
_entity_src_gen.pdbx_gene_src_scientific_name      'Drosophila melanogaster' 
_entity_src_gen.pdbx_gene_src_ncbi_taxonomy_id     7227 
_entity_src_gen.pdbx_gene_src_variant              ? 
_entity_src_gen.pdbx_gene_src_cell_line            ? 
_entity_src_gen.pdbx_gene_src_atcc                 ? 
_entity_src_gen.pdbx_gene_src_organ                ? 
_entity_src_gen.pdbx_gene_src_organelle            ? 
_entity_src_gen.pdbx_gene_src_cell                 ? 
_entity_src_gen.pdbx_gene_src_cellular_location    ? 
_entity_src_gen.host_org_common_name               ? 
_entity_src_gen.pdbx_host_org_scientific_name      'Escherichia coli BL21(DE3)' 
_entity_src_gen.pdbx_host_org_ncbi_taxonomy_id     469008 
_entity_src_gen.host_org_genus                     Escherichia 
_entity_src_gen.pdbx_host_org_gene                 ? 
_entity_src_gen.pdbx_host_org_organ                ? 
_entity_src_gen.host_org_species                   'Escherichia coli' 
_entity_src_gen.pdbx_host_org_tissue               ? 
_entity_src_gen.pdbx_host_org_tissue_fraction      ? 
_entity_src_gen.pdbx_host_org_strain               'BL21(DE3)' 
_entity_src_gen.pdbx_host_org_variant              ? 
_entity_src_gen.pdbx_host_org_cell_line            ? 
_entity_src_gen.pdbx_host_org_atcc                 ? 
_entity_src_gen.pdbx_host_org_culture_collection   ? 
_entity_src_gen.pdbx_host_org_cell                 ? 
_entity_src_gen.pdbx_host_org_organelle            ? 
_entity_src_gen.pdbx_host_org_cellular_location    ? 
_entity_src_gen.pdbx_host_org_vector_type          PLASMID 
_entity_src_gen.pdbx_host_org_vector               ? 
_entity_src_gen.host_org_details                   ? 
_entity_src_gen.expression_system_id               ? 
_entity_src_gen.plasmid_name                       PET15B 
_entity_src_gen.plasmid_details                    ? 
_entity_src_gen.pdbx_description                   ? 
# 
loop_
_chem_comp.id 
_chem_comp.type 
_chem_comp.mon_nstd_flag 
_chem_comp.name 
_chem_comp.pdbx_synonyms 
_chem_comp.formula 
_chem_comp.formula_weight 
ALA 'L-peptide linking' y ALANINE                              ? 'C3 H7 N O2'      89.093  
ARG 'L-peptide linking' y ARGININE                             ? 'C6 H15 N4 O2 1'  175.209 
ASN 'L-peptide linking' y ASPARAGINE                           ? 'C4 H8 N2 O3'     132.118 
ASP 'L-peptide linking' y 'ASPARTIC ACID'                      ? 'C4 H7 N O4'      133.103 
DA  'DNA linking'       y "2'-DEOXYADENOSINE-5'-MONOPHOSPHATE" ? 'C10 H14 N5 O6 P' 331.222 
DC  'DNA linking'       y "2'-DEOXYCYTIDINE-5'-MONOPHOSPHATE"  ? 'C9 H14 N3 O7 P'  307.197 
DG  'DNA linking'       y "2'-DEOXYGUANOSINE-5'-MONOPHOSPHATE" ? 'C10 H14 N5 O7 P' 347.221 
DT  'DNA linking'       y "THYMIDINE-5'-MONOPHOSPHATE"         ? 'C10 H15 N2 O8 P' 322.208 
GLN 'L-peptide linking' y GLUTAMINE                            ? 'C5 H10 N2 O3'    146.144 
GLU 'L-peptide linking' y 'GLUTAMIC ACID'                      ? 'C5 H9 N O4'      147.129 
GLY 'peptide linking'   y GLYCINE                              ? 'C2 H5 N O2'      75.067  
HIS 'L-peptide linking' y HISTIDINE                            ? 'C6 H10 N3 O2 1'  156.162 
HOH non-polymer         . WATER                                ? 'H2 O'            18.015  
ILE 'L-peptide linking' y ISOLEUCINE                           ? 'C6 H13 N O2'     131.173 
LEU 'L-peptide linking' y LEUCINE                              ? 'C6 H13 N O2'     131.173 
LYS 'L-peptide linking' y LYSINE                               ? 'C6 H15 N2 O2 1'  147.195 
MET 'L-peptide linking' y METHIONINE                           ? 'C5 H11 N O2 S'   149.211 
PHE 'L-peptide linking' y PHENYLALANINE                        ? 'C9 H11 N O2'     165.189 
PRO 'L-peptide linking' y PROLINE                              ? 'C5 H9 N O2'      115.130 
SER 'L-peptide linking' y SERINE                               ? 'C3 H7 N O3'      105.093 
THR 'L-peptide linking' y THREONINE                            ? 'C4 H9 N O3'      119.119 
TRP 'L-peptide linking' y TRYPTOPHAN                           ? 'C11 H12 N2 O2'   204.225 
TYR 'L-peptide linking' y TYROSINE                             ? 'C9 H11 N O3'     181.189 
VAL 'L-peptide linking' y VALINE                               ? 'C5 H11 N O2'     117.146 
# 
loop_
_pdbx_poly_seq_scheme.asym_id 
_pdbx_poly_seq_scheme.entity_id 
_pdbx_poly_seq_scheme.seq_id 
_pdbx_poly_seq_scheme.mon_id 
_pdbx_poly_seq_scheme.ndb_seq_num 
_pdbx_poly_seq_scheme.pdb_seq_num 
_pdbx_poly_seq_scheme.auth_seq_num 
_pdbx_poly_seq_scheme.pdb_mon_id 
_pdbx_poly_seq_scheme.auth_mon_id 
_pdbx_poly_seq_scheme.pdb_strand_id 
_pdbx_poly_seq_scheme.pdb_ins_code 
_pdbx_poly_seq_scheme.hetero 
A 1 1   DA  1   300  300  DA  A   D . n 
A 1 2   DG  2   301  301  DG  G   D . n 
A 1 3   DC  3   302  302  DC  C   D . n 
A 1 4   DA  4   303  303  DA  A   D . n 
A 1 5   DT  5   304  304  DT  T   D . n 
A 1 6   DG  6   305  305  DG  G   D . n 
A 1 7   DC  7   306  306  DC  C   D . n 
A 1 8   DC  8   307  307  DC  C   D . n 
A 1 9   DT  9   308  308  DT  T   D . n 
A 1 10  DG  10  309  309  DG  G   D . n 
B 2 1   DC  1   404  404  DC  C   C . n 
B 2 2   DA  2   405  405  DA  A   C . n 
B 2 3   DG  3   406  406  DG  G   C . n 
B 2 4   DG  4   407  407  DG  G   C . n 
B 2 5   DC  5   408  408  DC  C   C . n 
B 2 6   DA  6   409  409  DA  A   C . n 
B 2 7   DT  7   410  410  DT  T   C . n 
B 2 8   DG  8   411  411  DG  G   C . n 
B 2 9   DC  9   412  412  DC  C   C . n 
B 2 10  DT  10  413  413  DT  T   C . n 
C 3 1   THR 1   1241 ?    ?   ?   A . n 
C 3 2   PRO 2   1242 ?    ?   ?   A . n 
C 3 3   LEU 3   1243 ?    ?   ?   A . n 
C 3 4   HIS 4   1244 ?    ?   ?   A . n 
C 3 5   SER 5   1245 1245 SER SER A . n 
C 3 6   SER 6   1246 1246 SER SER A . n 
C 3 7   THR 7   1247 1247 THR THR A . n 
C 3 8   LEU 8   1248 1248 LEU LEU A . n 
C 3 9   THR 9   1249 1249 THR THR A . n 
C 3 10  PRO 10  1250 1250 PRO PRO A . n 
C 3 11  MET 11  1251 1251 MET MET A . n 
C 3 12  HIS 12  1252 1252 HIS HIS A . n 
C 3 13  LEU 13  1253 1253 LEU LEU A . n 
C 3 14  ARG 14  1254 1254 ARG ARG A . n 
C 3 15  LYS 15  1255 1255 LYS LYS A . n 
C 3 16  ALA 16  1256 1256 ALA ALA A . n 
C 3 17  LYS 17  1257 1257 LYS LYS A . n 
C 3 18  LEU 18  1258 1258 LEU LEU A . n 
C 3 19  MET 19  1259 1259 MET MET A . n 
C 3 20  PHE 20  1260 1260 PHE PHE A . n 
C 3 21  PHE 21  1261 1261 PHE PHE A . n 
C 3 22  TRP 22  1262 1262 TRP TRP A . n 
C 3 23  VAL 23  1263 1263 VAL VAL A . n 
C 3 24  ARG 24  1264 1264 ARG ARG A . n 
C 3 25  TYR 25  1265 1265 TYR TYR A . n 
C 3 26  PRO 26  1266 1266 PRO PRO A . n 
C 3 27  SER 27  1267 1267 SER SER A . n 
C 3 28  SER 28  1268 1268 SER SER A . n 
C 3 29  ALA 29  1269 1269 ALA ALA A . n 
C 3 30  VAL 30  1270 1270 VAL VAL A . n 
C 3 31  LEU 31  1271 1271 LEU LEU A . n 
C 3 32  LYS 32  1272 1272 LYS LYS A . n 
C 3 33  MET 33  1273 1273 MET MET A . n 
C 3 34  TYR 34  1274 1274 TYR TYR A . n 
C 3 35  PHE 35  1275 1275 PHE PHE A . n 
C 3 36  PRO 36  1276 1276 PRO PRO A . n 
C 3 37  ASP 37  1277 1277 ASP ASP A . n 
C 3 38  ILE 38  1278 1278 ILE ILE A . n 
C 3 39  LYS 39  1279 1279 LYS LYS A . n 
C 3 40  PHE 40  1280 1280 PHE PHE A . n 
C 3 41  ASN 41  1281 1281 ASN ASN A . n 
C 3 42  LYS 42  1282 1282 LYS LYS A . n 
C 3 43  ASN 43  1283 1283 ASN ASN A . n 
C 3 44  ASN 44  1284 1284 ASN ASN A . n 
C 3 45  THR 45  1285 1285 THR THR A . n 
C 3 46  ALA 46  1286 1286 ALA ALA A . n 
C 3 47  GLN 47  1287 1287 GLN GLN A . n 
C 3 48  LEU 48  1288 1288 LEU LEU A . n 
C 3 49  VAL 49  1289 1289 VAL VAL A . n 
C 3 50  LYS 50  1290 1290 LYS LYS A . n 
C 3 51  TRP 51  1291 1291 TRP TRP A . n 
C 3 52  PHE 52  1292 1292 PHE PHE A . n 
C 3 53  SER 53  1293 1293 SER SER A . n 
C 3 54  ASN 54  1294 1294 ASN ASN A . n 
C 3 55  PHE 55  1295 1295 PHE PHE A . n 
C 3 56  ARG 56  1296 1296 ARG ARG A . n 
C 3 57  GLU 57  1297 1297 GLU GLU A . n 
C 3 58  PHE 58  1298 1298 PHE PHE A . n 
C 3 59  TYR 59  1299 1299 TYR TYR A . n 
C 3 60  TYR 60  1300 1300 TYR TYR A . n 
C 3 61  ILE 61  1301 1301 ILE ILE A . n 
C 3 62  GLN 62  1302 1302 GLN GLN A . n 
C 3 63  MET 63  1303 1303 MET MET A . n 
C 3 64  GLU 64  1304 1304 GLU GLU A . n 
C 3 65  LYS 65  1305 1305 LYS LYS A . n 
C 3 66  TYR 66  1306 1306 TYR TYR A . n 
C 3 67  ALA 67  1307 1307 ALA ALA A . n 
C 3 68  ARG 68  1308 1308 ARG ARG A . n 
C 3 69  GLN 69  1309 1309 GLN GLN A . n 
C 3 70  ALA 70  1310 1310 ALA ALA A . n 
C 3 71  VAL 71  1311 1311 VAL VAL A . n 
C 3 72  THR 72  1312 1312 THR THR A . n 
C 3 73  GLU 73  1313 1313 GLU GLU A . n 
C 3 74  GLY 74  1314 ?    ?   ?   A . n 
C 3 75  ILE 75  1315 ?    ?   ?   A . n 
C 3 76  LYS 76  1316 ?    ?   ?   A . n 
C 3 77  THR 77  1317 ?    ?   ?   A . n 
C 3 78  PRO 78  1318 ?    ?   ?   A . n 
C 3 79  ASP 79  1319 ?    ?   ?   A . n 
C 3 80  ASP 80  1320 ?    ?   ?   A . n 
C 3 81  LEU 81  1321 ?    ?   ?   A . n 
C 3 82  LEU 82  1322 ?    ?   ?   A . n 
C 3 83  ILE 83  1323 ?    ?   ?   A . n 
C 3 84  ALA 84  1324 ?    ?   ?   A . n 
C 3 85  GLY 85  1325 ?    ?   ?   A . n 
C 3 86  ASP 86  1326 ?    ?   ?   A . n 
C 3 87  SER 87  1327 1327 SER SER A . n 
C 3 88  GLU 88  1328 1328 GLU GLU A . n 
C 3 89  LEU 89  1329 1329 LEU LEU A . n 
C 3 90  TYR 90  1330 1330 TYR TYR A . n 
C 3 91  ARG 91  1331 1331 ARG ARG A . n 
C 3 92  VAL 92  1332 1332 VAL VAL A . n 
C 3 93  LEU 93  1333 1333 LEU LEU A . n 
C 3 94  ASN 94  1334 1334 ASN ASN A . n 
C 3 95  LEU 95  1335 1335 LEU LEU A . n 
C 3 96  HIS 96  1336 1336 HIS HIS A . n 
C 3 97  TYR 97  1337 1337 TYR TYR A . n 
C 3 98  ASN 98  1338 1338 ASN ASN A . n 
C 3 99  ARG 99  1339 1339 ARG ARG A . n 
C 3 100 ASN 100 1340 1340 ASN ASN A . n 
C 3 101 ASN 101 1341 1341 ASN ASN A . n 
C 3 102 HIS 102 1342 1342 HIS HIS A . n 
C 3 103 ILE 103 1343 1343 ILE ILE A . n 
C 3 104 GLU 104 1344 1344 GLU GLU A . n 
C 3 105 VAL 105 1345 1345 VAL VAL A . n 
C 3 106 PRO 106 1346 1346 PRO PRO A . n 
C 3 107 GLN 107 1347 1347 GLN GLN A . n 
C 3 108 ASN 108 1348 1348 ASN ASN A . n 
C 3 109 PHE 109 1349 1349 PHE PHE A . n 
C 3 110 ARG 110 1350 1350 ARG ARG A . n 
C 3 111 PHE 111 1351 1351 PHE PHE A . n 
C 3 112 VAL 112 1352 1352 VAL VAL A . n 
C 3 113 VAL 113 1353 1353 VAL VAL A . n 
C 3 114 GLU 114 1354 1354 GLU GLU A . n 
C 3 115 SER 115 1355 1355 SER SER A . n 
C 3 116 THR 116 1356 1356 THR THR A . n 
C 3 117 LEU 117 1357 1357 LEU LEU A . n 
C 3 118 ARG 118 1358 1358 ARG ARG A . n 
C 3 119 GLU 119 1359 1359 GLU GLU A . n 
C 3 120 PHE 120 1360 1360 PHE PHE A . n 
C 3 121 PHE 121 1361 1361 PHE PHE A . n 
C 3 122 ARG 122 1362 1362 ARG ARG A . n 
C 3 123 ALA 123 1363 1363 ALA ALA A . n 
C 3 124 ILE 124 1364 1364 ILE ILE A . n 
C 3 125 GLN 125 1365 1365 GLN GLN A . n 
C 3 126 GLY 126 1366 1366 GLY GLY A . n 
C 3 127 GLY 127 1367 1367 GLY GLY A . n 
C 3 128 LYS 128 1368 1368 LYS LYS A . n 
C 3 129 ASP 129 1369 1369 ASP ASP A . n 
C 3 130 THR 130 1370 1370 THR THR A . n 
C 3 131 GLU 131 1371 1371 GLU GLU A . n 
C 3 132 GLN 132 1372 1372 GLN GLN A . n 
C 3 133 SER 133 1373 1373 SER SER A . n 
C 3 134 TRP 134 1374 1374 TRP TRP A . n 
C 3 135 LYS 135 1375 1375 LYS LYS A . n 
C 3 136 LYS 136 1376 1376 LYS LYS A . n 
C 3 137 SER 137 1377 1377 SER SER A . n 
C 3 138 ILE 138 1378 1378 ILE ILE A . n 
C 3 139 TYR 139 1379 1379 TYR TYR A . n 
C 3 140 LYS 140 1380 1380 LYS LYS A . n 
C 3 141 ILE 141 1381 1381 ILE ILE A . n 
C 3 142 ILE 142 1382 1382 ILE ILE A . n 
C 3 143 SER 143 1383 1383 SER SER A . n 
C 3 144 ARG 144 1384 1384 ARG ARG A . n 
C 3 145 MET 145 1385 1385 MET MET A . n 
C 3 146 ASP 146 1386 1386 ASP ASP A . n 
C 3 147 ASP 147 1387 1387 ASP ASP A . n 
C 3 148 PRO 148 1388 1388 PRO PRO A . n 
C 3 149 VAL 149 1389 1389 VAL VAL A . n 
C 3 150 PRO 150 1390 1390 PRO PRO A . n 
C 3 151 GLU 151 1391 1391 GLU GLU A . n 
C 3 152 TYR 152 1392 1392 TYR TYR A . n 
C 3 153 PHE 153 1393 1393 PHE PHE A . n 
C 3 154 LYS 154 1394 1394 LYS LYS A . n 
C 3 155 SER 155 1395 1395 SER SER A . n 
C 3 156 PRO 156 1396 1396 PRO PRO A . n 
C 3 157 ASN 157 1397 1397 ASN ASN A . n 
C 3 158 PHE 158 1398 1398 PHE PHE A . n 
C 3 159 LEU 159 1399 1399 LEU LEU A . n 
C 3 160 GLU 160 1400 1400 GLU GLU A . n 
C 3 161 GLN 161 1401 1401 GLN GLN A . n 
C 3 162 LEU 162 1402 ?    ?   ?   A . n 
C 3 163 GLU 163 1403 ?    ?   ?   A . n 
# 
loop_
_pdbx_nonpoly_scheme.asym_id 
_pdbx_nonpoly_scheme.entity_id 
_pdbx_nonpoly_scheme.mon_id 
_pdbx_nonpoly_scheme.ndb_seq_num 
_pdbx_nonpoly_scheme.pdb_seq_num 
_pdbx_nonpoly_scheme.auth_seq_num 
_pdbx_nonpoly_scheme.pdb_mon_id 
_pdbx_nonpoly_scheme.auth_mon_id 
_pdbx_nonpoly_scheme.pdb_strand_id 
_pdbx_nonpoly_scheme.pdb_ins_code 
D 4 HOH 1  7  7  HOH HOH D . 
E 4 HOH 1  4  4  HOH HOH C . 
E 4 HOH 2  13 13 HOH HOH C . 
F 4 HOH 1  1  1  HOH HOH A . 
F 4 HOH 2  2  2  HOH HOH A . 
F 4 HOH 3  3  3  HOH HOH A . 
F 4 HOH 4  5  5  HOH HOH A . 
F 4 HOH 5  6  6  HOH HOH A . 
F 4 HOH 6  8  8  HOH HOH A . 
F 4 HOH 7  9  9  HOH HOH A . 
F 4 HOH 8  10 10 HOH HOH A . 
F 4 HOH 9  11 11 HOH HOH A . 
F 4 HOH 10 12 12 HOH HOH A . 
F 4 HOH 11 14 14 HOH HOH A . 
F 4 HOH 12 15 15 HOH HOH A . 
# 
loop_
_software.name 
_software.classification 
_software.version 
_software.citation_id 
_software.pdbx_ordinal 
DENZO     'data reduction' .   ? 1 
SCALEPACK 'data scaling'   .   ? 2 
CNS       refinement       1.1 ? 3 
# 
_cell.entry_id           1XPX 
_cell.length_a           44.708 
_cell.length_b           44.708 
_cell.length_c           226.661 
_cell.angle_alpha        90.00 
_cell.angle_beta         90.00 
_cell.angle_gamma        90.00 
_cell.Z_PDB              8 
_cell.pdbx_unique_axis   ? 
# 
_symmetry.entry_id                         1XPX 
_symmetry.space_group_name_H-M             'P 43 21 2' 
_symmetry.pdbx_full_space_group_name_H-M   ? 
_symmetry.cell_setting                     ? 
_symmetry.Int_Tables_number                96 
_symmetry.space_group_name_Hall            ? 
# 
_exptl.entry_id          1XPX 
_exptl.method            'X-RAY DIFFRACTION' 
_exptl.crystals_number   1 
# 
_exptl_crystal.id                    1 
_exptl_crystal.density_meas          ? 
_exptl_crystal.density_Matthews      2.21 
_exptl_crystal.density_percent_sol   44.33 
_exptl_crystal.description           ? 
_exptl_crystal.F_000                 ? 
_exptl_crystal.preparation           ? 
# 
_exptl_crystal_grow.crystal_id      1 
_exptl_crystal_grow.method          ? 
_exptl_crystal_grow.temp            ? 
_exptl_crystal_grow.temp_details    ? 
_exptl_crystal_grow.pH              5.00 
_exptl_crystal_grow.pdbx_details    'pH 5.00' 
_exptl_crystal_grow.pdbx_pH_range   . 
# 
_diffrn.id                     1 
_diffrn.ambient_temp           100.0 
_diffrn.ambient_temp_details   ? 
_diffrn.crystal_id             1 
# 
_diffrn_detector.diffrn_id              1 
_diffrn_detector.detector               CCD 
_diffrn_detector.type                   'ADSC QUANTUM 4' 
_diffrn_detector.pdbx_collection_date   ? 
_diffrn_detector.details                ? 
# 
_diffrn_radiation.diffrn_id                        1 
_diffrn_radiation.wavelength_id                    1 
_diffrn_radiation.pdbx_monochromatic_or_laue_m_l   M 
_diffrn_radiation.monochromator                    'DOUBLE CRYSTAL' 
_diffrn_radiation.pdbx_diffrn_protocol             'SINGLE WAVELENGTH' 
_diffrn_radiation.pdbx_scattering_type             x-ray 
# 
_diffrn_radiation_wavelength.id           1 
_diffrn_radiation_wavelength.wavelength   1.0 
_diffrn_radiation_wavelength.wt           1.0 
# 
_diffrn_source.diffrn_id                   1 
_diffrn_source.source                      SYNCHROTRON 
_diffrn_source.type                        'ALS BEAMLINE 8.3.1' 
_diffrn_source.pdbx_synchrotron_site       ALS 
_diffrn_source.pdbx_synchrotron_beamline   8.3.1 
_diffrn_source.pdbx_wavelength             1.0 
_diffrn_source.pdbx_wavelength_list        ? 
# 
_reflns.entry_id                     1XPX 
_reflns.observed_criterion_sigma_I   0.000 
_reflns.observed_criterion_sigma_F   ? 
_reflns.d_resolution_low             30.000 
_reflns.d_resolution_high            2.800 
_reflns.number_obs                   6354 
_reflns.number_all                   ? 
_reflns.percent_possible_obs         90.0 
_reflns.pdbx_Rmerge_I_obs            ? 
_reflns.pdbx_Rsym_value              ? 
_reflns.pdbx_netI_over_sigmaI        33.0000 
_reflns.B_iso_Wilson_estimate        ? 
_reflns.pdbx_redundancy              ? 
_reflns.R_free_details               ? 
_reflns.limit_h_max                  ? 
_reflns.limit_h_min                  ? 
_reflns.limit_k_max                  ? 
_reflns.limit_k_min                  ? 
_reflns.limit_l_max                  ? 
_reflns.limit_l_min                  ? 
_reflns.observed_criterion_F_max     ? 
_reflns.observed_criterion_F_min     ? 
_reflns.pdbx_chi_squared             ? 
_reflns.pdbx_scaling_rejects         ? 
_reflns.pdbx_diffrn_id               1 
_reflns.pdbx_ordinal                 1 
# 
_reflns_shell.d_res_high             2.80 
_reflns_shell.d_res_low              2.85 
_reflns_shell.percent_possible_all   90.0 
_reflns_shell.Rmerge_I_obs           ? 
_reflns_shell.pdbx_Rsym_value        ? 
_reflns_shell.meanI_over_sigI_obs    ? 
_reflns_shell.pdbx_redundancy        ? 
_reflns_shell.percent_possible_obs   ? 
_reflns_shell.number_unique_all      ? 
_reflns_shell.number_measured_all    ? 
_reflns_shell.number_measured_obs    ? 
_reflns_shell.number_unique_obs      ? 
_reflns_shell.pdbx_chi_squared       ? 
_reflns_shell.pdbx_diffrn_id         ? 
_reflns_shell.pdbx_ordinal           1 
# 
_refine.entry_id                                 1XPX 
_refine.ls_number_reflns_obs                     5532 
_refine.ls_number_reflns_all                     ? 
_refine.pdbx_ls_sigma_I                          ? 
_refine.pdbx_ls_sigma_F                          0.000 
_refine.pdbx_data_cutoff_high_absF               ? 
_refine.pdbx_data_cutoff_low_absF                ? 
_refine.pdbx_data_cutoff_high_rms_absF           ? 
_refine.ls_d_res_low                             30.00 
_refine.ls_d_res_high                            2.80 
_refine.ls_percent_reflns_obs                    90 
_refine.ls_R_factor_obs                          0.217 
_refine.ls_R_factor_all                          ? 
_refine.ls_R_factor_R_work                       0.217 
_refine.ls_R_factor_R_free                       0.282 
_refine.ls_R_factor_R_free_error                 ? 
_refine.ls_R_factor_R_free_error_details         ? 
_refine.ls_percent_reflns_R_free                 ? 
_refine.ls_number_reflns_R_free                  317 
_refine.ls_number_parameters                     ? 
_refine.ls_number_restraints                     ? 
_refine.occupancy_min                            ? 
_refine.occupancy_max                            ? 
_refine.correlation_coeff_Fo_to_Fc               ? 
_refine.correlation_coeff_Fo_to_Fc_free          ? 
_refine.B_iso_mean                               ? 
_refine.aniso_B[1][1]                            ? 
_refine.aniso_B[2][2]                            ? 
_refine.aniso_B[3][3]                            ? 
_refine.aniso_B[1][2]                            ? 
_refine.aniso_B[1][3]                            ? 
_refine.aniso_B[2][3]                            ? 
_refine.solvent_model_details                    ? 
_refine.solvent_model_param_ksol                 ? 
_refine.solvent_model_param_bsol                 ? 
_refine.pdbx_solvent_vdw_probe_radii             ? 
_refine.pdbx_solvent_ion_probe_radii             ? 
_refine.pdbx_solvent_shrinkage_radii             ? 
_refine.pdbx_ls_cross_valid_method               ? 
_refine.details                                  ? 
_refine.pdbx_starting_model                      ? 
_refine.pdbx_method_to_determine_struct          'MOLECULAR REPLACEMENT' 
_refine.pdbx_isotropic_thermal_model             ? 
_refine.pdbx_stereochemistry_target_values       'Engh & Huber' 
_refine.pdbx_stereochem_target_val_spec_case     ? 
_refine.pdbx_R_Free_selection_details            RANDOM 
_refine.pdbx_overall_ESU_R                       ? 
_refine.pdbx_overall_ESU_R_Free                  ? 
_refine.overall_SU_ML                            ? 
_refine.overall_SU_B                             ? 
_refine.ls_redundancy_reflns_obs                 ? 
_refine.B_iso_min                                ? 
_refine.B_iso_max                                ? 
_refine.overall_SU_R_Cruickshank_DPI             ? 
_refine.overall_SU_R_free                        ? 
_refine.ls_wR_factor_R_free                      ? 
_refine.ls_wR_factor_R_work                      ? 
_refine.overall_FOM_free_R_set                   ? 
_refine.overall_FOM_work_R_set                   ? 
_refine.pdbx_refine_id                           'X-RAY DIFFRACTION' 
_refine.pdbx_diffrn_id                           1 
_refine.pdbx_TLS_residual_ADP_flag               ? 
_refine.pdbx_overall_phase_error                 ? 
_refine.pdbx_overall_SU_R_free_Cruickshank_DPI   ? 
_refine.pdbx_overall_SU_R_Blow_DPI               ? 
_refine.pdbx_overall_SU_R_free_Blow_DPI          ? 
# 
_refine_hist.pdbx_refine_id                   'X-RAY DIFFRACTION' 
_refine_hist.cycle_id                         LAST 
_refine_hist.pdbx_number_atoms_protein        1240 
_refine_hist.pdbx_number_atoms_nucleic_acid   404 
_refine_hist.pdbx_number_atoms_ligand         0 
_refine_hist.number_atoms_solvent             15 
_refine_hist.number_atoms_total               1659 
_refine_hist.d_res_high                       2.80 
_refine_hist.d_res_low                        30.00 
# 
_struct.entry_id                  1XPX 
_struct.title                     
'Structural basis of prospero-DNA interaction; implications for transcription regulation in developing cells' 
_struct.pdbx_model_details        ? 
_struct.pdbx_CASP_flag            ? 
_struct.pdbx_model_type_details   ? 
# 
_struct_keywords.entry_id        1XPX 
_struct_keywords.pdbx_keywords   'TRANSCRIPTION REGULATION/DNA' 
_struct_keywords.text            
'homeodomain, protein-DNA binding, prospero, neural cell development, TRANSCRIPTION REGULATION-DNA COMPLEX' 
# 
loop_
_struct_asym.id 
_struct_asym.pdbx_blank_PDB_chainid_flag 
_struct_asym.pdbx_modified 
_struct_asym.entity_id 
_struct_asym.details 
A N N 1 ? 
B N N 2 ? 
C N N 3 ? 
D N N 4 ? 
E N N 4 ? 
F N N 4 ? 
# 
loop_
_struct_ref.id 
_struct_ref.db_name 
_struct_ref.db_code 
_struct_ref.pdbx_db_accession 
_struct_ref.entity_id 
_struct_ref.pdbx_seq_one_letter_code 
_struct_ref.pdbx_align_begin 
_struct_ref.pdbx_db_isoform 
1 UNP PROS_DROME P29617 3 
;TPLHSSTLTPMHLRKAKLMFFWVRYPSSAVLKMYFPDIKFNKNNTAQLVKWFSNFREFYYIQMEKYARQAVTEGIKTPDD
LLIAGDSELYRVLNLHYNRNNHIEVPQNFRFVVESTLREFFRAIQGGKDTEQSWKKSIYKIISRMDDPVPEYFKSPNFLE
QLE
;
1241 ? 
2 PDB 1XPX       1XPX   1 ? ?    ? 
3 PDB 1XPX       1XPX   2 ? ?    ? 
# 
loop_
_struct_ref_seq.align_id 
_struct_ref_seq.ref_id 
_struct_ref_seq.pdbx_PDB_id_code 
_struct_ref_seq.pdbx_strand_id 
_struct_ref_seq.seq_align_beg 
_struct_ref_seq.pdbx_seq_align_beg_ins_code 
_struct_ref_seq.seq_align_end 
_struct_ref_seq.pdbx_seq_align_end_ins_code 
_struct_ref_seq.pdbx_db_accession 
_struct_ref_seq.db_align_beg 
_struct_ref_seq.pdbx_db_align_beg_ins_code 
_struct_ref_seq.db_align_end 
_struct_ref_seq.pdbx_db_align_end_ins_code 
_struct_ref_seq.pdbx_auth_seq_align_beg 
_struct_ref_seq.pdbx_auth_seq_align_end 
1 1 1XPX A 1 ? 163 ? P29617 1241 ? 1403 ? 1241 1403 
2 2 1XPX D 1 ? 10  ? 1XPX   300  ? 309  ? 300  309  
3 3 1XPX C 1 ? 10  ? 1XPX   404  ? 413  ? 404  413  
# 
_pdbx_struct_assembly.id                   1 
_pdbx_struct_assembly.details              author_defined_assembly 
_pdbx_struct_assembly.method_details       ? 
_pdbx_struct_assembly.oligomeric_details   trimeric 
_pdbx_struct_assembly.oligomeric_count     3 
# 
_pdbx_struct_assembly_gen.assembly_id       1 
_pdbx_struct_assembly_gen.oper_expression   1 
_pdbx_struct_assembly_gen.asym_id_list      A,B,C,D,E,F 
# 
_pdbx_struct_oper_list.id                   1 
_pdbx_struct_oper_list.type                 'identity operation' 
_pdbx_struct_oper_list.name                 1_555 
_pdbx_struct_oper_list.symmetry_operation   x,y,z 
_pdbx_struct_oper_list.matrix[1][1]         1.0000000000 
_pdbx_struct_oper_list.matrix[1][2]         0.0000000000 
_pdbx_struct_oper_list.matrix[1][3]         0.0000000000 
_pdbx_struct_oper_list.vector[1]            0.0000000000 
_pdbx_struct_oper_list.matrix[2][1]         0.0000000000 
_pdbx_struct_oper_list.matrix[2][2]         1.0000000000 
_pdbx_struct_oper_list.matrix[2][3]         0.0000000000 
_pdbx_struct_oper_list.vector[2]            0.0000000000 
_pdbx_struct_oper_list.matrix[3][1]         0.0000000000 
_pdbx_struct_oper_list.matrix[3][2]         0.0000000000 
_pdbx_struct_oper_list.matrix[3][3]         1.0000000000 
_pdbx_struct_oper_list.vector[3]            0.0000000000 
# 
_struct_biol.id                    1 
_struct_biol.pdbx_parent_biol_id   ? 
_struct_biol.details               ? 
# 
loop_
_struct_conf.conf_type_id 
_struct_conf.id 
_struct_conf.pdbx_PDB_helix_id 
_struct_conf.beg_label_comp_id 
_struct_conf.beg_label_asym_id 
_struct_conf.beg_label_seq_id 
_struct_conf.pdbx_beg_PDB_ins_code 
_struct_conf.end_label_comp_id 
_struct_conf.end_label_asym_id 
_struct_conf.end_label_seq_id 
_struct_conf.pdbx_end_PDB_ins_code 
_struct_conf.beg_auth_comp_id 
_struct_conf.beg_auth_asym_id 
_struct_conf.beg_auth_seq_id 
_struct_conf.end_auth_comp_id 
_struct_conf.end_auth_asym_id 
_struct_conf.end_auth_seq_id 
_struct_conf.pdbx_PDB_helix_class 
_struct_conf.details 
_struct_conf.pdbx_PDB_helix_length 
HELX_P HELX_P1 1 THR C 9   ? PHE C 20  ? THR A 1249 PHE A 1260 1 ? 12 
HELX_P HELX_P2 2 SER C 27  ? PHE C 35  ? SER A 1267 PHE A 1275 1 ? 9  
HELX_P HELX_P3 3 ASN C 41  ? GLU C 73  ? ASN A 1281 GLU A 1313 1 ? 33 
HELX_P HELX_P4 4 SER C 87  ? ASN C 98  ? SER A 1327 ASN A 1338 1 ? 12 
HELX_P HELX_P5 5 PRO C 106 ? GLY C 126 ? PRO A 1346 GLY A 1366 1 ? 21 
HELX_P HELX_P6 6 GLY C 127 ? GLU C 131 ? GLY A 1367 GLU A 1371 5 ? 5  
HELX_P HELX_P7 7 LYS C 135 ? ARG C 144 ? LYS A 1375 ARG A 1384 1 ? 10 
HELX_P HELX_P8 8 PRO C 150 ? SER C 155 ? PRO A 1390 SER A 1395 5 ? 6  
HELX_P HELX_P9 9 ASN C 157 ? GLN C 161 ? ASN A 1397 GLN A 1401 5 ? 5  
# 
_struct_conf_type.id          HELX_P 
_struct_conf_type.criteria    ? 
_struct_conf_type.reference   ? 
# 
loop_
_struct_conn.id 
_struct_conn.conn_type_id 
_struct_conn.pdbx_leaving_atom_flag 
_struct_conn.pdbx_PDB_id 
_struct_conn.ptnr1_label_asym_id 
_struct_conn.ptnr1_label_comp_id 
_struct_conn.ptnr1_label_seq_id 
_struct_conn.ptnr1_label_atom_id 
_struct_conn.pdbx_ptnr1_label_alt_id 
_struct_conn.pdbx_ptnr1_PDB_ins_code 
_struct_conn.pdbx_ptnr1_standard_comp_id 
_struct_conn.ptnr1_symmetry 
_struct_conn.ptnr2_label_asym_id 
_struct_conn.ptnr2_label_comp_id 
_struct_conn.ptnr2_label_seq_id 
_struct_conn.ptnr2_label_atom_id 
_struct_conn.pdbx_ptnr2_label_alt_id 
_struct_conn.pdbx_ptnr2_PDB_ins_code 
_struct_conn.ptnr1_auth_asym_id 
_struct_conn.ptnr1_auth_comp_id 
_struct_conn.ptnr1_auth_seq_id 
_struct_conn.ptnr2_auth_asym_id 
_struct_conn.ptnr2_auth_comp_id 
_struct_conn.ptnr2_auth_seq_id 
_struct_conn.ptnr2_symmetry 
_struct_conn.pdbx_ptnr3_label_atom_id 
_struct_conn.pdbx_ptnr3_label_seq_id 
_struct_conn.pdbx_ptnr3_label_comp_id 
_struct_conn.pdbx_ptnr3_label_asym_id 
_struct_conn.pdbx_ptnr3_label_alt_id 
_struct_conn.pdbx_ptnr3_PDB_ins_code 
_struct_conn.details 
_struct_conn.pdbx_dist_value 
_struct_conn.pdbx_value_order 
_struct_conn.pdbx_role 
hydrog1  hydrog ? ? A DA 1  N1 ? ? ? 1_555 B DT 10 N3 ? ? D DA 300 C DT 413 1_555 ? ? ? ? ? ? WATSON-CRICK ? ? ? 
hydrog2  hydrog ? ? A DA 1  N6 ? ? ? 1_555 B DT 10 O4 ? ? D DA 300 C DT 413 1_555 ? ? ? ? ? ? WATSON-CRICK ? ? ? 
hydrog3  hydrog ? ? A DG 2  N1 ? ? ? 1_555 B DC 9  N3 ? ? D DG 301 C DC 412 1_555 ? ? ? ? ? ? 'DG-DC PAIR' ? ? ? 
hydrog4  hydrog ? ? A DC 3  N3 ? ? ? 1_555 B DG 8  N1 ? ? D DC 302 C DG 411 1_555 ? ? ? ? ? ? WATSON-CRICK ? ? ? 
hydrog5  hydrog ? ? A DC 3  N4 ? ? ? 1_555 B DG 8  O6 ? ? D DC 302 C DG 411 1_555 ? ? ? ? ? ? WATSON-CRICK ? ? ? 
hydrog6  hydrog ? ? A DC 3  O2 ? ? ? 1_555 B DG 8  N2 ? ? D DC 302 C DG 411 1_555 ? ? ? ? ? ? WATSON-CRICK ? ? ? 
hydrog7  hydrog ? ? A DA 4  N1 ? ? ? 1_555 B DT 7  N3 ? ? D DA 303 C DT 410 1_555 ? ? ? ? ? ? WATSON-CRICK ? ? ? 
hydrog8  hydrog ? ? A DA 4  N6 ? ? ? 1_555 B DT 7  O4 ? ? D DA 303 C DT 410 1_555 ? ? ? ? ? ? WATSON-CRICK ? ? ? 
hydrog9  hydrog ? ? A DT 5  N3 ? ? ? 1_555 B DA 6  N1 ? ? D DT 304 C DA 409 1_555 ? ? ? ? ? ? WATSON-CRICK ? ? ? 
hydrog10 hydrog ? ? A DT 5  O4 ? ? ? 1_555 B DA 6  N6 ? ? D DT 304 C DA 409 1_555 ? ? ? ? ? ? WATSON-CRICK ? ? ? 
hydrog11 hydrog ? ? A DG 6  N1 ? ? ? 1_555 B DC 5  N3 ? ? D DG 305 C DC 408 1_555 ? ? ? ? ? ? WATSON-CRICK ? ? ? 
hydrog12 hydrog ? ? A DG 6  N2 ? ? ? 1_555 B DC 5  O2 ? ? D DG 305 C DC 408 1_555 ? ? ? ? ? ? WATSON-CRICK ? ? ? 
hydrog13 hydrog ? ? A DG 6  O6 ? ? ? 1_555 B DC 5  N4 ? ? D DG 305 C DC 408 1_555 ? ? ? ? ? ? WATSON-CRICK ? ? ? 
hydrog14 hydrog ? ? A DC 7  N3 ? ? ? 1_555 B DG 4  N1 ? ? D DC 306 C DG 407 1_555 ? ? ? ? ? ? WATSON-CRICK ? ? ? 
hydrog15 hydrog ? ? A DC 7  N4 ? ? ? 1_555 B DG 4  O6 ? ? D DC 306 C DG 407 1_555 ? ? ? ? ? ? WATSON-CRICK ? ? ? 
hydrog16 hydrog ? ? A DC 7  O2 ? ? ? 1_555 B DG 4  N2 ? ? D DC 306 C DG 407 1_555 ? ? ? ? ? ? WATSON-CRICK ? ? ? 
hydrog17 hydrog ? ? A DC 8  N3 ? ? ? 1_555 B DG 3  N1 ? ? D DC 307 C DG 406 1_555 ? ? ? ? ? ? WATSON-CRICK ? ? ? 
hydrog18 hydrog ? ? A DC 8  N4 ? ? ? 1_555 B DG 3  O6 ? ? D DC 307 C DG 406 1_555 ? ? ? ? ? ? WATSON-CRICK ? ? ? 
hydrog19 hydrog ? ? A DC 8  O2 ? ? ? 1_555 B DG 3  N2 ? ? D DC 307 C DG 406 1_555 ? ? ? ? ? ? WATSON-CRICK ? ? ? 
hydrog20 hydrog ? ? A DT 9  N3 ? ? ? 1_555 B DA 2  N1 ? ? D DT 308 C DA 405 1_555 ? ? ? ? ? ? WATSON-CRICK ? ? ? 
hydrog21 hydrog ? ? A DT 9  O4 ? ? ? 1_555 B DA 2  N6 ? ? D DT 308 C DA 405 1_555 ? ? ? ? ? ? WATSON-CRICK ? ? ? 
hydrog22 hydrog ? ? A DG 10 N1 ? ? ? 1_555 B DC 1  N3 ? ? D DG 309 C DC 404 1_555 ? ? ? ? ? ? WATSON-CRICK ? ? ? 
hydrog23 hydrog ? ? A DG 10 N2 ? ? ? 1_555 B DC 1  O2 ? ? D DG 309 C DC 404 1_555 ? ? ? ? ? ? WATSON-CRICK ? ? ? 
hydrog24 hydrog ? ? A DG 10 O6 ? ? ? 1_555 B DC 1  N4 ? ? D DG 309 C DC 404 1_555 ? ? ? ? ? ? WATSON-CRICK ? ? ? 
# 
_struct_conn_type.id          hydrog 
_struct_conn_type.criteria    ? 
_struct_conn_type.reference   ? 
# 
loop_
_pdbx_validate_torsion.id 
_pdbx_validate_torsion.PDB_model_num 
_pdbx_validate_torsion.auth_comp_id 
_pdbx_validate_torsion.auth_asym_id 
_pdbx_validate_torsion.auth_seq_id 
_pdbx_validate_torsion.PDB_ins_code 
_pdbx_validate_torsion.label_alt_id 
_pdbx_validate_torsion.phi 
_pdbx_validate_torsion.psi 
1 1 LYS A 1282 ? ? -29.16 -48.25  
2 1 ASN A 1283 ? ? -67.07 -83.48  
3 1 ASN A 1284 ? ? -38.80 -34.70  
4 1 ARG A 1339 ? ? -23.87 -51.30  
5 1 ASN A 1341 ? ? 35.65  40.77   
6 1 LYS A 1368 ? ? -69.34 13.47   
7 1 TYR A 1392 ? ? -65.70 1.41    
8 1 GLU A 1400 ? ? -56.00 -133.90 
# 
_pdbx_validate_planes.id              1 
_pdbx_validate_planes.PDB_model_num   1 
_pdbx_validate_planes.auth_comp_id    DC 
_pdbx_validate_planes.auth_asym_id    C 
_pdbx_validate_planes.auth_seq_id     404 
_pdbx_validate_planes.PDB_ins_code    ? 
_pdbx_validate_planes.label_alt_id    ? 
_pdbx_validate_planes.rmsd            0.061 
_pdbx_validate_planes.type            'SIDE CHAIN' 
# 
_pdbx_database_remark.id     650 
_pdbx_database_remark.text   
;HELIX
DETERMINATION METHOD:  AUTHOR PROVIDED.
;
# 
loop_
_pdbx_unobs_or_zero_occ_residues.id 
_pdbx_unobs_or_zero_occ_residues.PDB_model_num 
_pdbx_unobs_or_zero_occ_residues.polymer_flag 
_pdbx_unobs_or_zero_occ_residues.occupancy_flag 
_pdbx_unobs_or_zero_occ_residues.auth_asym_id 
_pdbx_unobs_or_zero_occ_residues.auth_comp_id 
_pdbx_unobs_or_zero_occ_residues.auth_seq_id 
_pdbx_unobs_or_zero_occ_residues.PDB_ins_code 
_pdbx_unobs_or_zero_occ_residues.label_asym_id 
_pdbx_unobs_or_zero_occ_residues.label_comp_id 
_pdbx_unobs_or_zero_occ_residues.label_seq_id 
1  1 Y 1 A THR 1241 ? C THR 1   
2  1 Y 1 A PRO 1242 ? C PRO 2   
3  1 Y 1 A LEU 1243 ? C LEU 3   
4  1 Y 1 A HIS 1244 ? C HIS 4   
5  1 Y 1 A GLY 1314 ? C GLY 74  
6  1 Y 1 A ILE 1315 ? C ILE 75  
7  1 Y 1 A LYS 1316 ? C LYS 76  
8  1 Y 1 A THR 1317 ? C THR 77  
9  1 Y 1 A PRO 1318 ? C PRO 78  
10 1 Y 1 A ASP 1319 ? C ASP 79  
11 1 Y 1 A ASP 1320 ? C ASP 80  
12 1 Y 1 A LEU 1321 ? C LEU 81  
13 1 Y 1 A LEU 1322 ? C LEU 82  
14 1 Y 1 A ILE 1323 ? C ILE 83  
15 1 Y 1 A ALA 1324 ? C ALA 84  
16 1 Y 1 A GLY 1325 ? C GLY 85  
17 1 Y 1 A ASP 1326 ? C ASP 86  
18 1 Y 1 A LEU 1402 ? C LEU 162 
19 1 Y 1 A GLU 1403 ? C GLU 163 
# 
loop_
_chem_comp_atom.comp_id 
_chem_comp_atom.atom_id 
_chem_comp_atom.type_symbol 
_chem_comp_atom.pdbx_aromatic_flag 
_chem_comp_atom.pdbx_stereo_config 
_chem_comp_atom.pdbx_ordinal 
ALA N      N N N 1   
ALA CA     C N S 2   
ALA C      C N N 3   
ALA O      O N N 4   
ALA CB     C N N 5   
ALA OXT    O N N 6   
ALA H      H N N 7   
ALA H2     H N N 8   
ALA HA     H N N 9   
ALA HB1    H N N 10  
ALA HB2    H N N 11  
ALA HB3    H N N 12  
ALA HXT    H N N 13  
ARG N      N N N 14  
ARG CA     C N S 15  
ARG C      C N N 16  
ARG O      O N N 17  
ARG CB     C N N 18  
ARG CG     C N N 19  
ARG CD     C N N 20  
ARG NE     N N N 21  
ARG CZ     C N N 22  
ARG NH1    N N N 23  
ARG NH2    N N N 24  
ARG OXT    O N N 25  
ARG H      H N N 26  
ARG H2     H N N 27  
ARG HA     H N N 28  
ARG HB2    H N N 29  
ARG HB3    H N N 30  
ARG HG2    H N N 31  
ARG HG3    H N N 32  
ARG HD2    H N N 33  
ARG HD3    H N N 34  
ARG HE     H N N 35  
ARG HH11   H N N 36  
ARG HH12   H N N 37  
ARG HH21   H N N 38  
ARG HH22   H N N 39  
ARG HXT    H N N 40  
ASN N      N N N 41  
ASN CA     C N S 42  
ASN C      C N N 43  
ASN O      O N N 44  
ASN CB     C N N 45  
ASN CG     C N N 46  
ASN OD1    O N N 47  
ASN ND2    N N N 48  
ASN OXT    O N N 49  
ASN H      H N N 50  
ASN H2     H N N 51  
ASN HA     H N N 52  
ASN HB2    H N N 53  
ASN HB3    H N N 54  
ASN HD21   H N N 55  
ASN HD22   H N N 56  
ASN HXT    H N N 57  
ASP N      N N N 58  
ASP CA     C N S 59  
ASP C      C N N 60  
ASP O      O N N 61  
ASP CB     C N N 62  
ASP CG     C N N 63  
ASP OD1    O N N 64  
ASP OD2    O N N 65  
ASP OXT    O N N 66  
ASP H      H N N 67  
ASP H2     H N N 68  
ASP HA     H N N 69  
ASP HB2    H N N 70  
ASP HB3    H N N 71  
ASP HD2    H N N 72  
ASP HXT    H N N 73  
DA  OP3    O N N 74  
DA  P      P N N 75  
DA  OP1    O N N 76  
DA  OP2    O N N 77  
DA  "O5'"  O N N 78  
DA  "C5'"  C N N 79  
DA  "C4'"  C N R 80  
DA  "O4'"  O N N 81  
DA  "C3'"  C N S 82  
DA  "O3'"  O N N 83  
DA  "C2'"  C N N 84  
DA  "C1'"  C N R 85  
DA  N9     N Y N 86  
DA  C8     C Y N 87  
DA  N7     N Y N 88  
DA  C5     C Y N 89  
DA  C6     C Y N 90  
DA  N6     N N N 91  
DA  N1     N Y N 92  
DA  C2     C Y N 93  
DA  N3     N Y N 94  
DA  C4     C Y N 95  
DA  HOP3   H N N 96  
DA  HOP2   H N N 97  
DA  "H5'"  H N N 98  
DA  "H5''" H N N 99  
DA  "H4'"  H N N 100 
DA  "H3'"  H N N 101 
DA  "HO3'" H N N 102 
DA  "H2'"  H N N 103 
DA  "H2''" H N N 104 
DA  "H1'"  H N N 105 
DA  H8     H N N 106 
DA  H61    H N N 107 
DA  H62    H N N 108 
DA  H2     H N N 109 
DC  OP3    O N N 110 
DC  P      P N N 111 
DC  OP1    O N N 112 
DC  OP2    O N N 113 
DC  "O5'"  O N N 114 
DC  "C5'"  C N N 115 
DC  "C4'"  C N R 116 
DC  "O4'"  O N N 117 
DC  "C3'"  C N S 118 
DC  "O3'"  O N N 119 
DC  "C2'"  C N N 120 
DC  "C1'"  C N R 121 
DC  N1     N N N 122 
DC  C2     C N N 123 
DC  O2     O N N 124 
DC  N3     N N N 125 
DC  C4     C N N 126 
DC  N4     N N N 127 
DC  C5     C N N 128 
DC  C6     C N N 129 
DC  HOP3   H N N 130 
DC  HOP2   H N N 131 
DC  "H5'"  H N N 132 
DC  "H5''" H N N 133 
DC  "H4'"  H N N 134 
DC  "H3'"  H N N 135 
DC  "HO3'" H N N 136 
DC  "H2'"  H N N 137 
DC  "H2''" H N N 138 
DC  "H1'"  H N N 139 
DC  H41    H N N 140 
DC  H42    H N N 141 
DC  H5     H N N 142 
DC  H6     H N N 143 
DG  OP3    O N N 144 
DG  P      P N N 145 
DG  OP1    O N N 146 
DG  OP2    O N N 147 
DG  "O5'"  O N N 148 
DG  "C5'"  C N N 149 
DG  "C4'"  C N R 150 
DG  "O4'"  O N N 151 
DG  "C3'"  C N S 152 
DG  "O3'"  O N N 153 
DG  "C2'"  C N N 154 
DG  "C1'"  C N R 155 
DG  N9     N Y N 156 
DG  C8     C Y N 157 
DG  N7     N Y N 158 
DG  C5     C Y N 159 
DG  C6     C N N 160 
DG  O6     O N N 161 
DG  N1     N N N 162 
DG  C2     C N N 163 
DG  N2     N N N 164 
DG  N3     N N N 165 
DG  C4     C Y N 166 
DG  HOP3   H N N 167 
DG  HOP2   H N N 168 
DG  "H5'"  H N N 169 
DG  "H5''" H N N 170 
DG  "H4'"  H N N 171 
DG  "H3'"  H N N 172 
DG  "HO3'" H N N 173 
DG  "H2'"  H N N 174 
DG  "H2''" H N N 175 
DG  "H1'"  H N N 176 
DG  H8     H N N 177 
DG  H1     H N N 178 
DG  H21    H N N 179 
DG  H22    H N N 180 
DT  OP3    O N N 181 
DT  P      P N N 182 
DT  OP1    O N N 183 
DT  OP2    O N N 184 
DT  "O5'"  O N N 185 
DT  "C5'"  C N N 186 
DT  "C4'"  C N R 187 
DT  "O4'"  O N N 188 
DT  "C3'"  C N S 189 
DT  "O3'"  O N N 190 
DT  "C2'"  C N N 191 
DT  "C1'"  C N R 192 
DT  N1     N N N 193 
DT  C2     C N N 194 
DT  O2     O N N 195 
DT  N3     N N N 196 
DT  C4     C N N 197 
DT  O4     O N N 198 
DT  C5     C N N 199 
DT  C7     C N N 200 
DT  C6     C N N 201 
DT  HOP3   H N N 202 
DT  HOP2   H N N 203 
DT  "H5'"  H N N 204 
DT  "H5''" H N N 205 
DT  "H4'"  H N N 206 
DT  "H3'"  H N N 207 
DT  "HO3'" H N N 208 
DT  "H2'"  H N N 209 
DT  "H2''" H N N 210 
DT  "H1'"  H N N 211 
DT  H3     H N N 212 
DT  H71    H N N 213 
DT  H72    H N N 214 
DT  H73    H N N 215 
DT  H6     H N N 216 
GLN N      N N N 217 
GLN CA     C N S 218 
GLN C      C N N 219 
GLN O      O N N 220 
GLN CB     C N N 221 
GLN CG     C N N 222 
GLN CD     C N N 223 
GLN OE1    O N N 224 
GLN NE2    N N N 225 
GLN OXT    O N N 226 
GLN H      H N N 227 
GLN H2     H N N 228 
GLN HA     H N N 229 
GLN HB2    H N N 230 
GLN HB3    H N N 231 
GLN HG2    H N N 232 
GLN HG3    H N N 233 
GLN HE21   H N N 234 
GLN HE22   H N N 235 
GLN HXT    H N N 236 
GLU N      N N N 237 
GLU CA     C N S 238 
GLU C      C N N 239 
GLU O      O N N 240 
GLU CB     C N N 241 
GLU CG     C N N 242 
GLU CD     C N N 243 
GLU OE1    O N N 244 
GLU OE2    O N N 245 
GLU OXT    O N N 246 
GLU H      H N N 247 
GLU H2     H N N 248 
GLU HA     H N N 249 
GLU HB2    H N N 250 
GLU HB3    H N N 251 
GLU HG2    H N N 252 
GLU HG3    H N N 253 
GLU HE2    H N N 254 
GLU HXT    H N N 255 
GLY N      N N N 256 
GLY CA     C N N 257 
GLY C      C N N 258 
GLY O      O N N 259 
GLY OXT    O N N 260 
GLY H      H N N 261 
GLY H2     H N N 262 
GLY HA2    H N N 263 
GLY HA3    H N N 264 
GLY HXT    H N N 265 
HIS N      N N N 266 
HIS CA     C N S 267 
HIS C      C N N 268 
HIS O      O N N 269 
HIS CB     C N N 270 
HIS CG     C Y N 271 
HIS ND1    N Y N 272 
HIS CD2    C Y N 273 
HIS CE1    C Y N 274 
HIS NE2    N Y N 275 
HIS OXT    O N N 276 
HIS H      H N N 277 
HIS H2     H N N 278 
HIS HA     H N N 279 
HIS HB2    H N N 280 
HIS HB3    H N N 281 
HIS HD1    H N N 282 
HIS HD2    H N N 283 
HIS HE1    H N N 284 
HIS HE2    H N N 285 
HIS HXT    H N N 286 
HOH O      O N N 287 
HOH H1     H N N 288 
HOH H2     H N N 289 
ILE N      N N N 290 
ILE CA     C N S 291 
ILE C      C N N 292 
ILE O      O N N 293 
ILE CB     C N S 294 
ILE CG1    C N N 295 
ILE CG2    C N N 296 
ILE CD1    C N N 297 
ILE OXT    O N N 298 
ILE H      H N N 299 
ILE H2     H N N 300 
ILE HA     H N N 301 
ILE HB     H N N 302 
ILE HG12   H N N 303 
ILE HG13   H N N 304 
ILE HG21   H N N 305 
ILE HG22   H N N 306 
ILE HG23   H N N 307 
ILE HD11   H N N 308 
ILE HD12   H N N 309 
ILE HD13   H N N 310 
ILE HXT    H N N 311 
LEU N      N N N 312 
LEU CA     C N S 313 
LEU C      C N N 314 
LEU O      O N N 315 
LEU CB     C N N 316 
LEU CG     C N N 317 
LEU CD1    C N N 318 
LEU CD2    C N N 319 
LEU OXT    O N N 320 
LEU H      H N N 321 
LEU H2     H N N 322 
LEU HA     H N N 323 
LEU HB2    H N N 324 
LEU HB3    H N N 325 
LEU HG     H N N 326 
LEU HD11   H N N 327 
LEU HD12   H N N 328 
LEU HD13   H N N 329 
LEU HD21   H N N 330 
LEU HD22   H N N 331 
LEU HD23   H N N 332 
LEU HXT    H N N 333 
LYS N      N N N 334 
LYS CA     C N S 335 
LYS C      C N N 336 
LYS O      O N N 337 
LYS CB     C N N 338 
LYS CG     C N N 339 
LYS CD     C N N 340 
LYS CE     C N N 341 
LYS NZ     N N N 342 
LYS OXT    O N N 343 
LYS H      H N N 344 
LYS H2     H N N 345 
LYS HA     H N N 346 
LYS HB2    H N N 347 
LYS HB3    H N N 348 
LYS HG2    H N N 349 
LYS HG3    H N N 350 
LYS HD2    H N N 351 
LYS HD3    H N N 352 
LYS HE2    H N N 353 
LYS HE3    H N N 354 
LYS HZ1    H N N 355 
LYS HZ2    H N N 356 
LYS HZ3    H N N 357 
LYS HXT    H N N 358 
MET N      N N N 359 
MET CA     C N S 360 
MET C      C N N 361 
MET O      O N N 362 
MET CB     C N N 363 
MET CG     C N N 364 
MET SD     S N N 365 
MET CE     C N N 366 
MET OXT    O N N 367 
MET H      H N N 368 
MET H2     H N N 369 
MET HA     H N N 370 
MET HB2    H N N 371 
MET HB3    H N N 372 
MET HG2    H N N 373 
MET HG3    H N N 374 
MET HE1    H N N 375 
MET HE2    H N N 376 
MET HE3    H N N 377 
MET HXT    H N N 378 
PHE N      N N N 379 
PHE CA     C N S 380 
PHE C      C N N 381 
PHE O      O N N 382 
PHE CB     C N N 383 
PHE CG     C Y N 384 
PHE CD1    C Y N 385 
PHE CD2    C Y N 386 
PHE CE1    C Y N 387 
PHE CE2    C Y N 388 
PHE CZ     C Y N 389 
PHE OXT    O N N 390 
PHE H      H N N 391 
PHE H2     H N N 392 
PHE HA     H N N 393 
PHE HB2    H N N 394 
PHE HB3    H N N 395 
PHE HD1    H N N 396 
PHE HD2    H N N 397 
PHE HE1    H N N 398 
PHE HE2    H N N 399 
PHE HZ     H N N 400 
PHE HXT    H N N 401 
PRO N      N N N 402 
PRO CA     C N S 403 
PRO C      C N N 404 
PRO O      O N N 405 
PRO CB     C N N 406 
PRO CG     C N N 407 
PRO CD     C N N 408 
PRO OXT    O N N 409 
PRO H      H N N 410 
PRO HA     H N N 411 
PRO HB2    H N N 412 
PRO HB3    H N N 413 
PRO HG2    H N N 414 
PRO HG3    H N N 415 
PRO HD2    H N N 416 
PRO HD3    H N N 417 
PRO HXT    H N N 418 
SER N      N N N 419 
SER CA     C N S 420 
SER C      C N N 421 
SER O      O N N 422 
SER CB     C N N 423 
SER OG     O N N 424 
SER OXT    O N N 425 
SER H      H N N 426 
SER H2     H N N 427 
SER HA     H N N 428 
SER HB2    H N N 429 
SER HB3    H N N 430 
SER HG     H N N 431 
SER HXT    H N N 432 
THR N      N N N 433 
THR CA     C N S 434 
THR C      C N N 435 
THR O      O N N 436 
THR CB     C N R 437 
THR OG1    O N N 438 
THR CG2    C N N 439 
THR OXT    O N N 440 
THR H      H N N 441 
THR H2     H N N 442 
THR HA     H N N 443 
THR HB     H N N 444 
THR HG1    H N N 445 
THR HG21   H N N 446 
THR HG22   H N N 447 
THR HG23   H N N 448 
THR HXT    H N N 449 
TRP N      N N N 450 
TRP CA     C N S 451 
TRP C      C N N 452 
TRP O      O N N 453 
TRP CB     C N N 454 
TRP CG     C Y N 455 
TRP CD1    C Y N 456 
TRP CD2    C Y N 457 
TRP NE1    N Y N 458 
TRP CE2    C Y N 459 
TRP CE3    C Y N 460 
TRP CZ2    C Y N 461 
TRP CZ3    C Y N 462 
TRP CH2    C Y N 463 
TRP OXT    O N N 464 
TRP H      H N N 465 
TRP H2     H N N 466 
TRP HA     H N N 467 
TRP HB2    H N N 468 
TRP HB3    H N N 469 
TRP HD1    H N N 470 
TRP HE1    H N N 471 
TRP HE3    H N N 472 
TRP HZ2    H N N 473 
TRP HZ3    H N N 474 
TRP HH2    H N N 475 
TRP HXT    H N N 476 
TYR N      N N N 477 
TYR CA     C N S 478 
TYR C      C N N 479 
TYR O      O N N 480 
TYR CB     C N N 481 
TYR CG     C Y N 482 
TYR CD1    C Y N 483 
TYR CD2    C Y N 484 
TYR CE1    C Y N 485 
TYR CE2    C Y N 486 
TYR CZ     C Y N 487 
TYR OH     O N N 488 
TYR OXT    O N N 489 
TYR H      H N N 490 
TYR H2     H N N 491 
TYR HA     H N N 492 
TYR HB2    H N N 493 
TYR HB3    H N N 494 
TYR HD1    H N N 495 
TYR HD2    H N N 496 
TYR HE1    H N N 497 
TYR HE2    H N N 498 
TYR HH     H N N 499 
TYR HXT    H N N 500 
VAL N      N N N 501 
VAL CA     C N S 502 
VAL C      C N N 503 
VAL O      O N N 504 
VAL CB     C N N 505 
VAL CG1    C N N 506 
VAL CG2    C N N 507 
VAL OXT    O N N 508 
VAL H      H N N 509 
VAL H2     H N N 510 
VAL HA     H N N 511 
VAL HB     H N N 512 
VAL HG11   H N N 513 
VAL HG12   H N N 514 
VAL HG13   H N N 515 
VAL HG21   H N N 516 
VAL HG22   H N N 517 
VAL HG23   H N N 518 
VAL HXT    H N N 519 
# 
loop_
_chem_comp_bond.comp_id 
_chem_comp_bond.atom_id_1 
_chem_comp_bond.atom_id_2 
_chem_comp_bond.value_order 
_chem_comp_bond.pdbx_aromatic_flag 
_chem_comp_bond.pdbx_stereo_config 
_chem_comp_bond.pdbx_ordinal 
ALA N     CA     sing N N 1   
ALA N     H      sing N N 2   
ALA N     H2     sing N N 3   
ALA CA    C      sing N N 4   
ALA CA    CB     sing N N 5   
ALA CA    HA     sing N N 6   
ALA C     O      doub N N 7   
ALA C     OXT    sing N N 8   
ALA CB    HB1    sing N N 9   
ALA CB    HB2    sing N N 10  
ALA CB    HB3    sing N N 11  
ALA OXT   HXT    sing N N 12  
ARG N     CA     sing N N 13  
ARG N     H      sing N N 14  
ARG N     H2     sing N N 15  
ARG CA    C      sing N N 16  
ARG CA    CB     sing N N 17  
ARG CA    HA     sing N N 18  
ARG C     O      doub N N 19  
ARG C     OXT    sing N N 20  
ARG CB    CG     sing N N 21  
ARG CB    HB2    sing N N 22  
ARG CB    HB3    sing N N 23  
ARG CG    CD     sing N N 24  
ARG CG    HG2    sing N N 25  
ARG CG    HG3    sing N N 26  
ARG CD    NE     sing N N 27  
ARG CD    HD2    sing N N 28  
ARG CD    HD3    sing N N 29  
ARG NE    CZ     sing N N 30  
ARG NE    HE     sing N N 31  
ARG CZ    NH1    sing N N 32  
ARG CZ    NH2    doub N N 33  
ARG NH1   HH11   sing N N 34  
ARG NH1   HH12   sing N N 35  
ARG NH2   HH21   sing N N 36  
ARG NH2   HH22   sing N N 37  
ARG OXT   HXT    sing N N 38  
ASN N     CA     sing N N 39  
ASN N     H      sing N N 40  
ASN N     H2     sing N N 41  
ASN CA    C      sing N N 42  
ASN CA    CB     sing N N 43  
ASN CA    HA     sing N N 44  
ASN C     O      doub N N 45  
ASN C     OXT    sing N N 46  
ASN CB    CG     sing N N 47  
ASN CB    HB2    sing N N 48  
ASN CB    HB3    sing N N 49  
ASN CG    OD1    doub N N 50  
ASN CG    ND2    sing N N 51  
ASN ND2   HD21   sing N N 52  
ASN ND2   HD22   sing N N 53  
ASN OXT   HXT    sing N N 54  
ASP N     CA     sing N N 55  
ASP N     H      sing N N 56  
ASP N     H2     sing N N 57  
ASP CA    C      sing N N 58  
ASP CA    CB     sing N N 59  
ASP CA    HA     sing N N 60  
ASP C     O      doub N N 61  
ASP C     OXT    sing N N 62  
ASP CB    CG     sing N N 63  
ASP CB    HB2    sing N N 64  
ASP CB    HB3    sing N N 65  
ASP CG    OD1    doub N N 66  
ASP CG    OD2    sing N N 67  
ASP OD2   HD2    sing N N 68  
ASP OXT   HXT    sing N N 69  
DA  OP3   P      sing N N 70  
DA  OP3   HOP3   sing N N 71  
DA  P     OP1    doub N N 72  
DA  P     OP2    sing N N 73  
DA  P     "O5'"  sing N N 74  
DA  OP2   HOP2   sing N N 75  
DA  "O5'" "C5'"  sing N N 76  
DA  "C5'" "C4'"  sing N N 77  
DA  "C5'" "H5'"  sing N N 78  
DA  "C5'" "H5''" sing N N 79  
DA  "C4'" "O4'"  sing N N 80  
DA  "C4'" "C3'"  sing N N 81  
DA  "C4'" "H4'"  sing N N 82  
DA  "O4'" "C1'"  sing N N 83  
DA  "C3'" "O3'"  sing N N 84  
DA  "C3'" "C2'"  sing N N 85  
DA  "C3'" "H3'"  sing N N 86  
DA  "O3'" "HO3'" sing N N 87  
DA  "C2'" "C1'"  sing N N 88  
DA  "C2'" "H2'"  sing N N 89  
DA  "C2'" "H2''" sing N N 90  
DA  "C1'" N9     sing N N 91  
DA  "C1'" "H1'"  sing N N 92  
DA  N9    C8     sing Y N 93  
DA  N9    C4     sing Y N 94  
DA  C8    N7     doub Y N 95  
DA  C8    H8     sing N N 96  
DA  N7    C5     sing Y N 97  
DA  C5    C6     sing Y N 98  
DA  C5    C4     doub Y N 99  
DA  C6    N6     sing N N 100 
DA  C6    N1     doub Y N 101 
DA  N6    H61    sing N N 102 
DA  N6    H62    sing N N 103 
DA  N1    C2     sing Y N 104 
DA  C2    N3     doub Y N 105 
DA  C2    H2     sing N N 106 
DA  N3    C4     sing Y N 107 
DC  OP3   P      sing N N 108 
DC  OP3   HOP3   sing N N 109 
DC  P     OP1    doub N N 110 
DC  P     OP2    sing N N 111 
DC  P     "O5'"  sing N N 112 
DC  OP2   HOP2   sing N N 113 
DC  "O5'" "C5'"  sing N N 114 
DC  "C5'" "C4'"  sing N N 115 
DC  "C5'" "H5'"  sing N N 116 
DC  "C5'" "H5''" sing N N 117 
DC  "C4'" "O4'"  sing N N 118 
DC  "C4'" "C3'"  sing N N 119 
DC  "C4'" "H4'"  sing N N 120 
DC  "O4'" "C1'"  sing N N 121 
DC  "C3'" "O3'"  sing N N 122 
DC  "C3'" "C2'"  sing N N 123 
DC  "C3'" "H3'"  sing N N 124 
DC  "O3'" "HO3'" sing N N 125 
DC  "C2'" "C1'"  sing N N 126 
DC  "C2'" "H2'"  sing N N 127 
DC  "C2'" "H2''" sing N N 128 
DC  "C1'" N1     sing N N 129 
DC  "C1'" "H1'"  sing N N 130 
DC  N1    C2     sing N N 131 
DC  N1    C6     sing N N 132 
DC  C2    O2     doub N N 133 
DC  C2    N3     sing N N 134 
DC  N3    C4     doub N N 135 
DC  C4    N4     sing N N 136 
DC  C4    C5     sing N N 137 
DC  N4    H41    sing N N 138 
DC  N4    H42    sing N N 139 
DC  C5    C6     doub N N 140 
DC  C5    H5     sing N N 141 
DC  C6    H6     sing N N 142 
DG  OP3   P      sing N N 143 
DG  OP3   HOP3   sing N N 144 
DG  P     OP1    doub N N 145 
DG  P     OP2    sing N N 146 
DG  P     "O5'"  sing N N 147 
DG  OP2   HOP2   sing N N 148 
DG  "O5'" "C5'"  sing N N 149 
DG  "C5'" "C4'"  sing N N 150 
DG  "C5'" "H5'"  sing N N 151 
DG  "C5'" "H5''" sing N N 152 
DG  "C4'" "O4'"  sing N N 153 
DG  "C4'" "C3'"  sing N N 154 
DG  "C4'" "H4'"  sing N N 155 
DG  "O4'" "C1'"  sing N N 156 
DG  "C3'" "O3'"  sing N N 157 
DG  "C3'" "C2'"  sing N N 158 
DG  "C3'" "H3'"  sing N N 159 
DG  "O3'" "HO3'" sing N N 160 
DG  "C2'" "C1'"  sing N N 161 
DG  "C2'" "H2'"  sing N N 162 
DG  "C2'" "H2''" sing N N 163 
DG  "C1'" N9     sing N N 164 
DG  "C1'" "H1'"  sing N N 165 
DG  N9    C8     sing Y N 166 
DG  N9    C4     sing Y N 167 
DG  C8    N7     doub Y N 168 
DG  C8    H8     sing N N 169 
DG  N7    C5     sing Y N 170 
DG  C5    C6     sing N N 171 
DG  C5    C4     doub Y N 172 
DG  C6    O6     doub N N 173 
DG  C6    N1     sing N N 174 
DG  N1    C2     sing N N 175 
DG  N1    H1     sing N N 176 
DG  C2    N2     sing N N 177 
DG  C2    N3     doub N N 178 
DG  N2    H21    sing N N 179 
DG  N2    H22    sing N N 180 
DG  N3    C4     sing N N 181 
DT  OP3   P      sing N N 182 
DT  OP3   HOP3   sing N N 183 
DT  P     OP1    doub N N 184 
DT  P     OP2    sing N N 185 
DT  P     "O5'"  sing N N 186 
DT  OP2   HOP2   sing N N 187 
DT  "O5'" "C5'"  sing N N 188 
DT  "C5'" "C4'"  sing N N 189 
DT  "C5'" "H5'"  sing N N 190 
DT  "C5'" "H5''" sing N N 191 
DT  "C4'" "O4'"  sing N N 192 
DT  "C4'" "C3'"  sing N N 193 
DT  "C4'" "H4'"  sing N N 194 
DT  "O4'" "C1'"  sing N N 195 
DT  "C3'" "O3'"  sing N N 196 
DT  "C3'" "C2'"  sing N N 197 
DT  "C3'" "H3'"  sing N N 198 
DT  "O3'" "HO3'" sing N N 199 
DT  "C2'" "C1'"  sing N N 200 
DT  "C2'" "H2'"  sing N N 201 
DT  "C2'" "H2''" sing N N 202 
DT  "C1'" N1     sing N N 203 
DT  "C1'" "H1'"  sing N N 204 
DT  N1    C2     sing N N 205 
DT  N1    C6     sing N N 206 
DT  C2    O2     doub N N 207 
DT  C2    N3     sing N N 208 
DT  N3    C4     sing N N 209 
DT  N3    H3     sing N N 210 
DT  C4    O4     doub N N 211 
DT  C4    C5     sing N N 212 
DT  C5    C7     sing N N 213 
DT  C5    C6     doub N N 214 
DT  C7    H71    sing N N 215 
DT  C7    H72    sing N N 216 
DT  C7    H73    sing N N 217 
DT  C6    H6     sing N N 218 
GLN N     CA     sing N N 219 
GLN N     H      sing N N 220 
GLN N     H2     sing N N 221 
GLN CA    C      sing N N 222 
GLN CA    CB     sing N N 223 
GLN CA    HA     sing N N 224 
GLN C     O      doub N N 225 
GLN C     OXT    sing N N 226 
GLN CB    CG     sing N N 227 
GLN CB    HB2    sing N N 228 
GLN CB    HB3    sing N N 229 
GLN CG    CD     sing N N 230 
GLN CG    HG2    sing N N 231 
GLN CG    HG3    sing N N 232 
GLN CD    OE1    doub N N 233 
GLN CD    NE2    sing N N 234 
GLN NE2   HE21   sing N N 235 
GLN NE2   HE22   sing N N 236 
GLN OXT   HXT    sing N N 237 
GLU N     CA     sing N N 238 
GLU N     H      sing N N 239 
GLU N     H2     sing N N 240 
GLU CA    C      sing N N 241 
GLU CA    CB     sing N N 242 
GLU CA    HA     sing N N 243 
GLU C     O      doub N N 244 
GLU C     OXT    sing N N 245 
GLU CB    CG     sing N N 246 
GLU CB    HB2    sing N N 247 
GLU CB    HB3    sing N N 248 
GLU CG    CD     sing N N 249 
GLU CG    HG2    sing N N 250 
GLU CG    HG3    sing N N 251 
GLU CD    OE1    doub N N 252 
GLU CD    OE2    sing N N 253 
GLU OE2   HE2    sing N N 254 
GLU OXT   HXT    sing N N 255 
GLY N     CA     sing N N 256 
GLY N     H      sing N N 257 
GLY N     H2     sing N N 258 
GLY CA    C      sing N N 259 
GLY CA    HA2    sing N N 260 
GLY CA    HA3    sing N N 261 
GLY C     O      doub N N 262 
GLY C     OXT    sing N N 263 
GLY OXT   HXT    sing N N 264 
HIS N     CA     sing N N 265 
HIS N     H      sing N N 266 
HIS N     H2     sing N N 267 
HIS CA    C      sing N N 268 
HIS CA    CB     sing N N 269 
HIS CA    HA     sing N N 270 
HIS C     O      doub N N 271 
HIS C     OXT    sing N N 272 
HIS CB    CG     sing N N 273 
HIS CB    HB2    sing N N 274 
HIS CB    HB3    sing N N 275 
HIS CG    ND1    sing Y N 276 
HIS CG    CD2    doub Y N 277 
HIS ND1   CE1    doub Y N 278 
HIS ND1   HD1    sing N N 279 
HIS CD2   NE2    sing Y N 280 
HIS CD2   HD2    sing N N 281 
HIS CE1   NE2    sing Y N 282 
HIS CE1   HE1    sing N N 283 
HIS NE2   HE2    sing N N 284 
HIS OXT   HXT    sing N N 285 
HOH O     H1     sing N N 286 
HOH O     H2     sing N N 287 
ILE N     CA     sing N N 288 
ILE N     H      sing N N 289 
ILE N     H2     sing N N 290 
ILE CA    C      sing N N 291 
ILE CA    CB     sing N N 292 
ILE CA    HA     sing N N 293 
ILE C     O      doub N N 294 
ILE C     OXT    sing N N 295 
ILE CB    CG1    sing N N 296 
ILE CB    CG2    sing N N 297 
ILE CB    HB     sing N N 298 
ILE CG1   CD1    sing N N 299 
ILE CG1   HG12   sing N N 300 
ILE CG1   HG13   sing N N 301 
ILE CG2   HG21   sing N N 302 
ILE CG2   HG22   sing N N 303 
ILE CG2   HG23   sing N N 304 
ILE CD1   HD11   sing N N 305 
ILE CD1   HD12   sing N N 306 
ILE CD1   HD13   sing N N 307 
ILE OXT   HXT    sing N N 308 
LEU N     CA     sing N N 309 
LEU N     H      sing N N 310 
LEU N     H2     sing N N 311 
LEU CA    C      sing N N 312 
LEU CA    CB     sing N N 313 
LEU CA    HA     sing N N 314 
LEU C     O      doub N N 315 
LEU C     OXT    sing N N 316 
LEU CB    CG     sing N N 317 
LEU CB    HB2    sing N N 318 
LEU CB    HB3    sing N N 319 
LEU CG    CD1    sing N N 320 
LEU CG    CD2    sing N N 321 
LEU CG    HG     sing N N 322 
LEU CD1   HD11   sing N N 323 
LEU CD1   HD12   sing N N 324 
LEU CD1   HD13   sing N N 325 
LEU CD2   HD21   sing N N 326 
LEU CD2   HD22   sing N N 327 
LEU CD2   HD23   sing N N 328 
LEU OXT   HXT    sing N N 329 
LYS N     CA     sing N N 330 
LYS N     H      sing N N 331 
LYS N     H2     sing N N 332 
LYS CA    C      sing N N 333 
LYS CA    CB     sing N N 334 
LYS CA    HA     sing N N 335 
LYS C     O      doub N N 336 
LYS C     OXT    sing N N 337 
LYS CB    CG     sing N N 338 
LYS CB    HB2    sing N N 339 
LYS CB    HB3    sing N N 340 
LYS CG    CD     sing N N 341 
LYS CG    HG2    sing N N 342 
LYS CG    HG3    sing N N 343 
LYS CD    CE     sing N N 344 
LYS CD    HD2    sing N N 345 
LYS CD    HD3    sing N N 346 
LYS CE    NZ     sing N N 347 
LYS CE    HE2    sing N N 348 
LYS CE    HE3    sing N N 349 
LYS NZ    HZ1    sing N N 350 
LYS NZ    HZ2    sing N N 351 
LYS NZ    HZ3    sing N N 352 
LYS OXT   HXT    sing N N 353 
MET N     CA     sing N N 354 
MET N     H      sing N N 355 
MET N     H2     sing N N 356 
MET CA    C      sing N N 357 
MET CA    CB     sing N N 358 
MET CA    HA     sing N N 359 
MET C     O      doub N N 360 
MET C     OXT    sing N N 361 
MET CB    CG     sing N N 362 
MET CB    HB2    sing N N 363 
MET CB    HB3    sing N N 364 
MET CG    SD     sing N N 365 
MET CG    HG2    sing N N 366 
MET CG    HG3    sing N N 367 
MET SD    CE     sing N N 368 
MET CE    HE1    sing N N 369 
MET CE    HE2    sing N N 370 
MET CE    HE3    sing N N 371 
MET OXT   HXT    sing N N 372 
PHE N     CA     sing N N 373 
PHE N     H      sing N N 374 
PHE N     H2     sing N N 375 
PHE CA    C      sing N N 376 
PHE CA    CB     sing N N 377 
PHE CA    HA     sing N N 378 
PHE C     O      doub N N 379 
PHE C     OXT    sing N N 380 
PHE CB    CG     sing N N 381 
PHE CB    HB2    sing N N 382 
PHE CB    HB3    sing N N 383 
PHE CG    CD1    doub Y N 384 
PHE CG    CD2    sing Y N 385 
PHE CD1   CE1    sing Y N 386 
PHE CD1   HD1    sing N N 387 
PHE CD2   CE2    doub Y N 388 
PHE CD2   HD2    sing N N 389 
PHE CE1   CZ     doub Y N 390 
PHE CE1   HE1    sing N N 391 
PHE CE2   CZ     sing Y N 392 
PHE CE2   HE2    sing N N 393 
PHE CZ    HZ     sing N N 394 
PHE OXT   HXT    sing N N 395 
PRO N     CA     sing N N 396 
PRO N     CD     sing N N 397 
PRO N     H      sing N N 398 
PRO CA    C      sing N N 399 
PRO CA    CB     sing N N 400 
PRO CA    HA     sing N N 401 
PRO C     O      doub N N 402 
PRO C     OXT    sing N N 403 
PRO CB    CG     sing N N 404 
PRO CB    HB2    sing N N 405 
PRO CB    HB3    sing N N 406 
PRO CG    CD     sing N N 407 
PRO CG    HG2    sing N N 408 
PRO CG    HG3    sing N N 409 
PRO CD    HD2    sing N N 410 
PRO CD    HD3    sing N N 411 
PRO OXT   HXT    sing N N 412 
SER N     CA     sing N N 413 
SER N     H      sing N N 414 
SER N     H2     sing N N 415 
SER CA    C      sing N N 416 
SER CA    CB     sing N N 417 
SER CA    HA     sing N N 418 
SER C     O      doub N N 419 
SER C     OXT    sing N N 420 
SER CB    OG     sing N N 421 
SER CB    HB2    sing N N 422 
SER CB    HB3    sing N N 423 
SER OG    HG     sing N N 424 
SER OXT   HXT    sing N N 425 
THR N     CA     sing N N 426 
THR N     H      sing N N 427 
THR N     H2     sing N N 428 
THR CA    C      sing N N 429 
THR CA    CB     sing N N 430 
THR CA    HA     sing N N 431 
THR C     O      doub N N 432 
THR C     OXT    sing N N 433 
THR CB    OG1    sing N N 434 
THR CB    CG2    sing N N 435 
THR CB    HB     sing N N 436 
THR OG1   HG1    sing N N 437 
THR CG2   HG21   sing N N 438 
THR CG2   HG22   sing N N 439 
THR CG2   HG23   sing N N 440 
THR OXT   HXT    sing N N 441 
TRP N     CA     sing N N 442 
TRP N     H      sing N N 443 
TRP N     H2     sing N N 444 
TRP CA    C      sing N N 445 
TRP CA    CB     sing N N 446 
TRP CA    HA     sing N N 447 
TRP C     O      doub N N 448 
TRP C     OXT    sing N N 449 
TRP CB    CG     sing N N 450 
TRP CB    HB2    sing N N 451 
TRP CB    HB3    sing N N 452 
TRP CG    CD1    doub Y N 453 
TRP CG    CD2    sing Y N 454 
TRP CD1   NE1    sing Y N 455 
TRP CD1   HD1    sing N N 456 
TRP CD2   CE2    doub Y N 457 
TRP CD2   CE3    sing Y N 458 
TRP NE1   CE2    sing Y N 459 
TRP NE1   HE1    sing N N 460 
TRP CE2   CZ2    sing Y N 461 
TRP CE3   CZ3    doub Y N 462 
TRP CE3   HE3    sing N N 463 
TRP CZ2   CH2    doub Y N 464 
TRP CZ2   HZ2    sing N N 465 
TRP CZ3   CH2    sing Y N 466 
TRP CZ3   HZ3    sing N N 467 
TRP CH2   HH2    sing N N 468 
TRP OXT   HXT    sing N N 469 
TYR N     CA     sing N N 470 
TYR N     H      sing N N 471 
TYR N     H2     sing N N 472 
TYR CA    C      sing N N 473 
TYR CA    CB     sing N N 474 
TYR CA    HA     sing N N 475 
TYR C     O      doub N N 476 
TYR C     OXT    sing N N 477 
TYR CB    CG     sing N N 478 
TYR CB    HB2    sing N N 479 
TYR CB    HB3    sing N N 480 
TYR CG    CD1    doub Y N 481 
TYR CG    CD2    sing Y N 482 
TYR CD1   CE1    sing Y N 483 
TYR CD1   HD1    sing N N 484 
TYR CD2   CE2    doub Y N 485 
TYR CD2   HD2    sing N N 486 
TYR CE1   CZ     doub Y N 487 
TYR CE1   HE1    sing N N 488 
TYR CE2   CZ     sing Y N 489 
TYR CE2   HE2    sing N N 490 
TYR CZ    OH     sing N N 491 
TYR OH    HH     sing N N 492 
TYR OXT   HXT    sing N N 493 
VAL N     CA     sing N N 494 
VAL N     H      sing N N 495 
VAL N     H2     sing N N 496 
VAL CA    C      sing N N 497 
VAL CA    CB     sing N N 498 
VAL CA    HA     sing N N 499 
VAL C     O      doub N N 500 
VAL C     OXT    sing N N 501 
VAL CB    CG1    sing N N 502 
VAL CB    CG2    sing N N 503 
VAL CB    HB     sing N N 504 
VAL CG1   HG11   sing N N 505 
VAL CG1   HG12   sing N N 506 
VAL CG1   HG13   sing N N 507 
VAL CG2   HG21   sing N N 508 
VAL CG2   HG22   sing N N 509 
VAL CG2   HG23   sing N N 510 
VAL OXT   HXT    sing N N 511 
# 
loop_
_ndb_struct_conf_na.entry_id 
_ndb_struct_conf_na.feature 
1XPX 'double helix'        
1XPX 'b-form double helix' 
# 
loop_
_ndb_struct_na_base_pair.model_number 
_ndb_struct_na_base_pair.i_label_asym_id 
_ndb_struct_na_base_pair.i_label_comp_id 
_ndb_struct_na_base_pair.i_label_seq_id 
_ndb_struct_na_base_pair.i_symmetry 
_ndb_struct_na_base_pair.j_label_asym_id 
_ndb_struct_na_base_pair.j_label_comp_id 
_ndb_struct_na_base_pair.j_label_seq_id 
_ndb_struct_na_base_pair.j_symmetry 
_ndb_struct_na_base_pair.shear 
_ndb_struct_na_base_pair.stretch 
_ndb_struct_na_base_pair.stagger 
_ndb_struct_na_base_pair.buckle 
_ndb_struct_na_base_pair.propeller 
_ndb_struct_na_base_pair.opening 
_ndb_struct_na_base_pair.pair_number 
_ndb_struct_na_base_pair.pair_name 
_ndb_struct_na_base_pair.i_auth_asym_id 
_ndb_struct_na_base_pair.i_auth_seq_id 
_ndb_struct_na_base_pair.i_PDB_ins_code 
_ndb_struct_na_base_pair.j_auth_asym_id 
_ndb_struct_na_base_pair.j_auth_seq_id 
_ndb_struct_na_base_pair.j_PDB_ins_code 
_ndb_struct_na_base_pair.hbond_type_28 
_ndb_struct_na_base_pair.hbond_type_12 
1 A DA 1  1_555 B DT 10 1_555 -0.409 -0.540 0.138  -6.820 -11.099 2.350  1  D_DA300:DT413_C D 300 ? C 413 ? 20 1 
1 A DG 2  1_555 B DC 9  1_555 -0.129 0.365  0.359  2.392  -5.001  6.232  2  D_DG301:DC412_C D 301 ? C 412 ? ?  1 
1 A DC 3  1_555 B DG 8  1_555 -0.591 0.284  0.548  -5.417 -2.261  -1.441 3  D_DC302:DG411_C D 302 ? C 411 ? 19 1 
1 A DA 4  1_555 B DT 7  1_555 -0.620 -0.425 0.213  1.902  -3.525  1.176  4  D_DA303:DT410_C D 303 ? C 410 ? 20 1 
1 A DT 5  1_555 B DA 6  1_555 0.646  -0.350 0.309  -3.772 -5.098  -1.229 5  D_DT304:DA409_C D 304 ? C 409 ? 20 1 
1 A DG 6  1_555 B DC 5  1_555 0.247  -0.250 -0.164 -2.674 -7.791  0.170  6  D_DG305:DC408_C D 305 ? C 408 ? 19 1 
1 A DC 7  1_555 B DG 4  1_555 -0.599 0.158  -0.172 5.699  -4.511  7.654  7  D_DC306:DG407_C D 306 ? C 407 ? 19 1 
1 A DC 8  1_555 B DG 3  1_555 -0.421 -0.431 -0.584 8.731  0.205   -2.260 8  D_DC307:DG406_C D 307 ? C 406 ? 19 1 
1 A DT 9  1_555 B DA 2  1_555 -0.082 -0.301 -0.100 -4.600 -0.311  7.933  9  D_DT308:DA405_C D 308 ? C 405 ? 20 1 
1 A DG 10 1_555 B DC 1  1_555 -0.091 -0.059 0.192  12.524 -6.194  1.940  10 D_DG309:DC404_C D 309 ? C 404 ? 19 1 
# 
loop_
_ndb_struct_na_base_pair_step.model_number 
_ndb_struct_na_base_pair_step.i_label_asym_id_1 
_ndb_struct_na_base_pair_step.i_label_comp_id_1 
_ndb_struct_na_base_pair_step.i_label_seq_id_1 
_ndb_struct_na_base_pair_step.i_symmetry_1 
_ndb_struct_na_base_pair_step.j_label_asym_id_1 
_ndb_struct_na_base_pair_step.j_label_comp_id_1 
_ndb_struct_na_base_pair_step.j_label_seq_id_1 
_ndb_struct_na_base_pair_step.j_symmetry_1 
_ndb_struct_na_base_pair_step.i_label_asym_id_2 
_ndb_struct_na_base_pair_step.i_label_comp_id_2 
_ndb_struct_na_base_pair_step.i_label_seq_id_2 
_ndb_struct_na_base_pair_step.i_symmetry_2 
_ndb_struct_na_base_pair_step.j_label_asym_id_2 
_ndb_struct_na_base_pair_step.j_label_comp_id_2 
_ndb_struct_na_base_pair_step.j_label_seq_id_2 
_ndb_struct_na_base_pair_step.j_symmetry_2 
_ndb_struct_na_base_pair_step.shift 
_ndb_struct_na_base_pair_step.slide 
_ndb_struct_na_base_pair_step.rise 
_ndb_struct_na_base_pair_step.tilt 
_ndb_struct_na_base_pair_step.roll 
_ndb_struct_na_base_pair_step.twist 
_ndb_struct_na_base_pair_step.x_displacement 
_ndb_struct_na_base_pair_step.y_displacement 
_ndb_struct_na_base_pair_step.helical_rise 
_ndb_struct_na_base_pair_step.inclination 
_ndb_struct_na_base_pair_step.tip 
_ndb_struct_na_base_pair_step.helical_twist 
_ndb_struct_na_base_pair_step.step_number 
_ndb_struct_na_base_pair_step.step_name 
_ndb_struct_na_base_pair_step.i_auth_asym_id_1 
_ndb_struct_na_base_pair_step.i_auth_seq_id_1 
_ndb_struct_na_base_pair_step.i_PDB_ins_code_1 
_ndb_struct_na_base_pair_step.j_auth_asym_id_1 
_ndb_struct_na_base_pair_step.j_auth_seq_id_1 
_ndb_struct_na_base_pair_step.j_PDB_ins_code_1 
_ndb_struct_na_base_pair_step.i_auth_asym_id_2 
_ndb_struct_na_base_pair_step.i_auth_seq_id_2 
_ndb_struct_na_base_pair_step.i_PDB_ins_code_2 
_ndb_struct_na_base_pair_step.j_auth_asym_id_2 
_ndb_struct_na_base_pair_step.j_auth_seq_id_2 
_ndb_struct_na_base_pair_step.j_PDB_ins_code_2 
1 A DA 1 1_555 B DT 10 1_555 A DG 2  1_555 B DC 9 1_555 -0.047 -0.127 3.056 0.143  4.740 37.777 -0.755 0.089  3.018 7.285  -0.220 
38.063 1 DD_DA300DG301:DC412DT413_CC D 300 ? C 413 ? D 301 ? C 412 ? 
1 A DG 2 1_555 B DC 9  1_555 A DC 3  1_555 B DG 8 1_555 -0.237 -0.339 3.352 -1.685 7.381 31.335 -1.948 0.123  3.199 13.421 3.065  
32.214 2 DD_DG301DC302:DG411DC412_CC D 301 ? C 412 ? D 302 ? C 411 ? 
1 A DC 3 1_555 B DG 8  1_555 A DA 4  1_555 B DT 7 1_555 0.101  -0.651 3.043 1.785  2.843 34.969 -1.472 0.080  2.984 4.718  -2.961 
35.125 3 DD_DC302DA303:DT410DG411_CC D 302 ? C 411 ? D 303 ? C 410 ? 
1 A DA 4 1_555 B DT 7  1_555 A DT 5  1_555 B DA 6 1_555 -0.738 -0.870 3.431 -0.417 4.268 38.242 -1.870 1.066  3.326 6.490  0.634  
38.473 4 DD_DA303DT304:DA409DT410_CC D 303 ? C 410 ? D 304 ? C 409 ? 
1 A DT 5 1_555 B DA 6  1_555 A DG 6  1_555 B DC 5 1_555 0.490  -0.219 3.194 3.517  6.000 30.299 -1.535 -0.254 3.130 11.292 -6.619 
31.068 5 DD_DT304DG305:DC408DA409_CC D 304 ? C 409 ? D 305 ? C 408 ? 
1 A DG 6 1_555 B DC 5  1_555 A DC 7  1_555 B DG 4 1_555 -0.126 -0.191 3.048 -1.603 1.522 27.374 -0.752 -0.102 3.035 3.210  3.380  
27.461 6 DD_DG305DC306:DG407DC408_CC D 305 ? C 408 ? D 306 ? C 407 ? 
1 A DC 7 1_555 B DG 4  1_555 A DC 8  1_555 B DG 3 1_555 -0.089 -0.352 3.157 2.885  6.369 28.705 -1.982 0.760  2.988 12.612 -5.712 
29.527 7 DD_DC306DC307:DG406DG407_CC D 306 ? C 407 ? D 307 ? C 406 ? 
1 A DC 8 1_555 B DG 3  1_555 A DT 9  1_555 B DA 2 1_555 0.633  -0.424 3.617 -2.750 4.845 40.690 -1.180 -1.229 3.498 6.928  3.933  
41.053 8 DD_DC307DT308:DA405DG406_CC D 307 ? C 406 ? D 308 ? C 405 ? 
1 A DT 9 1_555 B DA 2  1_555 A DG 10 1_555 B DC 1 1_555 -0.135 0.715  3.116 -2.919 3.300 36.043 0.703  -0.177 3.168 5.309  4.695  
36.302 9 DD_DT308DG309:DC404DA405_CC D 308 ? C 405 ? D 309 ? C 404 ? 
# 
_atom_sites.entry_id                    1XPX 
_atom_sites.fract_transf_matrix[1][1]   0.01392854 
_atom_sites.fract_transf_matrix[1][2]   0.01746723 
_atom_sites.fract_transf_matrix[1][3]   -0.00108372 
_atom_sites.fract_transf_matrix[2][1]   -0.00078242 
_atom_sites.fract_transf_matrix[2][2]   0.00200519 
_atom_sites.fract_transf_matrix[2][3]   0.02226319 
_atom_sites.fract_transf_matrix[3][1]   0.00344867 
_atom_sites.fract_transf_matrix[3][2]   -0.00272724 
_atom_sites.fract_transf_matrix[3][3]   0.00036684 
_atom_sites.fract_transf_vector[1]      0.721718 
_atom_sites.fract_transf_vector[2]      0.386641 
_atom_sites.fract_transf_vector[3]      -0.673020 
# 
loop_
_atom_type.symbol 
C 
N 
O 
P 
S 
# 
loop_
_atom_site.group_PDB 
_atom_site.id 
_atom_site.type_symbol 
_atom_site.label_atom_id 
_atom_site.label_alt_id 
_atom_site.label_comp_id 
_atom_site.label_asym_id 
_atom_site.label_entity_id 
_atom_site.label_seq_id 
_atom_site.pdbx_PDB_ins_code 
_atom_site.Cartn_x 
_atom_site.Cartn_y 
_atom_site.Cartn_z 
_atom_site.occupancy 
_atom_site.B_iso_or_equiv 
_atom_site.pdbx_formal_charge 
_atom_site.auth_seq_id 
_atom_site.auth_comp_id 
_atom_site.auth_asym_id 
_atom_site.auth_atom_id 
_atom_site.pdbx_PDB_model_num 
ATOM   1    O "O5'" . DA  A 1 1   ? -6.033  31.236  10.760  1.00 80.88  ? 300  DA  D "O5'" 1 
ATOM   2    C "C5'" . DA  A 1 1   ? -5.695  32.594  10.454  1.00 91.94  ? 300  DA  D "C5'" 1 
ATOM   3    C "C4'" . DA  A 1 1   ? -4.208  32.807  10.289  1.00 95.82  ? 300  DA  D "C4'" 1 
ATOM   4    O "O4'" . DA  A 1 1   ? -3.537  32.486  11.532  1.00 93.83  ? 300  DA  D "O4'" 1 
ATOM   5    C "C3'" . DA  A 1 1   ? -3.563  31.924  9.222   1.00 101.19 ? 300  DA  D "C3'" 1 
ATOM   6    O "O3'" . DA  A 1 1   ? -2.527  32.627  8.529   1.00 112.50 ? 300  DA  D "O3'" 1 
ATOM   7    C "C2'" . DA  A 1 1   ? -2.981  30.773  10.018  1.00 95.96  ? 300  DA  D "C2'" 1 
ATOM   8    C "C1'" . DA  A 1 1   ? -2.626  31.410  11.348  1.00 77.15  ? 300  DA  D "C1'" 1 
ATOM   9    N N9    . DA  A 1 1   ? -2.807  30.488  12.463  1.00 65.96  ? 300  DA  D N9    1 
ATOM   10   C C8    . DA  A 1 1   ? -3.955  30.242  13.184  1.00 64.77  ? 300  DA  D C8    1 
ATOM   11   N N7    . DA  A 1 1   ? -3.806  29.340  14.124  1.00 54.13  ? 300  DA  D N7    1 
ATOM   12   C C5    . DA  A 1 1   ? -2.472  28.971  14.017  1.00 58.92  ? 300  DA  D C5    1 
ATOM   13   C C6    . DA  A 1 1   ? -1.688  28.053  14.730  1.00 61.46  ? 300  DA  D C6    1 
ATOM   14   N N6    . DA  A 1 1   ? -2.158  27.307  15.736  1.00 59.53  ? 300  DA  D N6    1 
ATOM   15   N N1    . DA  A 1 1   ? -0.390  27.924  14.370  1.00 55.58  ? 300  DA  D N1    1 
ATOM   16   C C2    . DA  A 1 1   ? 0.076   28.672  13.357  1.00 51.76  ? 300  DA  D C2    1 
ATOM   17   N N3    . DA  A 1 1   ? -0.564  29.567  12.608  1.00 59.78  ? 300  DA  D N3    1 
ATOM   18   C C4    . DA  A 1 1   ? -1.847  29.671  12.996  1.00 61.49  ? 300  DA  D C4    1 
ATOM   19   P P     . DG  A 1 2   ? -1.884  31.985  7.203   1.00 118.01 ? 301  DG  D P     1 
ATOM   20   O OP1   . DG  A 1 2   ? -0.981  32.995  6.588   1.00 116.23 ? 301  DG  D OP1   1 
ATOM   21   O OP2   . DG  A 1 2   ? -2.973  31.375  6.393   1.00 114.93 ? 301  DG  D OP2   1 
ATOM   22   O "O5'" . DG  A 1 2   ? -0.975  30.807  7.759   1.00 107.62 ? 301  DG  D "O5'" 1 
ATOM   23   C "C5'" . DG  A 1 2   ? 0.436   30.864  7.629   1.00 97.63  ? 301  DG  D "C5'" 1 
ATOM   24   C "C4'" . DG  A 1 2   ? 0.976   29.472  7.416   1.00 92.82  ? 301  DG  D "C4'" 1 
ATOM   25   O "O4'" . DG  A 1 2   ? 0.597   28.668  8.559   1.00 85.32  ? 301  DG  D "O4'" 1 
ATOM   26   C "C3'" . DG  A 1 2   ? 0.396   28.757  6.195   1.00 90.37  ? 301  DG  D "C3'" 1 
ATOM   27   O "O3'" . DG  A 1 2   ? 1.406   27.895  5.651   1.00 93.13  ? 301  DG  D "O3'" 1 
ATOM   28   C "C2'" . DG  A 1 2   ? -0.762  27.969  6.781   1.00 81.37  ? 301  DG  D "C2'" 1 
ATOM   29   C "C1'" . DG  A 1 2   ? -0.217  27.588  8.143   1.00 74.43  ? 301  DG  D "C1'" 1 
ATOM   30   N N9    . DG  A 1 2   ? -1.203  27.342  9.189   1.00 66.74  ? 301  DG  D N9    1 
ATOM   31   C C8    . DG  A 1 2   ? -2.508  27.779  9.260   1.00 64.60  ? 301  DG  D C8    1 
ATOM   32   N N7    . DG  A 1 2   ? -3.137  27.349  10.326  1.00 53.48  ? 301  DG  D N7    1 
ATOM   33   C C5    . DG  A 1 2   ? -2.187  26.587  10.999  1.00 65.48  ? 301  DG  D C5    1 
ATOM   34   C C6    . DG  A 1 2   ? -2.277  25.839  12.222  1.00 61.54  ? 301  DG  D C6    1 
ATOM   35   O O6    . DG  A 1 2   ? -3.253  25.694  12.974  1.00 61.17  ? 301  DG  D O6    1 
ATOM   36   N N1    . DG  A 1 2   ? -1.065  25.218  12.532  1.00 57.95  ? 301  DG  D N1    1 
ATOM   37   C C2    . DG  A 1 2   ? 0.085   25.293  11.769  1.00 63.42  ? 301  DG  D C2    1 
ATOM   38   N N2    . DG  A 1 2   ? 1.161   24.628  12.233  1.00 54.27  ? 301  DG  D N2    1 
ATOM   39   N N3    . DG  A 1 2   ? 0.177   25.970  10.633  1.00 60.21  ? 301  DG  D N3    1 
ATOM   40   C C4    . DG  A 1 2   ? -0.984  26.587  10.313  1.00 67.75  ? 301  DG  D C4    1 
ATOM   41   P P     . DC  A 1 3   ? 1.139   27.086  4.286   1.00 96.73  ? 302  DC  D P     1 
ATOM   42   O OP1   . DC  A 1 3   ? 2.105   27.590  3.279   1.00 84.19  ? 302  DC  D OP1   1 
ATOM   43   O OP2   . DC  A 1 3   ? -0.314  27.056  3.965   1.00 94.66  ? 302  DC  D OP2   1 
ATOM   44   O "O5'" . DC  A 1 3   ? 1.593   25.615  4.673   1.00 87.40  ? 302  DC  D "O5'" 1 
ATOM   45   C "C5'" . DC  A 1 3   ? 2.837   25.412  5.328   1.00 85.87  ? 302  DC  D "C5'" 1 
ATOM   46   C "C4'" . DC  A 1 3   ? 2.824   24.104  6.080   1.00 87.41  ? 302  DC  D "C4'" 1 
ATOM   47   O "O4'" . DC  A 1 3   ? 1.940   24.199  7.225   1.00 83.59  ? 302  DC  D "O4'" 1 
ATOM   48   C "C3'" . DC  A 1 3   ? 2.328   22.908  5.262   1.00 90.19  ? 302  DC  D "C3'" 1 
ATOM   49   O "O3'" . DC  A 1 3   ? 3.149   21.767  5.518   1.00 87.56  ? 302  DC  D "O3'" 1 
ATOM   50   C "C2'" . DC  A 1 3   ? 0.938   22.661  5.813   1.00 81.33  ? 302  DC  D "C2'" 1 
ATOM   51   C "C1'" . DC  A 1 3   ? 1.148   23.030  7.261   1.00 81.01  ? 302  DC  D "C1'" 1 
ATOM   52   N N1    . DC  A 1 3   ? -0.085  23.310  8.008   1.00 74.93  ? 302  DC  D N1    1 
ATOM   53   C C2    . DC  A 1 3   ? -0.323  22.588  9.191   1.00 71.71  ? 302  DC  D C2    1 
ATOM   54   O O2    . DC  A 1 3   ? 0.551   21.796  9.600   1.00 66.35  ? 302  DC  D O2    1 
ATOM   55   N N3    . DC  A 1 3   ? -1.494  22.766  9.853   1.00 55.80  ? 302  DC  D N3    1 
ATOM   56   C C4    . DC  A 1 3   ? -2.400  23.623  9.378   1.00 53.05  ? 302  DC  D C4    1 
ATOM   57   N N4    . DC  A 1 3   ? -3.558  23.723  10.027  1.00 44.08  ? 302  DC  D N4    1 
ATOM   58   C C5    . DC  A 1 3   ? -2.163  24.406  8.202   1.00 58.00  ? 302  DC  D C5    1 
ATOM   59   C C6    . DC  A 1 3   ? -0.999  24.221  7.558   1.00 65.18  ? 302  DC  D C6    1 
ATOM   60   P P     . DA  A 1 4   ? 2.757   20.346  4.878   1.00 78.80  ? 303  DA  D P     1 
ATOM   61   O OP1   . DA  A 1 4   ? 3.985   19.758  4.280   1.00 63.40  ? 303  DA  D OP1   1 
ATOM   62   O OP2   . DA  A 1 4   ? 1.557   20.548  4.030   1.00 80.09  ? 303  DA  D OP2   1 
ATOM   63   O "O5'" . DA  A 1 4   ? 2.327   19.489  6.149   1.00 71.73  ? 303  DA  D "O5'" 1 
ATOM   64   C "C5'" . DA  A 1 4   ? 3.229   19.321  7.232   1.00 64.69  ? 303  DA  D "C5'" 1 
ATOM   65   C "C4'" . DA  A 1 4   ? 2.692   18.309  8.215   1.00 71.14  ? 303  DA  D "C4'" 1 
ATOM   66   O "O4'" . DA  A 1 4   ? 1.519   18.834  8.878   1.00 73.63  ? 303  DA  D "O4'" 1 
ATOM   67   C "C3'" . DA  A 1 4   ? 2.280   16.955  7.635   1.00 71.29  ? 303  DA  D "C3'" 1 
ATOM   68   O "O3'" . DA  A 1 4   ? 2.635   15.953  8.594   1.00 78.94  ? 303  DA  D "O3'" 1 
ATOM   69   C "C2'" . DA  A 1 4   ? 0.767   17.076  7.535   1.00 70.27  ? 303  DA  D "C2'" 1 
ATOM   70   C "C1'" . DA  A 1 4   ? 0.450   17.908  8.762   1.00 67.28  ? 303  DA  D "C1'" 1 
ATOM   71   N N9    . DA  A 1 4   ? -0.790  18.682  8.713   1.00 66.13  ? 303  DA  D N9    1 
ATOM   72   C C8    . DA  A 1 4   ? -1.206  19.561  7.742   1.00 62.54  ? 303  DA  D C8    1 
ATOM   73   N N7    . DA  A 1 4   ? -2.345  20.155  8.019   1.00 54.20  ? 303  DA  D N7    1 
ATOM   74   C C5    . DA  A 1 4   ? -2.709  19.620  9.250   1.00 54.03  ? 303  DA  D C5    1 
ATOM   75   C C6    . DA  A 1 4   ? -3.815  19.852  10.096  1.00 57.95  ? 303  DA  D C6    1 
ATOM   76   N N6    . DA  A 1 4   ? -4.788  20.734  9.825   1.00 50.67  ? 303  DA  D N6    1 
ATOM   77   N N1    . DA  A 1 4   ? -3.882  19.145  11.250  1.00 47.87  ? 303  DA  D N1    1 
ATOM   78   C C2    . DA  A 1 4   ? -2.896  18.280  11.529  1.00 52.50  ? 303  DA  D C2    1 
ATOM   79   N N3    . DA  A 1 4   ? -1.801  17.986  10.822  1.00 62.60  ? 303  DA  D N3    1 
ATOM   80   C C4    . DA  A 1 4   ? -1.769  18.698  9.680   1.00 62.83  ? 303  DA  D C4    1 
ATOM   81   P P     . DT  A 1 5   ? 2.862   14.428  8.134   1.00 83.12  ? 304  DT  D P     1 
ATOM   82   O OP1   . DT  A 1 5   ? 4.205   14.003  8.615   1.00 78.55  ? 304  DT  D OP1   1 
ATOM   83   O OP2   . DT  A 1 5   ? 2.524   14.304  6.693   1.00 70.23  ? 304  DT  D OP2   1 
ATOM   84   O "O5'" . DT  A 1 5   ? 1.764   13.651  8.983   1.00 73.79  ? 304  DT  D "O5'" 1 
ATOM   85   C "C5'" . DT  A 1 5   ? 0.606   14.339  9.450   1.00 70.32  ? 304  DT  D "C5'" 1 
ATOM   86   C "C4'" . DT  A 1 5   ? -0.079  13.548  10.539  1.00 55.00  ? 304  DT  D "C4'" 1 
ATOM   87   O "O4'" . DT  A 1 5   ? -1.219  14.321  10.968  1.00 62.46  ? 304  DT  D "O4'" 1 
ATOM   88   C "C3'" . DT  A 1 5   ? -0.637  12.214  10.061  1.00 57.07  ? 304  DT  D "C3'" 1 
ATOM   89   O "O3'" . DT  A 1 5   ? -0.578  11.236  11.103  1.00 59.73  ? 304  DT  D "O3'" 1 
ATOM   90   C "C2'" . DT  A 1 5   ? -2.056  12.550  9.642   1.00 54.18  ? 304  DT  D "C2'" 1 
ATOM   91   C "C1'" . DT  A 1 5   ? -2.432  13.743  10.507  1.00 58.54  ? 304  DT  D "C1'" 1 
ATOM   92   N N1    . DT  A 1 5   ? -3.167  14.792  9.766   1.00 51.62  ? 304  DT  D N1    1 
ATOM   93   C C2    . DT  A 1 5   ? -4.379  15.252  10.263  1.00 53.87  ? 304  DT  D C2    1 
ATOM   94   O O2    . DT  A 1 5   ? -4.896  14.817  11.278  1.00 58.71  ? 304  DT  D O2    1 
ATOM   95   N N3    . DT  A 1 5   ? -4.970  16.243  9.510   1.00 41.17  ? 304  DT  D N3    1 
ATOM   96   C C4    . DT  A 1 5   ? -4.488  16.792  8.333   1.00 40.33  ? 304  DT  D C4    1 
ATOM   97   O O4    . DT  A 1 5   ? -5.115  17.676  7.770   1.00 58.31  ? 304  DT  D O4    1 
ATOM   98   C C5    . DT  A 1 5   ? -3.234  16.251  7.859   1.00 48.04  ? 304  DT  D C5    1 
ATOM   99   C C7    . DT  A 1 5   ? -2.668  16.767  6.573   1.00 25.50  ? 304  DT  D C7    1 
ATOM   100  C C6    . DT  A 1 5   ? -2.638  15.298  8.595   1.00 54.54  ? 304  DT  D C6    1 
ATOM   101  P P     . DG  A 1 6   ? -1.062  9.724   10.812  1.00 71.60  ? 305  DG  D P     1 
ATOM   102  O OP1   . DG  A 1 6   ? -0.504  8.878   11.897  1.00 53.63  ? 305  DG  D OP1   1 
ATOM   103  O OP2   . DG  A 1 6   ? -0.797  9.355   9.388   1.00 58.66  ? 305  DG  D OP2   1 
ATOM   104  O "O5'" . DG  A 1 6   ? -2.632  9.824   11.045  1.00 55.72  ? 305  DG  D "O5'" 1 
ATOM   105  C "C5'" . DG  A 1 6   ? -3.132  10.359  12.264  1.00 58.63  ? 305  DG  D "C5'" 1 
ATOM   106  C "C4'" . DG  A 1 6   ? -4.640  10.377  12.249  1.00 68.44  ? 305  DG  D "C4'" 1 
ATOM   107  O "O4'" . DG  A 1 6   ? -5.140  11.549  11.556  1.00 75.82  ? 305  DG  D "O4'" 1 
ATOM   108  C "C3'" . DG  A 1 6   ? -5.267  9.166   11.557  1.00 77.33  ? 305  DG  D "C3'" 1 
ATOM   109  O "O3'" . DG  A 1 6   ? -6.379  8.712   12.328  1.00 82.47  ? 305  DG  D "O3'" 1 
ATOM   110  C "C2'" . DG  A 1 6   ? -5.730  9.724   10.220  1.00 69.18  ? 305  DG  D "C2'" 1 
ATOM   111  C "C1'" . DG  A 1 6   ? -6.107  11.147  10.594  1.00 66.57  ? 305  DG  D "C1'" 1 
ATOM   112  N N9    . DG  A 1 6   ? -6.093  12.118  9.503   1.00 50.08  ? 305  DG  D N9    1 
ATOM   113  C C8    . DG  A 1 6   ? -5.170  12.222  8.490   1.00 51.40  ? 305  DG  D C8    1 
ATOM   114  N N7    . DG  A 1 6   ? -5.413  13.214  7.673   1.00 39.92  ? 305  DG  D N7    1 
ATOM   115  C C5    . DG  A 1 6   ? -6.569  13.794  8.173   1.00 41.31  ? 305  DG  D C5    1 
ATOM   116  C C6    . DG  A 1 6   ? -7.320  14.916  7.704   1.00 44.27  ? 305  DG  D C6    1 
ATOM   117  O O6    . DG  A 1 6   ? -7.100  15.640  6.723   1.00 39.45  ? 305  DG  D O6    1 
ATOM   118  N N1    . DG  A 1 6   ? -8.428  15.160  8.510   1.00 40.38  ? 305  DG  D N1    1 
ATOM   119  C C2    . DG  A 1 6   ? -8.774  14.422  9.619   1.00 41.72  ? 305  DG  D C2    1 
ATOM   120  N N2    . DG  A 1 6   ? -9.879  14.816  10.269  1.00 44.99  ? 305  DG  D N2    1 
ATOM   121  N N3    . DG  A 1 6   ? -8.087  13.374  10.061  1.00 42.96  ? 305  DG  D N3    1 
ATOM   122  C C4    . DG  A 1 6   ? -7.006  13.123  9.299   1.00 39.27  ? 305  DG  D C4    1 
ATOM   123  P P     . DC  A 1 7   ? -6.959  7.232   12.103  1.00 86.61  ? 306  DC  D P     1 
ATOM   124  O OP1   . DC  A 1 7   ? -6.627  6.428   13.307  1.00 86.68  ? 306  DC  D OP1   1 
ATOM   125  O OP2   . DC  A 1 7   ? -6.542  6.753   10.765  1.00 87.56  ? 306  DC  D OP2   1 
ATOM   126  O "O5'" . DC  A 1 7   ? -8.530  7.483   12.091  1.00 93.27  ? 306  DC  D "O5'" 1 
ATOM   127  C "C5'" . DC  A 1 7   ? -9.125  8.357   13.052  1.00 92.61  ? 306  DC  D "C5'" 1 
ATOM   128  C "C4'" . DC  A 1 7   ? -10.412 8.941   12.515  1.00 90.86  ? 306  DC  D "C4'" 1 
ATOM   129  O "O4'" . DC  A 1 7   ? -10.177 10.009  11.559  1.00 75.94  ? 306  DC  D "O4'" 1 
ATOM   130  C "C3'" . DC  A 1 7   ? -11.320 7.932   11.811  1.00 90.65  ? 306  DC  D "C3'" 1 
ATOM   131  O "O3'" . DC  A 1 7   ? -12.676 8.217   12.152  1.00 95.64  ? 306  DC  D "O3'" 1 
ATOM   132  C "C2'" . DC  A 1 7   ? -11.089 8.239   10.341  1.00 80.39  ? 306  DC  D "C2'" 1 
ATOM   133  C "C1'" . DC  A 1 7   ? -10.934 9.747   10.388  1.00 56.24  ? 306  DC  D "C1'" 1 
ATOM   134  N N1    . DC  A 1 7   ? -10.235 10.342  9.243   1.00 52.98  ? 306  DC  D N1    1 
ATOM   135  C C2    . DC  A 1 7   ? -10.768 11.505  8.682   1.00 56.28  ? 306  DC  D C2    1 
ATOM   136  O O2    . DC  A 1 7   ? -11.832 11.955  9.150   1.00 49.67  ? 306  DC  D O2    1 
ATOM   137  N N3    . DC  A 1 7   ? -10.124 12.103  7.642   1.00 42.31  ? 306  DC  D N3    1 
ATOM   138  C C4    . DC  A 1 7   ? -9.006  11.561  7.152   1.00 47.78  ? 306  DC  D C4    1 
ATOM   139  N N4    . DC  A 1 7   ? -8.401  12.190  6.134   1.00 41.45  ? 306  DC  D N4    1 
ATOM   140  C C5    . DC  A 1 7   ? -8.452  10.353  7.690   1.00 43.44  ? 306  DC  D C5    1 
ATOM   141  C C6    . DC  A 1 7   ? -9.092  9.786   8.729   1.00 38.41  ? 306  DC  D C6    1 
ATOM   142  P P     . DC  A 1 8   ? -13.806 7.104   11.929  1.00 95.69  ? 307  DC  D P     1 
ATOM   143  O OP1   . DC  A 1 8   ? -14.115 6.510   13.258  1.00 87.00  ? 307  DC  D OP1   1 
ATOM   144  O OP2   . DC  A 1 8   ? -13.367 6.219   10.817  1.00 90.68  ? 307  DC  D OP2   1 
ATOM   145  O "O5'" . DC  A 1 8   ? -15.064 7.961   11.440  1.00 94.76  ? 307  DC  D "O5'" 1 
ATOM   146  C "C5'" . DC  A 1 8   ? -14.892 9.275   10.888  1.00 75.82  ? 307  DC  D "C5'" 1 
ATOM   147  C "C4'" . DC  A 1 8   ? -15.761 9.452   9.663   1.00 70.64  ? 307  DC  D "C4'" 1 
ATOM   148  O "O4'" . DC  A 1 8   ? -14.981 10.177  8.671   1.00 63.84  ? 307  DC  D "O4'" 1 
ATOM   149  C "C3'" . DC  A 1 8   ? -16.116 8.110   9.009   1.00 73.55  ? 307  DC  D "C3'" 1 
ATOM   150  O "O3'" . DC  A 1 8   ? -17.282 8.188   8.157   1.00 75.37  ? 307  DC  D "O3'" 1 
ATOM   151  C "C2'" . DC  A 1 8   ? -14.946 7.921   8.063   1.00 76.38  ? 307  DC  D "C2'" 1 
ATOM   152  C "C1'" . DC  A 1 8   ? -14.844 9.342   7.533   1.00 64.17  ? 307  DC  D "C1'" 1 
ATOM   153  N N1    . DC  A 1 8   ? -13.616 9.695   6.807   1.00 42.62  ? 307  DC  D N1    1 
ATOM   154  C C2    . DC  A 1 8   ? -13.609 10.868  6.064   1.00 49.69  ? 307  DC  D C2    1 
ATOM   155  O O2    . DC  A 1 8   ? -14.599 11.607  6.116   1.00 56.13  ? 307  DC  D O2    1 
ATOM   156  N N3    . DC  A 1 8   ? -12.526 11.167  5.304   1.00 51.50  ? 307  DC  D N3    1 
ATOM   157  C C4    . DC  A 1 8   ? -11.477 10.338  5.284   1.00 50.48  ? 307  DC  D C4    1 
ATOM   158  N N4    . DC  A 1 8   ? -10.451 10.640  4.486   1.00 53.09  ? 307  DC  D N4    1 
ATOM   159  C C5    . DC  A 1 8   ? -11.440 9.156   6.073   1.00 33.08  ? 307  DC  D C5    1 
ATOM   160  C C6    . DC  A 1 8   ? -12.521 8.878   6.819   1.00 36.89  ? 307  DC  D C6    1 
ATOM   161  P P     . DT  A 1 9   ? -18.698 8.728   8.711   1.00 63.94  ? 308  DT  D P     1 
ATOM   162  O OP1   . DT  A 1 9   ? -18.508 9.517   9.954   1.00 72.26  ? 308  DT  D OP1   1 
ATOM   163  O OP2   . DT  A 1 9   ? -19.657 7.590   8.693   1.00 55.18  ? 308  DT  D OP2   1 
ATOM   164  O "O5'" . DT  A 1 9   ? -19.121 9.744   7.562   1.00 57.65  ? 308  DT  D "O5'" 1 
ATOM   165  C "C5'" . DT  A 1 9   ? -18.119 10.237  6.683   1.00 64.11  ? 308  DT  D "C5'" 1 
ATOM   166  C "C4'" . DT  A 1 9   ? -18.712 11.129  5.622   1.00 62.01  ? 308  DT  D "C4'" 1 
ATOM   167  O "O4'" . DT  A 1 9   ? -17.611 11.491  4.759   1.00 61.46  ? 308  DT  D "O4'" 1 
ATOM   168  C "C3'" . DT  A 1 9   ? -19.739 10.455  4.713   1.00 65.31  ? 308  DT  D "C3'" 1 
ATOM   169  O "O3'" . DT  A 1 9   ? -20.636 11.461  4.206   1.00 73.03  ? 308  DT  D "O3'" 1 
ATOM   170  C "C2'" . DT  A 1 9   ? -18.875 9.824   3.630   1.00 52.42  ? 308  DT  D "C2'" 1 
ATOM   171  C "C1'" . DT  A 1 9   ? -17.664 10.755  3.537   1.00 54.70  ? 308  DT  D "C1'" 1 
ATOM   172  N N1    . DT  A 1 9   ? -16.345 10.078  3.360   1.00 39.34  ? 308  DT  D N1    1 
ATOM   173  C C2    . DT  A 1 9   ? -15.503 10.544  2.364   1.00 32.89  ? 308  DT  D C2    1 
ATOM   174  O O2    . DT  A 1 9   ? -15.808 11.442  1.594   1.00 39.49  ? 308  DT  D O2    1 
ATOM   175  N N3    . DT  A 1 9   ? -14.283 9.913   2.297   1.00 41.19  ? 308  DT  D N3    1 
ATOM   176  C C4    . DT  A 1 9   ? -13.833 8.870   3.091   1.00 44.47  ? 308  DT  D C4    1 
ATOM   177  O O4    . DT  A 1 9   ? -12.690 8.425   2.938   1.00 40.87  ? 308  DT  D O4    1 
ATOM   178  C C5    . DT  A 1 9   ? -14.784 8.392   4.074   1.00 41.73  ? 308  DT  D C5    1 
ATOM   179  C C7    . DT  A 1 9   ? -14.411 7.217   4.916   1.00 28.06  ? 308  DT  D C7    1 
ATOM   180  C C6    . DT  A 1 9   ? -15.969 9.022   4.173   1.00 30.78  ? 308  DT  D C6    1 
ATOM   181  P P     . DG  A 1 10  ? -21.963 11.039  3.393   1.00 61.10  ? 309  DG  D P     1 
ATOM   182  O OP1   . DG  A 1 10  ? -22.981 12.075  3.720   1.00 67.54  ? 309  DG  D OP1   1 
ATOM   183  O OP2   . DG  A 1 10  ? -22.281 9.601   3.618   1.00 66.91  ? 309  DG  D OP2   1 
ATOM   184  O "O5'" . DG  A 1 10  ? -21.524 11.230  1.873   1.00 64.64  ? 309  DG  D "O5'" 1 
ATOM   185  C "C5'" . DG  A 1 10  ? -21.094 12.510  1.396   1.00 64.09  ? 309  DG  D "C5'" 1 
ATOM   186  C "C4'" . DG  A 1 10  ? -20.753 12.439  -0.076  1.00 63.29  ? 309  DG  D "C4'" 1 
ATOM   187  O "O4'" . DG  A 1 10  ? -19.491 11.763  -0.280  1.00 62.07  ? 309  DG  D "O4'" 1 
ATOM   188  C "C3'" . DG  A 1 10  ? -21.759 11.659  -0.917  1.00 63.94  ? 309  DG  D "C3'" 1 
ATOM   189  O "O3'" . DG  A 1 10  ? -21.554 12.129  -2.251  1.00 63.34  ? 309  DG  D "O3'" 1 
ATOM   190  C "C2'" . DG  A 1 10  ? -21.194 10.250  -0.861  1.00 52.44  ? 309  DG  D "C2'" 1 
ATOM   191  C "C1'" . DG  A 1 10  ? -19.713 10.547  -0.990  1.00 49.02  ? 309  DG  D "C1'" 1 
ATOM   192  N N9    . DG  A 1 10  ? -18.803 9.544   -0.451  1.00 48.08  ? 309  DG  D N9    1 
ATOM   193  C C8    . DG  A 1 10  ? -19.040 8.599   0.523   1.00 43.51  ? 309  DG  D C8    1 
ATOM   194  N N7    . DG  A 1 10  ? -17.988 7.870   0.794   1.00 33.23  ? 309  DG  D N7    1 
ATOM   195  C C5    . DG  A 1 10  ? -17.006 8.363   -0.059  1.00 31.06  ? 309  DG  D C5    1 
ATOM   196  C C6    . DG  A 1 10  ? -15.662 7.975   -0.230  1.00 34.27  ? 309  DG  D C6    1 
ATOM   197  O O6    . DG  A 1 10  ? -15.038 7.090   0.363   1.00 45.52  ? 309  DG  D O6    1 
ATOM   198  N N1    . DG  A 1 10  ? -15.030 8.735   -1.206  1.00 25.60  ? 309  DG  D N1    1 
ATOM   199  C C2    . DG  A 1 10  ? -15.623 9.745   -1.927  1.00 35.37  ? 309  DG  D C2    1 
ATOM   200  N N2    . DG  A 1 10  ? -14.864 10.382  -2.832  1.00 28.72  ? 309  DG  D N2    1 
ATOM   201  N N3    . DG  A 1 10  ? -16.873 10.112  -1.776  1.00 42.15  ? 309  DG  D N3    1 
ATOM   202  C C4    . DG  A 1 10  ? -17.500 9.386   -0.834  1.00 39.68  ? 309  DG  D C4    1 
ATOM   203  O "O5'" . DC  B 2 1   ? -6.913  7.305   -4.290  1.00 38.66  ? 404  DC  C "O5'" 1 
ATOM   204  C "C5'" . DC  B 2 1   ? -7.067  7.314   -5.712  1.00 38.52  ? 404  DC  C "C5'" 1 
ATOM   205  C "C4'" . DC  B 2 1   ? -8.104  8.341   -6.095  1.00 38.69  ? 404  DC  C "C4'" 1 
ATOM   206  O "O4'" . DC  B 2 1   ? -9.397  7.864   -5.644  1.00 33.51  ? 404  DC  C "O4'" 1 
ATOM   207  C "C3'" . DC  B 2 1   ? -7.866  9.672   -5.394  1.00 37.61  ? 404  DC  C "C3'" 1 
ATOM   208  O "O3'" . DC  B 2 1   ? -7.980  10.792  -6.245  1.00 37.39  ? 404  DC  C "O3'" 1 
ATOM   209  C "C2'" . DC  B 2 1   ? -8.938  9.745   -4.329  1.00 46.82  ? 404  DC  C "C2'" 1 
ATOM   210  C "C1'" . DC  B 2 1   ? -10.028 8.820   -4.823  1.00 29.43  ? 404  DC  C "C1'" 1 
ATOM   211  N N1    . DC  B 2 1   ? -10.606 8.117   -3.683  1.00 25.30  ? 404  DC  C N1    1 
ATOM   212  C C2    . DC  B 2 1   ? -11.854 8.522   -3.210  1.00 29.91  ? 404  DC  C C2    1 
ATOM   213  O O2    . DC  B 2 1   ? -12.472 9.388   -3.838  1.00 36.74  ? 404  DC  C O2    1 
ATOM   214  N N3    . DC  B 2 1   ? -12.350 7.970   -2.074  1.00 30.39  ? 404  DC  C N3    1 
ATOM   215  C C4    . DC  B 2 1   ? -11.638 7.047   -1.419  1.00 28.18  ? 404  DC  C C4    1 
ATOM   216  N N4    . DC  B 2 1   ? -12.121 6.595   -0.259  1.00 16.44  ? 404  DC  C N4    1 
ATOM   217  C C5    . DC  B 2 1   ? -10.382 6.565   -1.919  1.00 24.29  ? 404  DC  C C5    1 
ATOM   218  C C6    . DC  B 2 1   ? -9.914  7.122   -3.052  1.00 15.24  ? 404  DC  C C6    1 
ATOM   219  P P     . DA  B 2 2   ? -7.262  12.158  -5.805  1.00 46.94  ? 405  DA  C P     1 
ATOM   220  O OP1   . DA  B 2 2   ? -6.559  12.686  -7.009  1.00 41.59  ? 405  DA  C OP1   1 
ATOM   221  O OP2   . DA  B 2 2   ? -6.502  11.913  -4.549  1.00 27.97  ? 405  DA  C OP2   1 
ATOM   222  O "O5'" . DA  B 2 2   ? -8.457  13.119  -5.398  1.00 39.23  ? 405  DA  C "O5'" 1 
ATOM   223  C "C5'" . DA  B 2 2   ? -9.452  13.472  -6.340  1.00 35.03  ? 405  DA  C "C5'" 1 
ATOM   224  C "C4'" . DA  B 2 2   ? -10.585 14.161  -5.629  1.00 23.34  ? 405  DA  C "C4'" 1 
ATOM   225  O "O4'" . DA  B 2 2   ? -11.107 13.273  -4.610  1.00 46.77  ? 405  DA  C "O4'" 1 
ATOM   226  C "C3'" . DA  B 2 2   ? -10.174 15.433  -4.898  1.00 27.84  ? 405  DA  C "C3'" 1 
ATOM   227  O "O3'" . DA  B 2 2   ? -11.277 16.332  -4.987  1.00 33.15  ? 405  DA  C "O3'" 1 
ATOM   228  C "C2'" . DA  B 2 2   ? -9.938  14.957  -3.473  1.00 27.75  ? 405  DA  C "C2'" 1 
ATOM   229  C "C1'" . DA  B 2 2   ? -10.983 13.864  -3.319  1.00 41.98  ? 405  DA  C "C1'" 1 
ATOM   230  N N9    . DA  B 2 2   ? -10.665 12.790  -2.366  1.00 36.25  ? 405  DA  C N9    1 
ATOM   231  C C8    . DA  B 2 2   ? -9.480  12.101  -2.246  1.00 26.17  ? 405  DA  C C8    1 
ATOM   232  N N7    . DA  B 2 2   ? -9.516  11.135  -1.362  1.00 20.07  ? 405  DA  C N7    1 
ATOM   233  C C5    . DA  B 2 2   ? -10.801 11.200  -0.845  1.00 18.57  ? 405  DA  C C5    1 
ATOM   234  C C6    . DA  B 2 2   ? -11.472 10.424  0.129   1.00 25.63  ? 405  DA  C C6    1 
ATOM   235  N N6    . DA  B 2 2   ? -10.919 9.387   0.754   1.00 22.35  ? 405  DA  C N6    1 
ATOM   236  N N1    . DA  B 2 2   ? -12.749 10.756  0.431   1.00 21.36  ? 405  DA  C N1    1 
ATOM   237  C C2    . DA  B 2 2   ? -13.307 11.800  -0.210  1.00 19.01  ? 405  DA  C C2    1 
ATOM   238  N N3    . DA  B 2 2   ? -12.783 12.597  -1.153  1.00 29.70  ? 405  DA  C N3    1 
ATOM   239  C C4    . DA  B 2 2   ? -11.513 12.234  -1.432  1.00 23.87  ? 405  DA  C C4    1 
ATOM   240  P P     . DG  B 2 3   ? -11.107 17.870  -4.566  1.00 47.79  ? 406  DG  C P     1 
ATOM   241  O OP1   . DG  B 2 3   ? -11.331 18.655  -5.804  1.00 51.86  ? 406  DG  C OP1   1 
ATOM   242  O OP2   . DG  B 2 3   ? -9.872  18.088  -3.761  1.00 36.65  ? 406  DG  C OP2   1 
ATOM   243  O "O5'" . DG  B 2 3   ? -12.354 18.067  -3.609  1.00 39.35  ? 406  DG  C "O5'" 1 
ATOM   244  C "C5'" . DG  B 2 3   ? -12.774 16.986  -2.800  1.00 36.39  ? 406  DG  C "C5'" 1 
ATOM   245  C "C4'" . DG  B 2 3   ? -13.928 17.400  -1.928  1.00 39.25  ? 406  DG  C "C4'" 1 
ATOM   246  O "O4'" . DG  B 2 3   ? -14.101 16.361  -0.943  1.00 51.68  ? 406  DG  C "O4'" 1 
ATOM   247  C "C3'" . DG  B 2 3   ? -13.662 18.670  -1.135  1.00 51.82  ? 406  DG  C "C3'" 1 
ATOM   248  O "O3'" . DG  B 2 3   ? -14.924 19.293  -0.845  1.00 64.18  ? 406  DG  C "O3'" 1 
ATOM   249  C "C2'" . DG  B 2 3   ? -12.943 18.150  0.098   1.00 49.44  ? 406  DG  C "C2'" 1 
ATOM   250  C "C1'" . DG  B 2 3   ? -13.530 16.754  0.297   1.00 40.71  ? 406  DG  C "C1'" 1 
ATOM   251  N N9    . DG  B 2 3   ? -12.529 15.750  0.641   1.00 31.54  ? 406  DG  C N9    1 
ATOM   252  C C8    . DG  B 2 3   ? -11.295 15.573  0.053   1.00 33.28  ? 406  DG  C C8    1 
ATOM   253  N N7    . DG  B 2 3   ? -10.618 14.578  0.568   1.00 39.12  ? 406  DG  C N7    1 
ATOM   254  C C5    . DG  B 2 3   ? -11.455 14.066  1.552   1.00 27.63  ? 406  DG  C C5    1 
ATOM   255  C C6    . DG  B 2 3   ? -11.273 12.971  2.428   1.00 32.64  ? 406  DG  C C6    1 
ATOM   256  O O6    . DG  B 2 3   ? -10.327 12.182  2.487   1.00 45.32  ? 406  DG  C O6    1 
ATOM   257  N N1    . DG  B 2 3   ? -12.359 12.815  3.286   1.00 39.72  ? 406  DG  C N1    1 
ATOM   258  C C2    . DG  B 2 3   ? -13.494 13.588  3.276   1.00 40.78  ? 406  DG  C C2    1 
ATOM   259  N N2    . DG  B 2 3   ? -14.432 13.268  4.177   1.00 32.85  ? 406  DG  C N2    1 
ATOM   260  N N3    . DG  B 2 3   ? -13.693 14.599  2.440   1.00 31.36  ? 406  DG  C N3    1 
ATOM   261  C C4    . DG  B 2 3   ? -12.637 14.784  1.616   1.00 35.47  ? 406  DG  C C4    1 
ATOM   262  P P     . DG  B 2 4   ? -14.978 20.719  -0.105  1.00 66.04  ? 407  DG  C P     1 
ATOM   263  O OP1   . DG  B 2 4   ? -16.007 21.495  -0.830  1.00 68.69  ? 407  DG  C OP1   1 
ATOM   264  O OP2   . DG  B 2 4   ? -13.609 21.281  0.035   1.00 60.34  ? 407  DG  C OP2   1 
ATOM   265  O "O5'" . DG  B 2 4   ? -15.553 20.341  1.331   1.00 61.47  ? 407  DG  C "O5'" 1 
ATOM   266  C "C5'" . DG  B 2 4   ? -15.406 19.017  1.829   1.00 66.90  ? 407  DG  C "C5'" 1 
ATOM   267  C "C4'" . DG  B 2 4   ? -15.932 18.920  3.238   1.00 66.70  ? 407  DG  C "C4'" 1 
ATOM   268  O "O4'" . DG  B 2 4   ? -15.320 17.754  3.839   1.00 69.51  ? 407  DG  C "O4'" 1 
ATOM   269  C "C3'" . DG  B 2 4   ? -15.523 20.102  4.110   1.00 81.30  ? 407  DG  C "C3'" 1 
ATOM   270  O "O3'" . DG  B 2 4   ? -16.555 20.408  5.045   1.00 96.93  ? 407  DG  C "O3'" 1 
ATOM   271  C "C2'" . DG  B 2 4   ? -14.249 19.642  4.794   1.00 78.84  ? 407  DG  C "C2'" 1 
ATOM   272  C "C1'" . DG  B 2 4   ? -14.348 18.125  4.814   1.00 66.41  ? 407  DG  C "C1'" 1 
ATOM   273  N N9    . DG  B 2 4   ? -13.076 17.503  4.445   1.00 58.05  ? 407  DG  C N9    1 
ATOM   274  C C8    . DG  B 2 4   ? -12.221 17.907  3.440   1.00 59.76  ? 407  DG  C C8    1 
ATOM   275  N N7    . DG  B 2 4   ? -11.129 17.189  3.373   1.00 57.23  ? 407  DG  C N7    1 
ATOM   276  C C5    . DG  B 2 4   ? -11.275 16.248  4.384   1.00 46.12  ? 407  DG  C C5    1 
ATOM   277  C C6    . DG  B 2 4   ? -10.404 15.208  4.804   1.00 45.16  ? 407  DG  C C6    1 
ATOM   278  O O6    . DG  B 2 4   ? -9.285  14.901  4.348   1.00 36.07  ? 407  DG  C O6    1 
ATOM   279  N N1    . DG  B 2 4   ? -10.941 14.494  5.877   1.00 45.25  ? 407  DG  C N1    1 
ATOM   280  C C2    . DG  B 2 4   ? -12.154 14.760  6.473   1.00 36.98  ? 407  DG  C C2    1 
ATOM   281  N N2    . DG  B 2 4   ? -12.497 13.983  7.516   1.00 31.09  ? 407  DG  C N2    1 
ATOM   282  N N3    . DG  B 2 4   ? -12.973 15.723  6.087   1.00 37.53  ? 407  DG  C N3    1 
ATOM   283  C C4    . DG  B 2 4   ? -12.476 16.422  5.050   1.00 43.54  ? 407  DG  C C4    1 
ATOM   284  P P     . DC  B 2 5   ? -16.262 21.437  6.240   1.00 97.35  ? 408  DC  C P     1 
ATOM   285  O OP1   . DC  B 2 5   ? -17.587 21.918  6.708   1.00 89.11  ? 408  DC  C OP1   1 
ATOM   286  O OP2   . DC  B 2 5   ? -15.227 22.418  5.797   1.00 83.23  ? 408  DC  C OP2   1 
ATOM   287  O "O5'" . DC  B 2 5   ? -15.654 20.496  7.369   1.00 85.33  ? 408  DC  C "O5'" 1 
ATOM   288  C "C5'" . DC  B 2 5   ? -16.412 19.401  7.877   1.00 81.32  ? 408  DC  C "C5'" 1 
ATOM   289  C "C4'" . DC  B 2 5   ? -15.723 18.825  9.089   1.00 80.39  ? 408  DC  C "C4'" 1 
ATOM   290  O "O4'" . DC  B 2 5   ? -14.551 18.082  8.675   1.00 84.30  ? 408  DC  C "O4'" 1 
ATOM   291  C "C3'" . DC  B 2 5   ? -15.213 19.908  10.039  1.00 79.10  ? 408  DC  C "C3'" 1 
ATOM   292  O "O3'" . DC  B 2 5   ? -15.276 19.436  11.384  1.00 88.59  ? 408  DC  C "O3'" 1 
ATOM   293  C "C2'" . DC  B 2 5   ? -13.766 20.069  9.623   1.00 83.26  ? 408  DC  C "C2'" 1 
ATOM   294  C "C1'" . DC  B 2 5   ? -13.412 18.628  9.322   1.00 74.52  ? 408  DC  C "C1'" 1 
ATOM   295  N N1    . DC  B 2 5   ? -12.224 18.408  8.471   1.00 53.79  ? 408  DC  C N1    1 
ATOM   296  C C2    . DC  B 2 5   ? -11.454 17.277  8.720   1.00 51.18  ? 408  DC  C C2    1 
ATOM   297  O O2    . DC  B 2 5   ? -11.860 16.457  9.576   1.00 49.20  ? 408  DC  C O2    1 
ATOM   298  N N3    . DC  B 2 5   ? -10.301 17.090  8.026   1.00 42.87  ? 408  DC  C N3    1 
ATOM   299  C C4    . DC  B 2 5   ? -9.932  17.975  7.095   1.00 45.86  ? 408  DC  C C4    1 
ATOM   300  N N4    . DC  B 2 5   ? -8.763  17.768  6.460   1.00 33.13  ? 408  DC  C N4    1 
ATOM   301  C C5    . DC  B 2 5   ? -10.735 19.117  6.778   1.00 35.36  ? 408  DC  C C5    1 
ATOM   302  C C6    . DC  B 2 5   ? -11.861 19.294  7.488   1.00 47.14  ? 408  DC  C C6    1 
ATOM   303  P P     . DA  B 2 6   ? -14.706 20.350  12.576  1.00 99.37  ? 409  DA  C P     1 
ATOM   304  O OP1   . DA  B 2 6   ? -15.514 21.594  12.626  1.00 97.12  ? 409  DA  C OP1   1 
ATOM   305  O OP2   . DA  B 2 6   ? -13.230 20.443  12.459  1.00 90.97  ? 409  DA  C OP2   1 
ATOM   306  O "O5'" . DA  B 2 6   ? -15.029 19.492  13.874  1.00 97.24  ? 409  DA  C "O5'" 1 
ATOM   307  C "C5'" . DA  B 2 6   ? -14.872 18.076  13.868  1.00 91.59  ? 409  DA  C "C5'" 1 
ATOM   308  C "C4'" . DA  B 2 6   ? -13.558 17.697  14.511  1.00 88.87  ? 409  DA  C "C4'" 1 
ATOM   309  O "O4'" . DA  B 2 6   ? -12.531 17.450  13.517  1.00 83.72  ? 409  DA  C "O4'" 1 
ATOM   310  C "C3'" . DA  B 2 6   ? -12.986 18.743  15.473  1.00 91.26  ? 409  DA  C "C3'" 1 
ATOM   311  O "O3'" . DA  B 2 6   ? -12.615 18.126  16.708  1.00 95.43  ? 409  DA  C "O3'" 1 
ATOM   312  C "C2'" . DA  B 2 6   ? -11.765 19.280  14.740  1.00 78.22  ? 409  DA  C "C2'" 1 
ATOM   313  C "C1'" . DA  B 2 6   ? -11.326 18.074  13.930  1.00 74.28  ? 409  DA  C "C1'" 1 
ATOM   314  N N9    . DA  B 2 6   ? -10.528 18.384  12.739  1.00 64.39  ? 409  DA  C N9    1 
ATOM   315  C C8    . DA  B 2 6   ? -10.736 19.389  11.822  1.00 66.16  ? 409  DA  C C8    1 
ATOM   316  N N7    . DA  B 2 6   ? -9.817  19.457  10.887  1.00 57.91  ? 409  DA  C N7    1 
ATOM   317  C C5    . DA  B 2 6   ? -8.949  18.418  11.199  1.00 47.45  ? 409  DA  C C5    1 
ATOM   318  C C6    . DA  B 2 6   ? -7.765  17.966  10.587  1.00 49.51  ? 409  DA  C C6    1 
ATOM   319  N N6    . DA  B 2 6   ? -7.236  18.544  9.508   1.00 46.37  ? 409  DA  C N6    1 
ATOM   320  N N1    . DA  B 2 6   ? -7.137  16.894  11.132  1.00 43.68  ? 409  DA  C N1    1 
ATOM   321  C C2    . DA  B 2 6   ? -7.679  16.328  12.232  1.00 53.40  ? 409  DA  C C2    1 
ATOM   322  N N3    . DA  B 2 6   ? -8.789  16.669  12.905  1.00 45.41  ? 409  DA  C N3    1 
ATOM   323  C C4    . DA  B 2 6   ? -9.383  17.735  12.329  1.00 54.42  ? 409  DA  C C4    1 
ATOM   324  P P     . DT  B 2 7   ? -11.733 18.939  17.777  1.00 95.23  ? 410  DT  C P     1 
ATOM   325  O OP1   . DT  B 2 7   ? -12.053 18.375  19.113  1.00 88.00  ? 410  DT  C OP1   1 
ATOM   326  O OP2   . DT  B 2 7   ? -11.850 20.407  17.549  1.00 86.43  ? 410  DT  C OP2   1 
ATOM   327  O "O5'" . DT  B 2 7   ? -10.260 18.489  17.391  1.00 94.55  ? 410  DT  C "O5'" 1 
ATOM   328  C "C5'" . DT  B 2 7   ? -9.977  17.118  17.137  1.00 79.88  ? 410  DT  C "C5'" 1 
ATOM   329  C "C4'" . DT  B 2 7   ? -8.492  16.931  16.962  1.00 78.15  ? 410  DT  C "C4'" 1 
ATOM   330  O "O4'" . DT  B 2 7   ? -8.081  17.350  15.638  1.00 71.52  ? 410  DT  C "O4'" 1 
ATOM   331  C "C3'" . DT  B 2 7   ? -7.671  17.762  17.946  1.00 76.00  ? 410  DT  C "C3'" 1 
ATOM   332  O "O3'" . DT  B 2 7   ? -6.569  16.995  18.419  1.00 86.46  ? 410  DT  C "O3'" 1 
ATOM   333  C "C2'" . DT  B 2 7   ? -7.175  18.919  17.099  1.00 71.14  ? 410  DT  C "C2'" 1 
ATOM   334  C "C1'" . DT  B 2 7   ? -6.993  18.248  15.755  1.00 61.94  ? 410  DT  C "C1'" 1 
ATOM   335  N N1    . DT  B 2 7   ? -7.012  19.146  14.592  1.00 53.27  ? 410  DT  C N1    1 
ATOM   336  C C2    . DT  B 2 7   ? -5.971  19.049  13.698  1.00 48.02  ? 410  DT  C C2    1 
ATOM   337  O O2    . DT  B 2 7   ? -5.056  18.247  13.823  1.00 47.80  ? 410  DT  C O2    1 
ATOM   338  N N3    . DT  B 2 7   ? -6.042  19.921  12.639  1.00 49.08  ? 410  DT  C N3    1 
ATOM   339  C C4    . DT  B 2 7   ? -7.036  20.847  12.383  1.00 58.68  ? 410  DT  C C4    1 
ATOM   340  O O4    . DT  B 2 7   ? -6.968  21.563  11.383  1.00 62.07  ? 410  DT  C O4    1 
ATOM   341  C C5    . DT  B 2 7   ? -8.104  20.887  13.355  1.00 63.32  ? 410  DT  C C5    1 
ATOM   342  C C7    . DT  B 2 7   ? -9.232  21.849  13.147  1.00 58.59  ? 410  DT  C C7    1 
ATOM   343  C C6    . DT  B 2 7   ? -8.036  20.050  14.403  1.00 62.60  ? 410  DT  C C6    1 
ATOM   344  P P     . DG  B 2 8   ? -5.928  17.318  19.855  1.00 92.30  ? 411  DG  C P     1 
ATOM   345  O OP1   . DG  B 2 8   ? -6.049  16.096  20.703  1.00 80.34  ? 411  DG  C OP1   1 
ATOM   346  O OP2   . DG  B 2 8   ? -6.452  18.618  20.351  1.00 80.38  ? 411  DG  C OP2   1 
ATOM   347  O "O5'" . DG  B 2 8   ? -4.393  17.512  19.507  1.00 85.07  ? 411  DG  C "O5'" 1 
ATOM   348  C "C5'" . DG  B 2 8   ? -3.687  16.510  18.794  1.00 78.89  ? 411  DG  C "C5'" 1 
ATOM   349  C "C4'" . DG  B 2 8   ? -2.422  17.103  18.234  1.00 79.81  ? 411  DG  C "C4'" 1 
ATOM   350  O "O4'" . DG  B 2 8   ? -2.713  17.845  17.025  1.00 84.42  ? 411  DG  C "O4'" 1 
ATOM   351  C "C3'" . DG  B 2 8   ? -1.809  18.104  19.211  1.00 86.26  ? 411  DG  C "C3'" 1 
ATOM   352  O "O3'" . DG  B 2 8   ? -0.396  18.013  19.180  1.00 96.60  ? 411  DG  C "O3'" 1 
ATOM   353  C "C2'" . DG  B 2 8   ? -2.242  19.444  18.654  1.00 83.30  ? 411  DG  C "C2'" 1 
ATOM   354  C "C1'" . DG  B 2 8   ? -2.205  19.156  17.168  1.00 79.84  ? 411  DG  C "C1'" 1 
ATOM   355  N N9    . DG  B 2 8   ? -3.016  20.058  16.364  1.00 62.83  ? 411  DG  C N9    1 
ATOM   356  C C8    . DG  B 2 8   ? -4.233  20.606  16.693  1.00 51.77  ? 411  DG  C C8    1 
ATOM   357  N N7    . DG  B 2 8   ? -4.673  21.445  15.795  1.00 64.18  ? 411  DG  C N7    1 
ATOM   358  C C5    . DG  B 2 8   ? -3.695  21.436  14.808  1.00 52.72  ? 411  DG  C C5    1 
ATOM   359  C C6    . DG  B 2 8   ? -3.604  22.164  13.593  1.00 51.81  ? 411  DG  C C6    1 
ATOM   360  O O6    . DG  B 2 8   ? -4.397  22.997  13.133  1.00 61.72  ? 411  DG  C O6    1 
ATOM   361  N N1    . DG  B 2 8   ? -2.443  21.852  12.893  1.00 44.46  ? 411  DG  C N1    1 
ATOM   362  C C2    . DG  B 2 8   ? -1.486  20.961  13.309  1.00 44.75  ? 411  DG  C C2    1 
ATOM   363  N N2    . DG  B 2 8   ? -0.423  20.810  12.499  1.00 38.36  ? 411  DG  C N2    1 
ATOM   364  N N3    . DG  B 2 8   ? -1.560  20.274  14.440  1.00 48.47  ? 411  DG  C N3    1 
ATOM   365  C C4    . DG  B 2 8   ? -2.680  20.565  15.135  1.00 50.02  ? 411  DG  C C4    1 
ATOM   366  P P     . DC  B 2 9   ? 0.458   18.659  20.368  1.00 97.67  ? 412  DC  C P     1 
ATOM   367  O OP1   . DC  B 2 9   ? 0.878   17.535  21.247  1.00 89.69  ? 412  DC  C OP1   1 
ATOM   368  O OP2   . DC  B 2 9   ? -0.303  19.800  20.941  1.00 89.43  ? 412  DC  C OP2   1 
ATOM   369  O "O5'" . DC  B 2 9   ? 1.728   19.235  19.606  1.00 87.41  ? 412  DC  C "O5'" 1 
ATOM   370  C "C5'" . DC  B 2 9   ? 2.340   18.493  18.558  1.00 86.17  ? 412  DC  C "C5'" 1 
ATOM   371  C "C4'" . DC  B 2 9   ? 2.977   19.437  17.570  1.00 87.17  ? 412  DC  C "C4'" 1 
ATOM   372  O "O4'" . DC  B 2 9   ? 1.953   20.047  16.744  1.00 84.50  ? 412  DC  C "O4'" 1 
ATOM   373  C "C3'" . DC  B 2 9   ? 3.718   20.588  18.252  1.00 93.23  ? 412  DC  C "C3'" 1 
ATOM   374  O "O3'" . DC  B 2 9   ? 4.943   20.889  17.580  1.00 102.63 ? 412  DC  C "O3'" 1 
ATOM   375  C "C2'" . DC  B 2 9   ? 2.763   21.756  18.107  1.00 88.02  ? 412  DC  C "C2'" 1 
ATOM   376  C "C1'" . DC  B 2 9   ? 2.119   21.452  16.771  1.00 74.91  ? 412  DC  C "C1'" 1 
ATOM   377  N N1    . DC  B 2 9   ? 0.806   22.085  16.599  1.00 67.88  ? 412  DC  C N1    1 
ATOM   378  C C2    . DC  B 2 9   ? 0.599   22.885  15.475  1.00 59.17  ? 412  DC  C C2    1 
ATOM   379  O O2    . DC  B 2 9   ? 1.498   22.955  14.621  1.00 57.46  ? 412  DC  C O2    1 
ATOM   380  N N3    . DC  B 2 9   ? -0.572  23.554  15.342  1.00 61.11  ? 412  DC  C N3    1 
ATOM   381  C C4    . DC  B 2 9   ? -1.519  23.429  16.276  1.00 65.49  ? 412  DC  C C4    1 
ATOM   382  N N4    . DC  B 2 9   ? -2.645  24.137  16.122  1.00 61.91  ? 412  DC  C N4    1 
ATOM   383  C C5    . DC  B 2 9   ? -1.353  22.578  17.412  1.00 57.51  ? 412  DC  C C5    1 
ATOM   384  C C6    . DC  B 2 9   ? -0.187  21.930  17.531  1.00 59.68  ? 412  DC  C C6    1 
ATOM   385  P P     . DT  B 2 10  ? 5.924   22.001  18.194  1.00 103.57 ? 413  DT  C P     1 
ATOM   386  O OP1   . DT  B 2 10  ? 7.286   21.409  18.276  1.00 97.50  ? 413  DT  C OP1   1 
ATOM   387  O OP2   . DT  B 2 10  ? 5.282   22.557  19.416  1.00 99.06  ? 413  DT  C OP2   1 
ATOM   388  O "O5'" . DT  B 2 10  ? 5.940   23.138  17.086  1.00 98.85  ? 413  DT  C "O5'" 1 
ATOM   389  C "C5'" . DT  B 2 10  ? 6.233   22.826  15.732  1.00 96.98  ? 413  DT  C "C5'" 1 
ATOM   390  C "C4'" . DT  B 2 10  ? 6.056   24.056  14.879  1.00 97.53  ? 413  DT  C "C4'" 1 
ATOM   391  O "O4'" . DT  B 2 10  ? 4.649   24.401  14.839  1.00 93.09  ? 413  DT  C "O4'" 1 
ATOM   392  C "C3'" . DT  B 2 10  ? 6.762   25.283  15.455  1.00 98.32  ? 413  DT  C "C3'" 1 
ATOM   393  O "O3'" . DT  B 2 10  ? 6.994   26.218  14.400  1.00 105.53 ? 413  DT  C "O3'" 1 
ATOM   394  C "C2'" . DT  B 2 10  ? 5.671   25.915  16.299  1.00 96.29  ? 413  DT  C "C2'" 1 
ATOM   395  C "C1'" . DT  B 2 10  ? 4.478   25.696  15.391  1.00 80.75  ? 413  DT  C "C1'" 1 
ATOM   396  N N1    . DT  B 2 10  ? 3.147   25.770  16.019  1.00 71.05  ? 413  DT  C N1    1 
ATOM   397  C C2    . DT  B 2 10  ? 2.196   26.463  15.314  1.00 64.56  ? 413  DT  C C2    1 
ATOM   398  O O2    . DT  B 2 10  ? 2.428   26.972  14.224  1.00 47.39  ? 413  DT  C O2    1 
ATOM   399  N N3    . DT  B 2 10  ? 0.966   26.542  15.931  1.00 59.99  ? 413  DT  C N3    1 
ATOM   400  C C4    . DT  B 2 10  ? 0.607   26.001  17.156  1.00 59.78  ? 413  DT  C C4    1 
ATOM   401  O O4    . DT  B 2 10  ? -0.535  26.163  17.589  1.00 60.97  ? 413  DT  C O4    1 
ATOM   402  C C5    . DT  B 2 10  ? 1.651   25.270  17.839  1.00 59.23  ? 413  DT  C C5    1 
ATOM   403  C C7    . DT  B 2 10  ? 1.340   24.636  19.161  1.00 40.44  ? 413  DT  C C7    1 
ATOM   404  C C6    . DT  B 2 10  ? 2.859   25.192  17.244  1.00 66.84  ? 413  DT  C C6    1 
ATOM   405  N N     . SER C 3 5   ? 6.901   18.704  -15.173 1.00 76.11  ? 1245 SER A N     1 
ATOM   406  C CA    . SER C 3 5   ? 5.480   18.481  -14.777 1.00 81.52  ? 1245 SER A CA    1 
ATOM   407  C C     . SER C 3 5   ? 5.270   18.866  -13.321 1.00 79.49  ? 1245 SER A C     1 
ATOM   408  O O     . SER C 3 5   ? 6.069   18.511  -12.450 1.00 77.30  ? 1245 SER A O     1 
ATOM   409  C CB    . SER C 3 5   ? 5.085   17.010  -14.971 1.00 87.08  ? 1245 SER A CB    1 
ATOM   410  O OG    . SER C 3 5   ? 3.737   16.781  -14.575 1.00 85.29  ? 1245 SER A OG    1 
ATOM   411  N N     . SER C 3 6   ? 4.183   19.583  -13.062 1.00 76.27  ? 1246 SER A N     1 
ATOM   412  C CA    . SER C 3 6   ? 3.867   20.026  -11.715 1.00 72.76  ? 1246 SER A CA    1 
ATOM   413  C C     . SER C 3 6   ? 2.675   19.262  -11.183 1.00 70.85  ? 1246 SER A C     1 
ATOM   414  O O     . SER C 3 6   ? 2.489   19.146  -9.970  1.00 73.48  ? 1246 SER A O     1 
ATOM   415  C CB    . SER C 3 6   ? 3.536   21.512  -11.716 1.00 68.87  ? 1246 SER A CB    1 
ATOM   416  O OG    . SER C 3 6   ? 2.371   21.741  -12.491 1.00 80.36  ? 1246 SER A OG    1 
ATOM   417  N N     . THR C 3 7   ? 1.859   18.749  -12.094 1.00 64.48  ? 1247 THR A N     1 
ATOM   418  C CA    . THR C 3 7   ? 0.677   18.017  -11.679 1.00 65.52  ? 1247 THR A CA    1 
ATOM   419  C C     . THR C 3 7   ? 0.765   16.509  -11.866 1.00 61.31  ? 1247 THR A C     1 
ATOM   420  O O     . THR C 3 7   ? 1.401   16.003  -12.793 1.00 63.94  ? 1247 THR A O     1 
ATOM   421  C CB    . THR C 3 7   ? -0.598  18.557  -12.388 1.00 68.96  ? 1247 THR A CB    1 
ATOM   422  O OG1   . THR C 3 7   ? -0.302  18.855  -13.759 1.00 72.22  ? 1247 THR A OG1   1 
ATOM   423  C CG2   . THR C 3 7   ? -1.108  19.818  -11.688 1.00 66.86  ? 1247 THR A CG2   1 
ATOM   424  N N     . LEU C 3 8   ? 0.121   15.801  -10.947 1.00 56.43  ? 1248 LEU A N     1 
ATOM   425  C CA    . LEU C 3 8   ? 0.090   14.357  -10.968 1.00 49.19  ? 1248 LEU A CA    1 
ATOM   426  C C     . LEU C 3 8   ? -0.890  13.876  -12.024 1.00 51.13  ? 1248 LEU A C     1 
ATOM   427  O O     . LEU C 3 8   ? -2.094  14.101  -11.923 1.00 47.75  ? 1248 LEU A O     1 
ATOM   428  C CB    . LEU C 3 8   ? -0.318  13.838  -9.593  1.00 49.72  ? 1248 LEU A CB    1 
ATOM   429  C CG    . LEU C 3 8   ? 0.659   14.255  -8.497  1.00 52.87  ? 1248 LEU A CG    1 
ATOM   430  C CD1   . LEU C 3 8   ? 0.151   13.820  -7.133  1.00 54.88  ? 1248 LEU A CD1   1 
ATOM   431  C CD2   . LEU C 3 8   ? 2.014   13.630  -8.788  1.00 56.63  ? 1248 LEU A CD2   1 
ATOM   432  N N     . THR C 3 9   ? -0.360  13.211  -13.042 1.00 50.77  ? 1249 THR A N     1 
ATOM   433  C CA    . THR C 3 9   ? -1.172  12.677  -14.126 1.00 45.18  ? 1249 THR A CA    1 
ATOM   434  C C     . THR C 3 9   ? -1.706  11.309  -13.719 1.00 47.71  ? 1249 THR A C     1 
ATOM   435  O O     . THR C 3 9   ? -1.186  10.681  -12.796 1.00 49.29  ? 1249 THR A O     1 
ATOM   436  C CB    . THR C 3 9   ? -0.326  12.481  -15.372 1.00 52.14  ? 1249 THR A CB    1 
ATOM   437  O OG1   . THR C 3 9   ? 0.484   11.312  -15.205 1.00 55.10  ? 1249 THR A OG1   1 
ATOM   438  C CG2   . THR C 3 9   ? 0.586   13.685  -15.586 1.00 49.13  ? 1249 THR A CG2   1 
ATOM   439  N N     . PRO C 3 10  ? -2.753  10.823  -14.406 1.00 50.30  ? 1250 PRO A N     1 
ATOM   440  C CA    . PRO C 3 10  ? -3.343  9.514   -14.099 1.00 53.46  ? 1250 PRO A CA    1 
ATOM   441  C C     . PRO C 3 10  ? -2.362  8.327   -14.188 1.00 52.50  ? 1250 PRO A C     1 
ATOM   442  O O     . PRO C 3 10  ? -2.676  7.229   -13.732 1.00 54.50  ? 1250 PRO A O     1 
ATOM   443  C CB    . PRO C 3 10  ? -4.484  9.408   -15.108 1.00 47.56  ? 1250 PRO A CB    1 
ATOM   444  C CG    . PRO C 3 10  ? -4.913  10.826  -15.238 1.00 51.87  ? 1250 PRO A CG    1 
ATOM   445  C CD    . PRO C 3 10  ? -3.600  11.559  -15.357 1.00 48.55  ? 1250 PRO A CD    1 
ATOM   446  N N     . MET C 3 11  ? -1.188  8.540   -14.783 1.00 50.44  ? 1251 MET A N     1 
ATOM   447  C CA    . MET C 3 11  ? -0.190  7.476   -14.869 1.00 46.82  ? 1251 MET A CA    1 
ATOM   448  C C     . MET C 3 11  ? 0.575   7.505   -13.547 1.00 46.69  ? 1251 MET A C     1 
ATOM   449  O O     . MET C 3 11  ? 0.937   6.460   -12.993 1.00 41.89  ? 1251 MET A O     1 
ATOM   450  C CB    . MET C 3 11  ? 0.777   7.727   -16.022 1.00 57.38  ? 1251 MET A CB    1 
ATOM   451  C CG    . MET C 3 11  ? 0.119   7.824   -17.379 1.00 73.67  ? 1251 MET A CG    1 
ATOM   452  S SD    . MET C 3 11  ? 1.243   8.530   -18.600 1.00 94.15  ? 1251 MET A SD    1 
ATOM   453  C CE    . MET C 3 11  ? 1.042   10.297  -18.283 1.00 75.22  ? 1251 MET A CE    1 
ATOM   454  N N     . HIS C 3 12  ? 0.816   8.715   -13.046 1.00 33.68  ? 1252 HIS A N     1 
ATOM   455  C CA    . HIS C 3 12  ? 1.509   8.887   -11.779 1.00 32.15  ? 1252 HIS A CA    1 
ATOM   456  C C     . HIS C 3 12  ? 0.771   8.070   -10.730 1.00 35.77  ? 1252 HIS A C     1 
ATOM   457  O O     . HIS C 3 12  ? 1.389   7.453   -9.862  1.00 41.94  ? 1252 HIS A O     1 
ATOM   458  C CB    . HIS C 3 12  ? 1.521   10.357  -11.368 1.00 38.24  ? 1252 HIS A CB    1 
ATOM   459  C CG    . HIS C 3 12  ? 2.333   11.232  -12.272 1.00 53.26  ? 1252 HIS A CG    1 
ATOM   460  N ND1   . HIS C 3 12  ? 2.548   10.936  -13.602 1.00 62.11  ? 1252 HIS A ND1   1 
ATOM   461  C CD2   . HIS C 3 12  ? 2.941   12.421  -12.050 1.00 56.55  ? 1252 HIS A CD2   1 
ATOM   462  C CE1   . HIS C 3 12  ? 3.252   11.905  -14.158 1.00 54.27  ? 1252 HIS A CE1   1 
ATOM   463  N NE2   . HIS C 3 12  ? 3.502   12.818  -13.238 1.00 57.11  ? 1252 HIS A NE2   1 
ATOM   464  N N     . LEU C 3 13  ? -0.555  8.069   -10.805 1.00 31.53  ? 1253 LEU A N     1 
ATOM   465  C CA    . LEU C 3 13  ? -1.333  7.297   -9.852  1.00 41.53  ? 1253 LEU A CA    1 
ATOM   466  C C     . LEU C 3 13  ? -1.140  5.811   -10.138 1.00 45.36  ? 1253 LEU A C     1 
ATOM   467  O O     . LEU C 3 13  ? -0.803  5.035   -9.245  1.00 50.77  ? 1253 LEU A O     1 
ATOM   468  C CB    . LEU C 3 13  ? -2.822  7.642   -9.941  1.00 42.91  ? 1253 LEU A CB    1 
ATOM   469  C CG    . LEU C 3 13  ? -3.736  6.818   -9.016  1.00 47.58  ? 1253 LEU A CG    1 
ATOM   470  C CD1   . LEU C 3 13  ? -3.313  7.019   -7.570  1.00 40.86  ? 1253 LEU A CD1   1 
ATOM   471  C CD2   . LEU C 3 13  ? -5.192  7.226   -9.205  1.00 45.48  ? 1253 LEU A CD2   1 
ATOM   472  N N     . ARG C 3 14  ? -1.354  5.416   -11.388 1.00 46.68  ? 1254 ARG A N     1 
ATOM   473  C CA    . ARG C 3 14  ? -1.199  4.018   -11.773 1.00 44.75  ? 1254 ARG A CA    1 
ATOM   474  C C     . ARG C 3 14  ? 0.152   3.547   -11.218 1.00 42.80  ? 1254 ARG A C     1 
ATOM   475  O O     . ARG C 3 14  ? 0.285   2.430   -10.711 1.00 33.73  ? 1254 ARG A O     1 
ATOM   476  C CB    . ARG C 3 14  ? -1.255  3.915   -13.301 1.00 50.50  ? 1254 ARG A CB    1 
ATOM   477  C CG    . ARG C 3 14  ? -2.011  2.701   -13.861 1.00 66.35  ? 1254 ARG A CG    1 
ATOM   478  C CD    . ARG C 3 14  ? -2.751  3.043   -15.168 1.00 63.67  ? 1254 ARG A CD    1 
ATOM   479  N NE    . ARG C 3 14  ? -2.049  4.057   -15.965 1.00 86.19  ? 1254 ARG A NE    1 
ATOM   480  C CZ    . ARG C 3 14  ? -0.951  3.846   -16.695 1.00 89.90  ? 1254 ARG A CZ    1 
ATOM   481  N NH1   . ARG C 3 14  ? -0.401  2.638   -16.756 1.00 89.42  ? 1254 ARG A NH1   1 
ATOM   482  N NH2   . ARG C 3 14  ? -0.390  4.856   -17.359 1.00 81.92  ? 1254 ARG A NH2   1 
ATOM   483  N N     . LYS C 3 15  ? 1.142   4.431   -11.280 1.00 38.86  ? 1255 LYS A N     1 
ATOM   484  C CA    . LYS C 3 15  ? 2.480   4.133   -10.785 1.00 34.84  ? 1255 LYS A CA    1 
ATOM   485  C C     . LYS C 3 15  ? 2.494   4.015   -9.268  1.00 36.04  ? 1255 LYS A C     1 
ATOM   486  O O     . LYS C 3 15  ? 3.008   3.036   -8.715  1.00 40.06  ? 1255 LYS A O     1 
ATOM   487  C CB    . LYS C 3 15  ? 3.453   5.236   -11.201 1.00 32.81  ? 1255 LYS A CB    1 
ATOM   488  C CG    . LYS C 3 15  ? 4.860   5.062   -10.633 1.00 34.15  ? 1255 LYS A CG    1 
ATOM   489  C CD    . LYS C 3 15  ? 5.732   6.299   -10.881 1.00 34.12  ? 1255 LYS A CD    1 
ATOM   490  C CE    . LYS C 3 15  ? 7.206   5.997   -10.627 1.00 31.50  ? 1255 LYS A CE    1 
ATOM   491  N NZ    . LYS C 3 15  ? 8.116   7.101   -11.044 1.00 42.57  ? 1255 LYS A NZ    1 
ATOM   492  N N     . ALA C 3 16  ? 1.946   5.030   -8.601  1.00 26.13  ? 1256 ALA A N     1 
ATOM   493  C CA    . ALA C 3 16  ? 1.896   5.059   -7.143  1.00 26.98  ? 1256 ALA A CA    1 
ATOM   494  C C     . ALA C 3 16  ? 1.273   3.787   -6.581  1.00 26.38  ? 1256 ALA A C     1 
ATOM   495  O O     . ALA C 3 16  ? 1.812   3.182   -5.660  1.00 30.18  ? 1256 ALA A O     1 
ATOM   496  C CB    . ALA C 3 16  ? 1.120   6.270   -6.673  1.00 22.87  ? 1256 ALA A CB    1 
ATOM   497  N N     . LYS C 3 17  ? 0.141   3.375   -7.134  1.00 28.47  ? 1257 LYS A N     1 
ATOM   498  C CA    . LYS C 3 17  ? -0.498  2.159   -6.666  1.00 21.83  ? 1257 LYS A CA    1 
ATOM   499  C C     . LYS C 3 17  ? 0.488   0.997   -6.718  1.00 21.41  ? 1257 LYS A C     1 
ATOM   500  O O     . LYS C 3 17  ? 0.552   0.196   -5.789  1.00 28.29  ? 1257 LYS A O     1 
ATOM   501  C CB    . LYS C 3 17  ? -1.732  1.837   -7.510  1.00 27.21  ? 1257 LYS A CB    1 
ATOM   502  C CG    . LYS C 3 17  ? -2.833  2.895   -7.415  1.00 25.22  ? 1257 LYS A CG    1 
ATOM   503  C CD    . LYS C 3 17  ? -4.121  2.476   -8.122  1.00 23.86  ? 1257 LYS A CD    1 
ATOM   504  C CE    . LYS C 3 17  ? -5.264  3.423   -7.739  1.00 44.02  ? 1257 LYS A CE    1 
ATOM   505  N NZ    . LYS C 3 17  ? -6.592  2.725   -7.697  1.00 43.36  ? 1257 LYS A NZ    1 
ATOM   506  N N     . LEU C 3 18  ? 1.273   0.907   -7.788  1.00 28.08  ? 1258 LEU A N     1 
ATOM   507  C CA    . LEU C 3 18  ? 2.240   -0.187  -7.909  1.00 30.71  ? 1258 LEU A CA    1 
ATOM   508  C C     . LEU C 3 18  ? 3.273   -0.153  -6.791  1.00 31.74  ? 1258 LEU A C     1 
ATOM   509  O O     . LEU C 3 18  ? 3.557   -1.173  -6.154  1.00 20.26  ? 1258 LEU A O     1 
ATOM   510  C CB    . LEU C 3 18  ? 2.949   -0.148  -9.266  1.00 36.53  ? 1258 LEU A CB    1 
ATOM   511  C CG    . LEU C 3 18  ? 2.145   -0.633  -10.485 1.00 46.92  ? 1258 LEU A CG    1 
ATOM   512  C CD1   . LEU C 3 18  ? 3.030   -0.632  -11.737 1.00 36.08  ? 1258 LEU A CD1   1 
ATOM   513  C CD2   . LEU C 3 18  ? 1.615   -2.040  -10.220 1.00 37.41  ? 1258 LEU A CD2   1 
ATOM   514  N N     . MET C 3 19  ? 3.830   1.025   -6.551  1.00 27.77  ? 1259 MET A N     1 
ATOM   515  C CA    . MET C 3 19  ? 4.818   1.186   -5.495  1.00 30.74  ? 1259 MET A CA    1 
ATOM   516  C C     . MET C 3 19  ? 4.320   0.630   -4.162  1.00 29.75  ? 1259 MET A C     1 
ATOM   517  O O     . MET C 3 19  ? 5.101   0.122   -3.347  1.00 27.06  ? 1259 MET A O     1 
ATOM   518  C CB    . MET C 3 19  ? 5.148   2.665   -5.319  1.00 31.59  ? 1259 MET A CB    1 
ATOM   519  C CG    . MET C 3 19  ? 5.836   3.279   -6.517  1.00 37.52  ? 1259 MET A CG    1 
ATOM   520  S SD    . MET C 3 19  ? 6.341   4.961   -6.171  1.00 35.30  ? 1259 MET A SD    1 
ATOM   521  C CE    . MET C 3 19  ? 7.158   4.739   -4.594  1.00 37.45  ? 1259 MET A CE    1 
ATOM   522  N N     . PHE C 3 20  ? 3.011   0.720   -3.950  1.00 21.22  ? 1260 PHE A N     1 
ATOM   523  C CA    . PHE C 3 20  ? 2.418   0.276   -2.700  1.00 25.56  ? 1260 PHE A CA    1 
ATOM   524  C C     . PHE C 3 20  ? 2.755   -1.171  -2.366  1.00 18.46  ? 1260 PHE A C     1 
ATOM   525  O O     . PHE C 3 20  ? 2.637   -1.605  -1.227  1.00 22.89  ? 1260 PHE A O     1 
ATOM   526  C CB    . PHE C 3 20  ? 0.912   0.479   -2.748  1.00 18.68  ? 1260 PHE A CB    1 
ATOM   527  C CG    . PHE C 3 20  ? 0.221   0.129   -1.475  1.00 12.94  ? 1260 PHE A CG    1 
ATOM   528  C CD1   . PHE C 3 20  ? 0.335   0.949   -0.362  1.00 23.71  ? 1260 PHE A CD1   1 
ATOM   529  C CD2   . PHE C 3 20  ? -0.562  -1.014  -1.389  1.00 14.70  ? 1260 PHE A CD2   1 
ATOM   530  C CE1   . PHE C 3 20  ? -0.325  0.645   0.833   1.00 24.81  ? 1260 PHE A CE1   1 
ATOM   531  C CE2   . PHE C 3 20  ? -1.228  -1.334  -0.200  1.00 29.49  ? 1260 PHE A CE2   1 
ATOM   532  C CZ    . PHE C 3 20  ? -1.107  -0.496  0.918   1.00 14.79  ? 1260 PHE A CZ    1 
ATOM   533  N N     . PHE C 3 21  ? 3.165   -1.917  -3.370  1.00 25.04  ? 1261 PHE A N     1 
ATOM   534  C CA    . PHE C 3 21  ? 3.545   -3.304  -3.165  1.00 31.35  ? 1261 PHE A CA    1 
ATOM   535  C C     . PHE C 3 21  ? 4.803   -3.361  -2.302  1.00 32.10  ? 1261 PHE A C     1 
ATOM   536  O O     . PHE C 3 21  ? 5.048   -4.334  -1.595  1.00 38.52  ? 1261 PHE A O     1 
ATOM   537  C CB    . PHE C 3 21  ? 3.838   -3.949  -4.512  1.00 32.09  ? 1261 PHE A CB    1 
ATOM   538  C CG    . PHE C 3 21  ? 2.615   -4.344  -5.277  1.00 34.60  ? 1261 PHE A CG    1 
ATOM   539  C CD1   . PHE C 3 21  ? 2.627   -4.357  -6.663  1.00 34.66  ? 1261 PHE A CD1   1 
ATOM   540  C CD2   . PHE C 3 21  ? 1.480   -4.789  -4.619  1.00 30.23  ? 1261 PHE A CD2   1 
ATOM   541  C CE1   . PHE C 3 21  ? 1.530   -4.814  -7.373  1.00 30.63  ? 1261 PHE A CE1   1 
ATOM   542  C CE2   . PHE C 3 21  ? 0.374   -5.250  -5.333  1.00 24.04  ? 1261 PHE A CE2   1 
ATOM   543  C CZ    . PHE C 3 21  ? 0.402   -5.262  -6.702  1.00 19.13  ? 1261 PHE A CZ    1 
ATOM   544  N N     . TRP C 3 22  ? 5.599   -2.301  -2.374  1.00 33.62  ? 1262 TRP A N     1 
ATOM   545  C CA    . TRP C 3 22  ? 6.855   -2.210  -1.633  1.00 26.11  ? 1262 TRP A CA    1 
ATOM   546  C C     . TRP C 3 22  ? 6.785   -1.302  -0.410  1.00 22.20  ? 1262 TRP A C     1 
ATOM   547  O O     . TRP C 3 22  ? 7.501   -1.503  0.570   1.00 16.88  ? 1262 TRP A O     1 
ATOM   548  C CB    . TRP C 3 22  ? 7.961   -1.662  -2.544  1.00 29.16  ? 1262 TRP A CB    1 
ATOM   549  C CG    . TRP C 3 22  ? 8.476   -2.615  -3.558  1.00 31.20  ? 1262 TRP A CG    1 
ATOM   550  C CD1   . TRP C 3 22  ? 9.549   -3.441  -3.430  1.00 28.52  ? 1262 TRP A CD1   1 
ATOM   551  C CD2   . TRP C 3 22  ? 7.922   -2.871  -4.847  1.00 25.81  ? 1262 TRP A CD2   1 
ATOM   552  N NE1   . TRP C 3 22  ? 9.703   -4.201  -4.560  1.00 30.60  ? 1262 TRP A NE1   1 
ATOM   553  C CE2   . TRP C 3 22  ? 8.712   -3.874  -5.449  1.00 36.09  ? 1262 TRP A CE2   1 
ATOM   554  C CE3   . TRP C 3 22  ? 6.834   -2.352  -5.554  1.00 30.58  ? 1262 TRP A CE3   1 
ATOM   555  C CZ2   . TRP C 3 22  ? 8.446   -4.374  -6.732  1.00 38.02  ? 1262 TRP A CZ2   1 
ATOM   556  C CZ3   . TRP C 3 22  ? 6.569   -2.845  -6.833  1.00 42.52  ? 1262 TRP A CZ3   1 
ATOM   557  C CH2   . TRP C 3 22  ? 7.374   -3.847  -7.407  1.00 29.76  ? 1262 TRP A CH2   1 
ATOM   558  N N     . VAL C 3 23  ? 5.934   -0.289  -0.469  1.00 21.47  ? 1263 VAL A N     1 
ATOM   559  C CA    . VAL C 3 23  ? 5.874   0.648   0.627   1.00 27.08  ? 1263 VAL A CA    1 
ATOM   560  C C     . VAL C 3 23  ? 4.474   1.078   0.977   1.00 29.33  ? 1263 VAL A C     1 
ATOM   561  O O     . VAL C 3 23  ? 3.715   1.522   0.121   1.00 37.07  ? 1263 VAL A O     1 
ATOM   562  C CB    . VAL C 3 23  ? 6.700   1.895   0.281   1.00 35.83  ? 1263 VAL A CB    1 
ATOM   563  C CG1   . VAL C 3 23  ? 8.148   1.491   0.011   1.00 28.04  ? 1263 VAL A CG1   1 
ATOM   564  C CG2   . VAL C 3 23  ? 6.108   2.581   -0.961  1.00 31.67  ? 1263 VAL A CG2   1 
ATOM   565  N N     . ARG C 3 24  ? 4.140   0.946   2.249   1.00 27.11  ? 1264 ARG A N     1 
ATOM   566  C CA    . ARG C 3 24  ? 2.832   1.343   2.734   1.00 28.73  ? 1264 ARG A CA    1 
ATOM   567  C C     . ARG C 3 24  ? 2.927   2.746   3.335   1.00 32.59  ? 1264 ARG A C     1 
ATOM   568  O O     . ARG C 3 24  ? 1.999   3.556   3.208   1.00 40.30  ? 1264 ARG A O     1 
ATOM   569  C CB    . ARG C 3 24  ? 2.339   0.341   3.776   1.00 25.47  ? 1264 ARG A CB    1 
ATOM   570  C CG    . ARG C 3 24  ? 1.681   -0.914  3.182   1.00 34.53  ? 1264 ARG A CG    1 
ATOM   571  C CD    . ARG C 3 24  ? 2.524   -1.624  2.117   1.00 27.03  ? 1264 ARG A CD    1 
ATOM   572  N NE    . ARG C 3 24  ? 3.665   -2.358  2.659   1.00 26.50  ? 1264 ARG A NE    1 
ATOM   573  C CZ    . ARG C 3 24  ? 4.572   -2.985  1.904   1.00 37.68  ? 1264 ARG A CZ    1 
ATOM   574  N NH1   . ARG C 3 24  ? 4.462   -2.963  0.576   1.00 25.03  ? 1264 ARG A NH1   1 
ATOM   575  N NH2   . ARG C 3 24  ? 5.594   -3.634  2.468   1.00 27.28  ? 1264 ARG A NH2   1 
ATOM   576  N N     . TYR C 3 25  ? 4.060   3.044   3.967   1.00 30.08  ? 1265 TYR A N     1 
ATOM   577  C CA    . TYR C 3 25  ? 4.253   4.355   4.573   1.00 21.29  ? 1265 TYR A CA    1 
ATOM   578  C C     . TYR C 3 25  ? 5.453   5.099   4.023   1.00 18.90  ? 1265 TYR A C     1 
ATOM   579  O O     . TYR C 3 25  ? 6.385   5.410   4.756   1.00 23.31  ? 1265 TYR A O     1 
ATOM   580  C CB    . TYR C 3 25  ? 4.407   4.231   6.091   1.00 22.86  ? 1265 TYR A CB    1 
ATOM   581  C CG    . TYR C 3 25  ? 3.202   3.644   6.782   1.00 35.98  ? 1265 TYR A CG    1 
ATOM   582  C CD1   . TYR C 3 25  ? 2.972   2.266   6.776   1.00 36.59  ? 1265 TYR A CD1   1 
ATOM   583  C CD2   . TYR C 3 25  ? 2.271   4.470   7.418   1.00 22.77  ? 1265 TYR A CD2   1 
ATOM   584  C CE1   . TYR C 3 25  ? 1.847   1.721   7.392   1.00 27.61  ? 1265 TYR A CE1   1 
ATOM   585  C CE2   . TYR C 3 25  ? 1.144   3.939   8.027   1.00 34.71  ? 1265 TYR A CE2   1 
ATOM   586  C CZ    . TYR C 3 25  ? 0.935   2.562   8.015   1.00 33.70  ? 1265 TYR A CZ    1 
ATOM   587  O OH    . TYR C 3 25  ? -0.185  2.035   8.630   1.00 30.59  ? 1265 TYR A OH    1 
ATOM   588  N N     . PRO C 3 26  ? 5.455   5.398   2.723   1.00 23.36  ? 1266 PRO A N     1 
ATOM   589  C CA    . PRO C 3 26  ? 6.607   6.122   2.175   1.00 18.67  ? 1266 PRO A CA    1 
ATOM   590  C C     . PRO C 3 26  ? 6.728   7.557   2.686   1.00 23.81  ? 1266 PRO A C     1 
ATOM   591  O O     . PRO C 3 26  ? 5.737   8.301   2.718   1.00 28.52  ? 1266 PRO A O     1 
ATOM   592  C CB    . PRO C 3 26  ? 6.357   6.078   0.668   1.00 24.01  ? 1266 PRO A CB    1 
ATOM   593  C CG    . PRO C 3 26  ? 4.858   6.056   0.568   1.00 6.82   ? 1266 PRO A CG    1 
ATOM   594  C CD    . PRO C 3 26  ? 4.488   5.062   1.668   1.00 12.22  ? 1266 PRO A CD    1 
ATOM   595  N N     . SER C 3 27  ? 7.938   7.939   3.084   1.00 26.80  ? 1267 SER A N     1 
ATOM   596  C CA    . SER C 3 27  ? 8.207   9.297   3.561   1.00 26.97  ? 1267 SER A CA    1 
ATOM   597  C C     . SER C 3 27  ? 8.104   10.220  2.352   1.00 34.64  ? 1267 SER A C     1 
ATOM   598  O O     . SER C 3 27  ? 8.484   9.839   1.240   1.00 37.93  ? 1267 SER A O     1 
ATOM   599  C CB    . SER C 3 27  ? 9.626   9.406   4.106   1.00 26.80  ? 1267 SER A CB    1 
ATOM   600  O OG    . SER C 3 27  ? 10.548  9.537   3.032   1.00 25.63  ? 1267 SER A OG    1 
ATOM   601  N N     . SER C 3 28  ? 7.608   11.432  2.562   1.00 40.71  ? 1268 SER A N     1 
ATOM   602  C CA    . SER C 3 28  ? 7.483   12.366  1.453   1.00 43.01  ? 1268 SER A CA    1 
ATOM   603  C C     . SER C 3 28  ? 8.871   12.551  0.868   1.00 42.21  ? 1268 SER A C     1 
ATOM   604  O O     . SER C 3 28  ? 9.021   12.855  -0.312  1.00 40.84  ? 1268 SER A O     1 
ATOM   605  C CB    . SER C 3 28  ? 6.951   13.721  1.926   1.00 50.59  ? 1268 SER A CB    1 
ATOM   606  O OG    . SER C 3 28  ? 8.011   14.570  2.347   1.00 49.16  ? 1268 SER A OG    1 
ATOM   607  N N     . ALA C 3 29  ? 9.887   12.364  1.705   1.00 35.43  ? 1269 ALA A N     1 
ATOM   608  C CA    . ALA C 3 29  ? 11.261  12.513  1.259   1.00 45.12  ? 1269 ALA A CA    1 
ATOM   609  C C     . ALA C 3 29  ? 11.517  11.521  0.137   1.00 47.23  ? 1269 ALA A C     1 
ATOM   610  O O     . ALA C 3 29  ? 12.069  11.866  -0.912  1.00 49.08  ? 1269 ALA A O     1 
ATOM   611  C CB    . ALA C 3 29  ? 12.223  12.260  2.413   1.00 50.89  ? 1269 ALA A CB    1 
ATOM   612  N N     . VAL C 3 30  ? 11.096  10.286  0.357   1.00 47.00  ? 1270 VAL A N     1 
ATOM   613  C CA    . VAL C 3 30  ? 11.286  9.241   -0.635  1.00 45.25  ? 1270 VAL A CA    1 
ATOM   614  C C     . VAL C 3 30  ? 10.374  9.366   -1.850  1.00 45.08  ? 1270 VAL A C     1 
ATOM   615  O O     . VAL C 3 30  ? 10.786  9.071   -2.977  1.00 48.44  ? 1270 VAL A O     1 
ATOM   616  C CB    . VAL C 3 30  ? 11.059  7.860   -0.018  1.00 43.94  ? 1270 VAL A CB    1 
ATOM   617  C CG1   . VAL C 3 30  ? 10.862  6.833   -1.111  1.00 43.18  ? 1270 VAL A CG1   1 
ATOM   618  C CG2   . VAL C 3 30  ? 12.241  7.488   0.846   1.00 49.03  ? 1270 VAL A CG2   1 
ATOM   619  N N     . LEU C 3 31  ? 9.134   9.779   -1.626  1.00 36.18  ? 1271 LEU A N     1 
ATOM   620  C CA    . LEU C 3 31  ? 8.202   9.890   -2.726  1.00 38.06  ? 1271 LEU A CA    1 
ATOM   621  C C     . LEU C 3 31  ? 8.768   10.778  -3.812  1.00 43.52  ? 1271 LEU A C     1 
ATOM   622  O O     . LEU C 3 31  ? 8.729   10.450  -5.000  1.00 49.19  ? 1271 LEU A O     1 
ATOM   623  C CB    . LEU C 3 31  ? 6.871   10.439  -2.228  1.00 31.81  ? 1271 LEU A CB    1 
ATOM   624  C CG    . LEU C 3 31  ? 6.216   9.484   -1.240  1.00 33.64  ? 1271 LEU A CG    1 
ATOM   625  C CD1   . LEU C 3 31  ? 4.913   10.064  -0.737  1.00 50.61  ? 1271 LEU A CD1   1 
ATOM   626  C CD2   . LEU C 3 31  ? 5.967   8.154   -1.928  1.00 37.43  ? 1271 LEU A CD2   1 
ATOM   627  N N     . LYS C 3 32  ? 9.308   11.912  -3.405  1.00 49.65  ? 1272 LYS A N     1 
ATOM   628  C CA    . LYS C 3 32  ? 9.866   12.821  -4.377  1.00 50.96  ? 1272 LYS A CA    1 
ATOM   629  C C     . LYS C 3 32  ? 10.885  12.082  -5.225  1.00 48.01  ? 1272 LYS A C     1 
ATOM   630  O O     . LYS C 3 32  ? 10.748  12.026  -6.444  1.00 61.18  ? 1272 LYS A O     1 
ATOM   631  C CB    . LYS C 3 32  ? 10.492  14.012  -3.661  1.00 49.67  ? 1272 LYS A CB    1 
ATOM   632  C CG    . LYS C 3 32  ? 9.455   14.845  -2.929  1.00 56.40  ? 1272 LYS A CG    1 
ATOM   633  C CD    . LYS C 3 32  ? 10.113  15.901  -2.073  1.00 65.49  ? 1272 LYS A CD    1 
ATOM   634  C CE    . LYS C 3 32  ? 9.081   16.791  -1.412  1.00 52.11  ? 1272 LYS A CE    1 
ATOM   635  N NZ    . LYS C 3 32  ? 9.768   17.925  -0.745  1.00 62.74  ? 1272 LYS A NZ    1 
ATOM   636  N N     . MET C 3 33  ? 11.884  11.488  -4.578  1.00 46.65  ? 1273 MET A N     1 
ATOM   637  C CA    . MET C 3 33  ? 12.931  10.761  -5.290  1.00 46.07  ? 1273 MET A CA    1 
ATOM   638  C C     . MET C 3 33  ? 12.403  9.877   -6.406  1.00 45.52  ? 1273 MET A C     1 
ATOM   639  O O     . MET C 3 33  ? 13.006  9.810   -7.473  1.00 44.03  ? 1273 MET A O     1 
ATOM   640  C CB    . MET C 3 33  ? 13.755  9.910   -4.326  1.00 48.94  ? 1273 MET A CB    1 
ATOM   641  C CG    . MET C 3 33  ? 14.663  10.719  -3.427  1.00 58.73  ? 1273 MET A CG    1 
ATOM   642  S SD    . MET C 3 33  ? 15.624  9.669   -2.319  1.00 79.23  ? 1273 MET A SD    1 
ATOM   643  C CE    . MET C 3 33  ? 15.110  10.295  -0.693  1.00 70.68  ? 1273 MET A CE    1 
ATOM   644  N N     . TYR C 3 34  ? 11.281  9.204   -6.173  1.00 42.00  ? 1274 TYR A N     1 
ATOM   645  C CA    . TYR C 3 34  ? 10.735  8.339   -7.209  1.00 42.36  ? 1274 TYR A CA    1 
ATOM   646  C C     . TYR C 3 34  ? 9.868   9.052   -8.241  1.00 43.61  ? 1274 TYR A C     1 
ATOM   647  O O     . TYR C 3 34  ? 9.325   8.416   -9.147  1.00 39.64  ? 1274 TYR A O     1 
ATOM   648  C CB    . TYR C 3 34  ? 9.980   7.157   -6.588  1.00 39.73  ? 1274 TYR A CB    1 
ATOM   649  C CG    . TYR C 3 34  ? 10.914  6.147   -5.944  1.00 49.79  ? 1274 TYR A CG    1 
ATOM   650  C CD1   . TYR C 3 34  ? 11.354  6.310   -4.624  1.00 36.62  ? 1274 TYR A CD1   1 
ATOM   651  C CD2   . TYR C 3 34  ? 11.397  5.048   -6.669  1.00 44.68  ? 1274 TYR A CD2   1 
ATOM   652  C CE1   . TYR C 3 34  ? 12.251  5.401   -4.046  1.00 35.93  ? 1274 TYR A CE1   1 
ATOM   653  C CE2   . TYR C 3 34  ? 12.300  4.139   -6.094  1.00 37.11  ? 1274 TYR A CE2   1 
ATOM   654  C CZ    . TYR C 3 34  ? 12.718  4.325   -4.784  1.00 34.35  ? 1274 TYR A CZ    1 
ATOM   655  O OH    . TYR C 3 34  ? 13.595  3.437   -4.209  1.00 36.32  ? 1274 TYR A OH    1 
ATOM   656  N N     . PHE C 3 35  ? 9.750   10.373  -8.108  1.00 39.72  ? 1275 PHE A N     1 
ATOM   657  C CA    . PHE C 3 35  ? 9.000   11.176  -9.069  1.00 41.43  ? 1275 PHE A CA    1 
ATOM   658  C C     . PHE C 3 35  ? 9.800   12.413  -9.527  1.00 47.29  ? 1275 PHE A C     1 
ATOM   659  O O     . PHE C 3 35  ? 9.288   13.535  -9.539  1.00 45.99  ? 1275 PHE A O     1 
ATOM   660  C CB    . PHE C 3 35  ? 7.666   11.609  -8.479  1.00 34.18  ? 1275 PHE A CB    1 
ATOM   661  C CG    . PHE C 3 35  ? 6.694   10.489  -8.297  1.00 26.25  ? 1275 PHE A CG    1 
ATOM   662  C CD1   . PHE C 3 35  ? 6.728   9.696   -7.159  1.00 42.17  ? 1275 PHE A CD1   1 
ATOM   663  C CD2   . PHE C 3 35  ? 5.726   10.236  -9.254  1.00 30.09  ? 1275 PHE A CD2   1 
ATOM   664  C CE1   . PHE C 3 35  ? 5.803   8.663   -6.977  1.00 39.28  ? 1275 PHE A CE1   1 
ATOM   665  C CE2   . PHE C 3 35  ? 4.795   9.207   -9.083  1.00 40.80  ? 1275 PHE A CE2   1 
ATOM   666  C CZ    . PHE C 3 35  ? 4.835   8.421   -7.945  1.00 39.86  ? 1275 PHE A CZ    1 
ATOM   667  N N     . PRO C 3 36  ? 11.062  12.205  -9.948  1.00 54.18  ? 1276 PRO A N     1 
ATOM   668  C CA    . PRO C 3 36  ? 11.975  13.257  -10.414 1.00 51.79  ? 1276 PRO A CA    1 
ATOM   669  C C     . PRO C 3 36  ? 11.386  14.119  -11.522 1.00 51.53  ? 1276 PRO A C     1 
ATOM   670  O O     . PRO C 3 36  ? 11.867  15.225  -11.782 1.00 56.07  ? 1276 PRO A O     1 
ATOM   671  C CB    . PRO C 3 36  ? 13.183  12.470  -10.923 1.00 52.57  ? 1276 PRO A CB    1 
ATOM   672  C CG    . PRO C 3 36  ? 13.111  11.174  -10.173 1.00 57.32  ? 1276 PRO A CG    1 
ATOM   673  C CD    . PRO C 3 36  ? 11.644  10.877  -10.206 1.00 57.35  ? 1276 PRO A CD    1 
ATOM   674  N N     . ASP C 3 37  ? 10.358  13.597  -12.184 1.00 46.85  ? 1277 ASP A N     1 
ATOM   675  C CA    . ASP C 3 37  ? 9.710   14.310  -13.278 1.00 54.31  ? 1277 ASP A CA    1 
ATOM   676  C C     . ASP C 3 37  ? 8.687   15.327  -12.760 1.00 57.18  ? 1277 ASP A C     1 
ATOM   677  O O     . ASP C 3 37  ? 8.191   16.172  -13.513 1.00 54.09  ? 1277 ASP A O     1 
ATOM   678  C CB    . ASP C 3 37  ? 9.042   13.308  -14.226 1.00 49.15  ? 1277 ASP A CB    1 
ATOM   679  C CG    . ASP C 3 37  ? 7.977   12.471  -13.539 1.00 49.60  ? 1277 ASP A CG    1 
ATOM   680  O OD1   . ASP C 3 37  ? 8.255   11.919  -12.450 1.00 42.99  ? 1277 ASP A OD1   1 
ATOM   681  O OD2   . ASP C 3 37  ? 6.862   12.362  -14.097 1.00 59.14  ? 1277 ASP A OD2   1 
ATOM   682  N N     . ILE C 3 38  ? 8.385   15.240  -11.467 1.00 54.78  ? 1278 ILE A N     1 
ATOM   683  C CA    . ILE C 3 38  ? 7.443   16.152  -10.845 1.00 44.79  ? 1278 ILE A CA    1 
ATOM   684  C C     . ILE C 3 38  ? 8.141   17.181  -9.985  1.00 46.80  ? 1278 ILE A C     1 
ATOM   685  O O     . ILE C 3 38  ? 9.003   16.841  -9.175  1.00 49.21  ? 1278 ILE A O     1 
ATOM   686  C CB    . ILE C 3 38  ? 6.445   15.418  -9.937  1.00 36.28  ? 1278 ILE A CB    1 
ATOM   687  C CG1   . ILE C 3 38  ? 5.378   14.725  -10.781 1.00 52.13  ? 1278 ILE A CG1   1 
ATOM   688  C CG2   . ILE C 3 38  ? 5.769   16.416  -8.997  1.00 26.91  ? 1278 ILE A CG2   1 
ATOM   689  C CD1   . ILE C 3 38  ? 5.924   13.701  -11.725 1.00 55.14  ? 1278 ILE A CD1   1 
ATOM   690  N N     . LYS C 3 39  ? 7.768   18.439  -10.171 1.00 44.59  ? 1279 LYS A N     1 
ATOM   691  C CA    . LYS C 3 39  ? 8.309   19.518  -9.361  1.00 57.22  ? 1279 LYS A CA    1 
ATOM   692  C C     . LYS C 3 39  ? 7.275   19.694  -8.247  1.00 50.40  ? 1279 LYS A C     1 
ATOM   693  O O     . LYS C 3 39  ? 6.225   20.307  -8.433  1.00 47.72  ? 1279 LYS A O     1 
ATOM   694  C CB    . LYS C 3 39  ? 8.458   20.784  -10.207 1.00 66.20  ? 1279 LYS A CB    1 
ATOM   695  C CG    . LYS C 3 39  ? 7.342   20.982  -11.219 1.00 86.58  ? 1279 LYS A CG    1 
ATOM   696  C CD    . LYS C 3 39  ? 7.833   21.721  -12.462 1.00 101.02 ? 1279 LYS A CD    1 
ATOM   697  C CE    . LYS C 3 39  ? 6.769   21.749  -13.560 1.00 105.03 ? 1279 LYS A CE    1 
ATOM   698  N NZ    . LYS C 3 39  ? 7.293   22.299  -14.844 1.00 108.38 ? 1279 LYS A NZ    1 
ATOM   699  N N     . PHE C 3 40  ? 7.565   19.128  -7.085  1.00 55.88  ? 1280 PHE A N     1 
ATOM   700  C CA    . PHE C 3 40  ? 6.631   19.190  -5.973  1.00 60.16  ? 1280 PHE A CA    1 
ATOM   701  C C     . PHE C 3 40  ? 6.451   20.555  -5.343  1.00 61.17  ? 1280 PHE A C     1 
ATOM   702  O O     . PHE C 3 40  ? 7.166   21.503  -5.653  1.00 72.79  ? 1280 PHE A O     1 
ATOM   703  C CB    . PHE C 3 40  ? 7.022   18.168  -4.900  1.00 57.80  ? 1280 PHE A CB    1 
ATOM   704  C CG    . PHE C 3 40  ? 6.942   16.742  -5.375  1.00 72.70  ? 1280 PHE A CG    1 
ATOM   705  C CD1   . PHE C 3 40  ? 7.978   16.179  -6.121  1.00 74.94  ? 1280 PHE A CD1   1 
ATOM   706  C CD2   . PHE C 3 40  ? 5.810   15.974  -5.122  1.00 75.45  ? 1280 PHE A CD2   1 
ATOM   707  C CE1   . PHE C 3 40  ? 7.885   14.879  -6.609  1.00 71.13  ? 1280 PHE A CE1   1 
ATOM   708  C CE2   . PHE C 3 40  ? 5.708   14.672  -5.607  1.00 74.33  ? 1280 PHE A CE2   1 
ATOM   709  C CZ    . PHE C 3 40  ? 6.750   14.124  -6.352  1.00 74.29  ? 1280 PHE A CZ    1 
ATOM   710  N N     . ASN C 3 41  ? 5.463   20.632  -4.460  1.00 52.42  ? 1281 ASN A N     1 
ATOM   711  C CA    . ASN C 3 41  ? 5.113   21.841  -3.737  1.00 46.49  ? 1281 ASN A CA    1 
ATOM   712  C C     . ASN C 3 41  ? 4.022   21.415  -2.761  1.00 50.77  ? 1281 ASN A C     1 
ATOM   713  O O     . ASN C 3 41  ? 3.428   20.346  -2.914  1.00 48.40  ? 1281 ASN A O     1 
ATOM   714  C CB    . ASN C 3 41  ? 4.578   22.913  -4.695  1.00 40.12  ? 1281 ASN A CB    1 
ATOM   715  C CG    . ASN C 3 41  ? 3.361   22.444  -5.477  1.00 51.21  ? 1281 ASN A CG    1 
ATOM   716  O OD1   . ASN C 3 41  ? 2.349   22.046  -4.888  1.00 54.42  ? 1281 ASN A OD1   1 
ATOM   717  N ND2   . ASN C 3 41  ? 3.449   22.488  -6.809  1.00 37.48  ? 1281 ASN A ND2   1 
ATOM   718  N N     . LYS C 3 42  ? 3.762   22.243  -1.761  1.00 51.43  ? 1282 LYS A N     1 
ATOM   719  C CA    . LYS C 3 42  ? 2.756   21.931  -0.763  1.00 54.54  ? 1282 LYS A CA    1 
ATOM   720  C C     . LYS C 3 42  ? 1.606   21.055  -1.261  1.00 53.80  ? 1282 LYS A C     1 
ATOM   721  O O     . LYS C 3 42  ? 1.266   20.055  -0.623  1.00 58.34  ? 1282 LYS A O     1 
ATOM   722  C CB    . LYS C 3 42  ? 2.205   23.230  -0.168  1.00 60.67  ? 1282 LYS A CB    1 
ATOM   723  C CG    . LYS C 3 42  ? 2.833   23.606  1.164   1.00 72.67  ? 1282 LYS A CG    1 
ATOM   724  C CD    . LYS C 3 42  ? 4.353   23.534  1.121   1.00 79.52  ? 1282 LYS A CD    1 
ATOM   725  C CE    . LYS C 3 42  ? 4.945   23.862  2.481   1.00 82.08  ? 1282 LYS A CE    1 
ATOM   726  N NZ    . LYS C 3 42  ? 4.624   25.255  2.914   1.00 82.46  ? 1282 LYS A NZ    1 
ATOM   727  N N     . ASN C 3 43  ? 1.028   21.409  -2.405  1.00 44.60  ? 1283 ASN A N     1 
ATOM   728  C CA    . ASN C 3 43  ? -0.099  20.652  -2.940  1.00 46.02  ? 1283 ASN A CA    1 
ATOM   729  C C     . ASN C 3 43  ? 0.203   19.233  -3.402  1.00 49.59  ? 1283 ASN A C     1 
ATOM   730  O O     . ASN C 3 43  ? -0.016  18.274  -2.661  1.00 52.14  ? 1283 ASN A O     1 
ATOM   731  C CB    . ASN C 3 43  ? -0.762  21.407  -4.097  1.00 55.63  ? 1283 ASN A CB    1 
ATOM   732  C CG    . ASN C 3 43  ? -1.296  22.763  -3.683  1.00 55.53  ? 1283 ASN A CG    1 
ATOM   733  O OD1   . ASN C 3 43  ? -1.843  22.923  -2.588  1.00 54.39  ? 1283 ASN A OD1   1 
ATOM   734  N ND2   . ASN C 3 43  ? -1.152  23.750  -4.566  1.00 50.59  ? 1283 ASN A ND2   1 
ATOM   735  N N     . ASN C 3 44  ? 0.693   19.096  -4.631  1.00 48.94  ? 1284 ASN A N     1 
ATOM   736  C CA    . ASN C 3 44  ? 0.977   17.776  -5.176  1.00 46.11  ? 1284 ASN A CA    1 
ATOM   737  C C     . ASN C 3 44  ? 1.570   16.816  -4.140  1.00 37.16  ? 1284 ASN A C     1 
ATOM   738  O O     . ASN C 3 44  ? 1.275   15.619  -4.156  1.00 41.03  ? 1284 ASN A O     1 
ATOM   739  C CB    . ASN C 3 44  ? 1.885   17.882  -6.412  1.00 46.24  ? 1284 ASN A CB    1 
ATOM   740  C CG    . ASN C 3 44  ? 3.113   18.728  -6.172  1.00 42.58  ? 1284 ASN A CG    1 
ATOM   741  O OD1   . ASN C 3 44  ? 3.507   18.956  -5.033  1.00 45.77  ? 1284 ASN A OD1   1 
ATOM   742  N ND2   . ASN C 3 44  ? 3.740   19.184  -7.254  1.00 37.79  ? 1284 ASN A ND2   1 
ATOM   743  N N     . THR C 3 45  ? 2.379   17.342  -3.226  1.00 27.71  ? 1285 THR A N     1 
ATOM   744  C CA    . THR C 3 45  ? 2.977   16.509  -2.194  1.00 29.64  ? 1285 THR A CA    1 
ATOM   745  C C     . THR C 3 45  ? 1.854   16.021  -1.300  1.00 32.80  ? 1285 THR A C     1 
ATOM   746  O O     . THR C 3 45  ? 1.755   14.833  -0.977  1.00 32.76  ? 1285 THR A O     1 
ATOM   747  C CB    . THR C 3 45  ? 3.961   17.299  -1.313  1.00 30.13  ? 1285 THR A CB    1 
ATOM   748  O OG1   . THR C 3 45  ? 4.907   17.992  -2.136  1.00 29.83  ? 1285 THR A OG1   1 
ATOM   749  C CG2   . THR C 3 45  ? 4.708   16.349  -0.375  1.00 16.62  ? 1285 THR A CG2   1 
ATOM   750  N N     . ALA C 3 46  ? 1.012   16.960  -0.887  1.00 32.29  ? 1286 ALA A N     1 
ATOM   751  C CA    . ALA C 3 46  ? -0.115  16.637  -0.026  1.00 35.12  ? 1286 ALA A CA    1 
ATOM   752  C C     . ALA C 3 46  ? -0.964  15.592  -0.736  1.00 33.04  ? 1286 ALA A C     1 
ATOM   753  O O     . ALA C 3 46  ? -1.423  14.611  -0.141  1.00 29.97  ? 1286 ALA A O     1 
ATOM   754  C CB    . ALA C 3 46  ? -0.939  17.896  0.243   1.00 21.95  ? 1286 ALA A CB    1 
ATOM   755  N N     . GLN C 3 47  ? -1.155  15.810  -2.030  1.00 37.83  ? 1287 GLN A N     1 
ATOM   756  C CA    . GLN C 3 47  ? -1.953  14.906  -2.832  1.00 42.80  ? 1287 GLN A CA    1 
ATOM   757  C C     . GLN C 3 47  ? -1.321  13.511  -2.922  1.00 44.67  ? 1287 GLN A C     1 
ATOM   758  O O     . GLN C 3 47  ? -1.974  12.498  -2.628  1.00 46.51  ? 1287 GLN A O     1 
ATOM   759  C CB    . GLN C 3 47  ? -2.150  15.491  -4.230  1.00 31.53  ? 1287 GLN A CB    1 
ATOM   760  C CG    . GLN C 3 47  ? -2.975  14.593  -5.114  1.00 40.16  ? 1287 GLN A CG    1 
ATOM   761  C CD    . GLN C 3 47  ? -3.178  15.176  -6.482  1.00 51.71  ? 1287 GLN A CD    1 
ATOM   762  O OE1   . GLN C 3 47  ? -2.262  15.773  -7.053  1.00 53.91  ? 1287 GLN A OE1   1 
ATOM   763  N NE2   . GLN C 3 47  ? -4.378  14.997  -7.030  1.00 55.88  ? 1287 GLN A NE2   1 
ATOM   764  N N     . LEU C 3 48  ? -0.055  13.458  -3.326  1.00 33.78  ? 1288 LEU A N     1 
ATOM   765  C CA    . LEU C 3 48  ? 0.639   12.178  -3.443  1.00 36.92  ? 1288 LEU A CA    1 
ATOM   766  C C     . LEU C 3 48  ? 0.535   11.399  -2.130  1.00 31.50  ? 1288 LEU A C     1 
ATOM   767  O O     . LEU C 3 48  ? 0.275   10.195  -2.127  1.00 30.37  ? 1288 LEU A O     1 
ATOM   768  C CB    . LEU C 3 48  ? 2.114   12.403  -3.792  1.00 34.52  ? 1288 LEU A CB    1 
ATOM   769  C CG    . LEU C 3 48  ? 2.668   11.477  -4.881  1.00 40.37  ? 1288 LEU A CG    1 
ATOM   770  C CD1   . LEU C 3 48  ? 4.124   11.808  -5.170  1.00 35.55  ? 1288 LEU A CD1   1 
ATOM   771  C CD2   . LEU C 3 48  ? 2.525   10.032  -4.439  1.00 47.74  ? 1288 LEU A CD2   1 
ATOM   772  N N     . VAL C 3 49  ? 0.733   12.109  -1.022  1.00 29.12  ? 1289 VAL A N     1 
ATOM   773  C CA    . VAL C 3 49  ? 0.685   11.527  0.313   1.00 24.62  ? 1289 VAL A CA    1 
ATOM   774  C C     . VAL C 3 49  ? -0.723  11.029  0.632   1.00 29.24  ? 1289 VAL A C     1 
ATOM   775  O O     . VAL C 3 49  ? -0.913  9.974   1.247   1.00 27.45  ? 1289 VAL A O     1 
ATOM   776  C CB    . VAL C 3 49  ? 1.121   12.574  1.351   1.00 25.13  ? 1289 VAL A CB    1 
ATOM   777  C CG1   . VAL C 3 49  ? 0.937   12.038  2.756   1.00 12.41  ? 1289 VAL A CG1   1 
ATOM   778  C CG2   . VAL C 3 49  ? 2.574   12.941  1.116   1.00 22.78  ? 1289 VAL A CG2   1 
ATOM   779  N N     . LYS C 3 50  ? -1.711  11.801  0.206   1.00 34.99  ? 1290 LYS A N     1 
ATOM   780  C CA    . LYS C 3 50  ? -3.099  11.427  0.419   1.00 38.55  ? 1290 LYS A CA    1 
ATOM   781  C C     . LYS C 3 50  ? -3.361  10.095  -0.294  1.00 39.03  ? 1290 LYS A C     1 
ATOM   782  O O     . LYS C 3 50  ? -4.067  9.228   0.229   1.00 33.18  ? 1290 LYS A O     1 
ATOM   783  C CB    . LYS C 3 50  ? -4.021  12.506  -0.154  1.00 39.46  ? 1290 LYS A CB    1 
ATOM   784  C CG    . LYS C 3 50  ? -5.502  12.172  -0.068  1.00 36.02  ? 1290 LYS A CG    1 
ATOM   785  C CD    . LYS C 3 50  ? -5.993  12.286  1.346   1.00 28.80  ? 1290 LYS A CD    1 
ATOM   786  C CE    . LYS C 3 50  ? -7.475  12.020  1.423   1.00 39.12  ? 1290 LYS A CE    1 
ATOM   787  N NZ    . LYS C 3 50  ? -7.945  12.090  2.831   1.00 46.33  ? 1290 LYS A NZ    1 
ATOM   788  N N     . TRP C 3 51  ? -2.800  9.949   -1.496  1.00 34.33  ? 1291 TRP A N     1 
ATOM   789  C CA    . TRP C 3 51  ? -2.972  8.728   -2.268  1.00 27.88  ? 1291 TRP A CA    1 
ATOM   790  C C     . TRP C 3 51  ? -2.636  7.536   -1.396  1.00 27.48  ? 1291 TRP A C     1 
ATOM   791  O O     . TRP C 3 51  ? -3.425  6.586   -1.290  1.00 23.69  ? 1291 TRP A O     1 
ATOM   792  C CB    . TRP C 3 51  ? -2.056  8.725   -3.494  1.00 30.60  ? 1291 TRP A CB    1 
ATOM   793  C CG    . TRP C 3 51  ? -2.528  9.590   -4.602  1.00 33.32  ? 1291 TRP A CG    1 
ATOM   794  C CD1   . TRP C 3 51  ? -3.684  10.300  -4.645  1.00 39.64  ? 1291 TRP A CD1   1 
ATOM   795  C CD2   . TRP C 3 51  ? -1.868  9.817   -5.851  1.00 37.61  ? 1291 TRP A CD2   1 
ATOM   796  N NE1   . TRP C 3 51  ? -3.792  10.961  -5.845  1.00 39.84  ? 1291 TRP A NE1   1 
ATOM   797  C CE2   . TRP C 3 51  ? -2.691  10.683  -6.606  1.00 32.10  ? 1291 TRP A CE2   1 
ATOM   798  C CE3   . TRP C 3 51  ? -0.659  9.374   -6.408  1.00 44.35  ? 1291 TRP A CE3   1 
ATOM   799  C CZ2   . TRP C 3 51  ? -2.350  11.117  -7.890  1.00 34.57  ? 1291 TRP A CZ2   1 
ATOM   800  C CZ3   . TRP C 3 51  ? -0.313  9.806   -7.692  1.00 45.17  ? 1291 TRP A CZ3   1 
ATOM   801  C CH2   . TRP C 3 51  ? -1.161  10.672  -8.417  1.00 50.73  ? 1291 TRP A CH2   1 
ATOM   802  N N     . PHE C 3 52  ? -1.470  7.588   -0.756  1.00 12.32  ? 1292 PHE A N     1 
ATOM   803  C CA    . PHE C 3 52  ? -1.074  6.482   0.086   1.00 28.54  ? 1292 PHE A CA    1 
ATOM   804  C C     . PHE C 3 52  ? -1.947  6.276   1.292   1.00 25.02  ? 1292 PHE A C     1 
ATOM   805  O O     . PHE C 3 52  ? -2.143  5.139   1.741   1.00 27.32  ? 1292 PHE A O     1 
ATOM   806  C CB    . PHE C 3 52  ? 0.383   6.613   0.488   1.00 28.95  ? 1292 PHE A CB    1 
ATOM   807  C CG    . PHE C 3 52  ? 1.298   6.034   -0.527  1.00 40.34  ? 1292 PHE A CG    1 
ATOM   808  C CD1   . PHE C 3 52  ? 1.648   6.763   -1.657  1.00 36.80  ? 1292 PHE A CD1   1 
ATOM   809  C CD2   . PHE C 3 52  ? 1.694   4.701   -0.433  1.00 40.67  ? 1292 PHE A CD2   1 
ATOM   810  C CE1   . PHE C 3 52  ? 2.369   6.173   -2.686  1.00 34.73  ? 1292 PHE A CE1   1 
ATOM   811  C CE2   . PHE C 3 52  ? 2.419   4.101   -1.459  1.00 36.71  ? 1292 PHE A CE2   1 
ATOM   812  C CZ    . PHE C 3 52  ? 2.754   4.840   -2.589  1.00 28.82  ? 1292 PHE A CZ    1 
ATOM   813  N N     . SER C 3 53  ? -2.476  7.367   1.821   1.00 25.00  ? 1293 SER A N     1 
ATOM   814  C CA    . SER C 3 53  ? -3.363  7.246   2.955   1.00 30.24  ? 1293 SER A CA    1 
ATOM   815  C C     . SER C 3 53  ? -4.547  6.427   2.447   1.00 30.93  ? 1293 SER A C     1 
ATOM   816  O O     . SER C 3 53  ? -5.051  5.544   3.152   1.00 32.25  ? 1293 SER A O     1 
ATOM   817  C CB    . SER C 3 53  ? -3.835  8.617   3.416   1.00 28.08  ? 1293 SER A CB    1 
ATOM   818  O OG    . SER C 3 53  ? -4.398  8.504   4.705   1.00 43.12  ? 1293 SER A OG    1 
ATOM   819  N N     . ASN C 3 54  ? -4.959  6.717   1.209   1.00 28.45  ? 1294 ASN A N     1 
ATOM   820  C CA    . ASN C 3 54  ? -6.065  6.023   0.554   1.00 25.15  ? 1294 ASN A CA    1 
ATOM   821  C C     . ASN C 3 54  ? -5.702  4.575   0.240   1.00 27.99  ? 1294 ASN A C     1 
ATOM   822  O O     . ASN C 3 54  ? -6.508  3.668   0.476   1.00 32.01  ? 1294 ASN A O     1 
ATOM   823  C CB    . ASN C 3 54  ? -6.463  6.719   -0.751  1.00 27.60  ? 1294 ASN A CB    1 
ATOM   824  C CG    . ASN C 3 54  ? -7.219  8.030   -0.528  1.00 40.84  ? 1294 ASN A CG    1 
ATOM   825  O OD1   . ASN C 3 54  ? -7.828  8.248   0.528   1.00 36.51  ? 1294 ASN A OD1   1 
ATOM   826  N ND2   . ASN C 3 54  ? -7.203  8.903   -1.545  1.00 32.70  ? 1294 ASN A ND2   1 
ATOM   827  N N     . PHE C 3 55  ? -4.500  4.350   -0.292  1.00 15.56  ? 1295 PHE A N     1 
ATOM   828  C CA    . PHE C 3 55  ? -4.088  2.986   -0.610  1.00 25.66  ? 1295 PHE A CA    1 
ATOM   829  C C     . PHE C 3 55  ? -4.122  2.140   0.658   1.00 29.04  ? 1295 PHE A C     1 
ATOM   830  O O     . PHE C 3 55  ? -4.518  0.970   0.635   1.00 32.13  ? 1295 PHE A O     1 
ATOM   831  C CB    . PHE C 3 55  ? -2.667  2.956   -1.161  1.00 35.36  ? 1295 PHE A CB    1 
ATOM   832  C CG    . PHE C 3 55  ? -2.491  3.684   -2.455  1.00 32.85  ? 1295 PHE A CG    1 
ATOM   833  C CD1   . PHE C 3 55  ? -1.215  4.012   -2.901  1.00 32.20  ? 1295 PHE A CD1   1 
ATOM   834  C CD2   . PHE C 3 55  ? -3.583  4.026   -3.237  1.00 31.50  ? 1295 PHE A CD2   1 
ATOM   835  C CE1   . PHE C 3 55  ? -1.022  4.670   -4.113  1.00 37.66  ? 1295 PHE A CE1   1 
ATOM   836  C CE2   . PHE C 3 55  ? -3.405  4.685   -4.453  1.00 37.45  ? 1295 PHE A CE2   1 
ATOM   837  C CZ    . PHE C 3 55  ? -2.118  5.009   -4.891  1.00 35.51  ? 1295 PHE A CZ    1 
ATOM   838  N N     . ARG C 3 56  ? -3.695  2.739   1.763   1.00 24.46  ? 1296 ARG A N     1 
ATOM   839  C CA    . ARG C 3 56  ? -3.664  2.040   3.040   1.00 27.19  ? 1296 ARG A CA    1 
ATOM   840  C C     . ARG C 3 56  ? -5.023  1.639   3.567   1.00 24.48  ? 1296 ARG A C     1 
ATOM   841  O O     . ARG C 3 56  ? -5.212  0.503   4.003   1.00 28.33  ? 1296 ARG A O     1 
ATOM   842  C CB    . ARG C 3 56  ? -2.972  2.888   4.107   1.00 28.14  ? 1296 ARG A CB    1 
ATOM   843  C CG    . ARG C 3 56  ? -1.471  2.785   4.094   1.00 24.41  ? 1296 ARG A CG    1 
ATOM   844  C CD    . ARG C 3 56  ? -0.901  3.161   5.446   1.00 29.12  ? 1296 ARG A CD    1 
ATOM   845  N NE    . ARG C 3 56  ? -1.161  4.554   5.758   1.00 36.14  ? 1296 ARG A NE    1 
ATOM   846  C CZ    . ARG C 3 56  ? -0.663  5.571   5.063   1.00 41.26  ? 1296 ARG A CZ    1 
ATOM   847  N NH1   . ARG C 3 56  ? 0.130   5.338   4.017   1.00 39.78  ? 1296 ARG A NH1   1 
ATOM   848  N NH2   . ARG C 3 56  ? -0.980  6.816   5.396   1.00 16.33  ? 1296 ARG A NH2   1 
ATOM   849  N N     . GLU C 3 57  ? -5.970  2.571   3.536   1.00 29.16  ? 1297 GLU A N     1 
ATOM   850  C CA    . GLU C 3 57  ? -7.298  2.289   4.056   1.00 36.93  ? 1297 GLU A CA    1 
ATOM   851  C C     . GLU C 3 57  ? -7.927  1.130   3.319   1.00 35.40  ? 1297 GLU A C     1 
ATOM   852  O O     . GLU C 3 57  ? -8.343  0.153   3.948   1.00 31.35  ? 1297 GLU A O     1 
ATOM   853  C CB    . GLU C 3 57  ? -8.179  3.539   3.991   1.00 40.17  ? 1297 GLU A CB    1 
ATOM   854  C CG    . GLU C 3 57  ? -8.610  4.011   5.386   1.00 71.81  ? 1297 GLU A CG    1 
ATOM   855  C CD    . GLU C 3 57  ? -8.834  5.528   5.493   1.00 89.01  ? 1297 GLU A CD    1 
ATOM   856  O OE1   . GLU C 3 57  ? -9.692  6.078   4.762   1.00 95.75  ? 1297 GLU A OE1   1 
ATOM   857  O OE2   . GLU C 3 57  ? -8.148  6.174   6.322   1.00 92.03  ? 1297 GLU A OE2   1 
ATOM   858  N N     . PHE C 3 58  ? -7.974  1.219   1.989   1.00 27.22  ? 1298 PHE A N     1 
ATOM   859  C CA    . PHE C 3 58  ? -8.554  0.147   1.190   1.00 20.16  ? 1298 PHE A CA    1 
ATOM   860  C C     . PHE C 3 58  ? -7.924  -1.161  1.651   1.00 28.11  ? 1298 PHE A C     1 
ATOM   861  O O     . PHE C 3 58  ? -8.611  -2.124  2.009   1.00 25.93  ? 1298 PHE A O     1 
ATOM   862  C CB    . PHE C 3 58  ? -8.240  0.340   -0.291  1.00 29.87  ? 1298 PHE A CB    1 
ATOM   863  C CG    . PHE C 3 58  ? -8.654  -0.823  -1.145  1.00 34.95  ? 1298 PHE A CG    1 
ATOM   864  C CD1   . PHE C 3 58  ? -9.920  -0.857  -1.739  1.00 33.91  ? 1298 PHE A CD1   1 
ATOM   865  C CD2   . PHE C 3 58  ? -7.802  -1.914  -1.311  1.00 21.99  ? 1298 PHE A CD2   1 
ATOM   866  C CE1   . PHE C 3 58  ? -10.334 -1.962  -2.484  1.00 32.90  ? 1298 PHE A CE1   1 
ATOM   867  C CE2   . PHE C 3 58  ? -8.205  -3.029  -2.060  1.00 32.13  ? 1298 PHE A CE2   1 
ATOM   868  C CZ    . PHE C 3 58  ? -9.475  -3.053  -2.647  1.00 31.37  ? 1298 PHE A CZ    1 
ATOM   869  N N     . TYR C 3 59  ? -6.595  -1.163  1.638   1.00 30.83  ? 1299 TYR A N     1 
ATOM   870  C CA    . TYR C 3 59  ? -5.799  -2.307  2.046   1.00 30.11  ? 1299 TYR A CA    1 
ATOM   871  C C     . TYR C 3 59  ? -6.190  -2.856  3.416   1.00 32.22  ? 1299 TYR A C     1 
ATOM   872  O O     . TYR C 3 59  ? -6.466  -4.053  3.557   1.00 35.88  ? 1299 TYR A O     1 
ATOM   873  C CB    . TYR C 3 59  ? -4.316  -1.925  2.043   1.00 32.37  ? 1299 TYR A CB    1 
ATOM   874  C CG    . TYR C 3 59  ? -3.395  -2.975  2.629   1.00 25.74  ? 1299 TYR A CG    1 
ATOM   875  C CD1   . TYR C 3 59  ? -3.165  -3.047  4.011   1.00 24.74  ? 1299 TYR A CD1   1 
ATOM   876  C CD2   . TYR C 3 59  ? -2.738  -3.889  1.803   1.00 15.96  ? 1299 TYR A CD2   1 
ATOM   877  C CE1   . TYR C 3 59  ? -2.293  -4.009  4.551   1.00 29.18  ? 1299 TYR A CE1   1 
ATOM   878  C CE2   . TYR C 3 59  ? -1.868  -4.852  2.331   1.00 29.65  ? 1299 TYR A CE2   1 
ATOM   879  C CZ    . TYR C 3 59  ? -1.649  -4.907  3.704   1.00 30.71  ? 1299 TYR A CZ    1 
ATOM   880  O OH    . TYR C 3 59  ? -0.790  -5.853  4.220   1.00 25.08  ? 1299 TYR A OH    1 
ATOM   881  N N     . TYR C 3 60  ? -6.207  -2.000  4.433   1.00 27.81  ? 1300 TYR A N     1 
ATOM   882  C CA    . TYR C 3 60  ? -6.574  -2.481  5.759   1.00 34.05  ? 1300 TYR A CA    1 
ATOM   883  C C     . TYR C 3 60  ? -8.036  -2.898  5.792   1.00 36.91  ? 1300 TYR A C     1 
ATOM   884  O O     . TYR C 3 60  ? -8.410  -3.845  6.488   1.00 39.38  ? 1300 TYR A O     1 
ATOM   885  C CB    . TYR C 3 60  ? -6.300  -1.417  6.826   1.00 30.60  ? 1300 TYR A CB    1 
ATOM   886  C CG    . TYR C 3 60  ? -4.828  -1.232  7.156   1.00 37.31  ? 1300 TYR A CG    1 
ATOM   887  C CD1   . TYR C 3 60  ? -4.180  -0.018  6.903   1.00 35.09  ? 1300 TYR A CD1   1 
ATOM   888  C CD2   . TYR C 3 60  ? -4.089  -2.266  7.737   1.00 26.65  ? 1300 TYR A CD2   1 
ATOM   889  C CE1   . TYR C 3 60  ? -2.832  0.168   7.222   1.00 24.29  ? 1300 TYR A CE1   1 
ATOM   890  C CE2   . TYR C 3 60  ? -2.744  -2.092  8.064   1.00 30.70  ? 1300 TYR A CE2   1 
ATOM   891  C CZ    . TYR C 3 60  ? -2.119  -0.870  7.805   1.00 36.08  ? 1300 TYR A CZ    1 
ATOM   892  O OH    . TYR C 3 60  ? -0.791  -0.687  8.154   1.00 26.34  ? 1300 TYR A OH    1 
ATOM   893  N N     . ILE C 3 61  ? -8.870  -2.203  5.031   1.00 37.88  ? 1301 ILE A N     1 
ATOM   894  C CA    . ILE C 3 61  ? -10.273 -2.566  5.022   1.00 46.05  ? 1301 ILE A CA    1 
ATOM   895  C C     . ILE C 3 61  ? -10.361 -4.009  4.555   1.00 42.91  ? 1301 ILE A C     1 
ATOM   896  O O     . ILE C 3 61  ? -11.074 -4.821  5.149   1.00 45.10  ? 1301 ILE A O     1 
ATOM   897  C CB    . ILE C 3 61  ? -11.095 -1.645  4.087   1.00 51.60  ? 1301 ILE A CB    1 
ATOM   898  C CG1   . ILE C 3 61  ? -11.225 -0.259  4.716   1.00 53.52  ? 1301 ILE A CG1   1 
ATOM   899  C CG2   . ILE C 3 61  ? -12.477 -2.222  3.858   1.00 49.43  ? 1301 ILE A CG2   1 
ATOM   900  C CD1   . ILE C 3 61  ? -11.718 -0.293  6.156   1.00 56.05  ? 1301 ILE A CD1   1 
ATOM   901  N N     . GLN C 3 62  ? -9.613  -4.328  3.506   1.00 32.72  ? 1302 GLN A N     1 
ATOM   902  C CA    . GLN C 3 62  ? -9.609  -5.680  2.967   1.00 46.41  ? 1302 GLN A CA    1 
ATOM   903  C C     . GLN C 3 62  ? -9.041  -6.693  3.963   1.00 47.24  ? 1302 GLN A C     1 
ATOM   904  O O     . GLN C 3 62  ? -9.597  -7.787  4.140   1.00 43.85  ? 1302 GLN A O     1 
ATOM   905  C CB    . GLN C 3 62  ? -8.805  -5.717  1.667   1.00 44.91  ? 1302 GLN A CB    1 
ATOM   906  C CG    . GLN C 3 62  ? -9.367  -4.801  0.591   1.00 52.25  ? 1302 GLN A CG    1 
ATOM   907  C CD    . GLN C 3 62  ? -10.872 -4.941  0.456   1.00 53.35  ? 1302 GLN A CD    1 
ATOM   908  O OE1   . GLN C 3 62  ? -11.396 -6.055  0.465   1.00 50.00  ? 1302 GLN A OE1   1 
ATOM   909  N NE2   . GLN C 3 62  ? -11.576 -3.810  0.325   1.00 43.02  ? 1302 GLN A NE2   1 
ATOM   910  N N     . MET C 3 63  ? -7.940  -6.320  4.614   1.00 42.79  ? 1303 MET A N     1 
ATOM   911  C CA    . MET C 3 63  ? -7.289  -7.184  5.593   1.00 40.42  ? 1303 MET A CA    1 
ATOM   912  C C     . MET C 3 63  ? -8.235  -7.580  6.724   1.00 38.34  ? 1303 MET A C     1 
ATOM   913  O O     . MET C 3 63  ? -8.419  -8.757  7.005   1.00 28.49  ? 1303 MET A O     1 
ATOM   914  C CB    . MET C 3 63  ? -6.064  -6.479  6.175   1.00 39.93  ? 1303 MET A CB    1 
ATOM   915  C CG    . MET C 3 63  ? -4.943  -6.270  5.183   1.00 42.86  ? 1303 MET A CG    1 
ATOM   916  S SD    . MET C 3 63  ? -4.255  -7.831  4.582   1.00 46.13  ? 1303 MET A SD    1 
ATOM   917  C CE    . MET C 3 63  ? -4.641  -7.748  2.829   1.00 30.81  ? 1303 MET A CE    1 
ATOM   918  N N     . GLU C 3 64  ? -8.828  -6.587  7.372   1.00 40.16  ? 1304 GLU A N     1 
ATOM   919  C CA    . GLU C 3 64  ? -9.742  -6.834  8.478   1.00 49.78  ? 1304 GLU A CA    1 
ATOM   920  C C     . GLU C 3 64  ? -10.945 -7.678  8.057   1.00 56.36  ? 1304 GLU A C     1 
ATOM   921  O O     . GLU C 3 64  ? -11.488 -8.451  8.851   1.00 52.08  ? 1304 GLU A O     1 
ATOM   922  C CB    . GLU C 3 64  ? -10.200 -5.490  9.054   1.00 48.71  ? 1304 GLU A CB    1 
ATOM   923  C CG    . GLU C 3 64  ? -11.407 -5.540  9.967   1.00 43.17  ? 1304 GLU A CG    1 
ATOM   924  C CD    . GLU C 3 64  ? -11.626 -4.216  10.686  1.00 56.02  ? 1304 GLU A CD    1 
ATOM   925  O OE1   . GLU C 3 64  ? -11.649 -3.159  10.017  1.00 54.70  ? 1304 GLU A OE1   1 
ATOM   926  O OE2   . GLU C 3 64  ? -11.778 -4.229  11.925  1.00 57.71  ? 1304 GLU A OE2   1 
ATOM   927  N N     . LYS C 3 65  ? -11.359 -7.534  6.802   1.00 52.70  ? 1305 LYS A N     1 
ATOM   928  C CA    . LYS C 3 65  ? -12.498 -8.291  6.315   1.00 47.85  ? 1305 LYS A CA    1 
ATOM   929  C C     . LYS C 3 65  ? -12.116 -9.752  6.283   1.00 44.32  ? 1305 LYS A C     1 
ATOM   930  O O     . LYS C 3 65  ? -12.619 -10.551 7.069   1.00 52.09  ? 1305 LYS A O     1 
ATOM   931  C CB    . LYS C 3 65  ? -12.887 -7.839  4.911   1.00 50.69  ? 1305 LYS A CB    1 
ATOM   932  C CG    . LYS C 3 65  ? -14.007 -8.662  4.292   1.00 54.74  ? 1305 LYS A CG    1 
ATOM   933  C CD    . LYS C 3 65  ? -14.237 -8.289  2.829   1.00 69.13  ? 1305 LYS A CD    1 
ATOM   934  C CE    . LYS C 3 65  ? -14.676 -6.836  2.680   1.00 78.12  ? 1305 LYS A CE    1 
ATOM   935  N NZ    . LYS C 3 65  ? -14.874 -6.451  1.254   1.00 83.61  ? 1305 LYS A NZ    1 
ATOM   936  N N     . TYR C 3 66  ? -11.214 -10.084 5.368   1.00 37.22  ? 1306 TYR A N     1 
ATOM   937  C CA    . TYR C 3 66  ? -10.735 -11.447 5.201   1.00 43.06  ? 1306 TYR A CA    1 
ATOM   938  C C     . TYR C 3 66  ? -10.437 -12.058 6.559   1.00 36.06  ? 1306 TYR A C     1 
ATOM   939  O O     . TYR C 3 66  ? -10.847 -13.173 6.848   1.00 33.18  ? 1306 TYR A O     1 
ATOM   940  C CB    . TYR C 3 66  ? -9.469  -11.441 4.353   1.00 52.05  ? 1306 TYR A CB    1 
ATOM   941  C CG    . TYR C 3 66  ? -9.024  -12.795 3.842   1.00 71.09  ? 1306 TYR A CG    1 
ATOM   942  C CD1   . TYR C 3 66  ? -9.225  -13.159 2.508   1.00 77.25  ? 1306 TYR A CD1   1 
ATOM   943  C CD2   . TYR C 3 66  ? -8.337  -13.687 4.670   1.00 75.47  ? 1306 TYR A CD2   1 
ATOM   944  C CE1   . TYR C 3 66  ? -8.738  -14.378 2.006   1.00 80.05  ? 1306 TYR A CE1   1 
ATOM   945  C CE2   . TYR C 3 66  ? -7.851  -14.910 4.177   1.00 74.13  ? 1306 TYR A CE2   1 
ATOM   946  C CZ    . TYR C 3 66  ? -8.052  -15.242 2.848   1.00 73.38  ? 1306 TYR A CZ    1 
ATOM   947  O OH    . TYR C 3 66  ? -7.540  -16.422 2.358   1.00 79.17  ? 1306 TYR A OH    1 
ATOM   948  N N     . ALA C 3 67  ? -9.729  -11.316 7.399   1.00 43.16  ? 1307 ALA A N     1 
ATOM   949  C CA    . ALA C 3 67  ? -9.380  -11.797 8.730   1.00 47.01  ? 1307 ALA A CA    1 
ATOM   950  C C     . ALA C 3 67  ? -10.613 -12.189 9.536   1.00 45.55  ? 1307 ALA A C     1 
ATOM   951  O O     . ALA C 3 67  ? -10.635 -13.231 10.188  1.00 42.97  ? 1307 ALA A O     1 
ATOM   952  C CB    . ALA C 3 67  ? -8.600  -10.733 9.475   1.00 52.35  ? 1307 ALA A CB    1 
ATOM   953  N N     . ARG C 3 68  ? -11.641 -11.355 9.478   1.00 46.41  ? 1308 ARG A N     1 
ATOM   954  C CA    . ARG C 3 68  ? -12.866 -11.605 10.220  1.00 52.66  ? 1308 ARG A CA    1 
ATOM   955  C C     . ARG C 3 68  ? -13.683 -12.783 9.665   1.00 60.41  ? 1308 ARG A C     1 
ATOM   956  O O     . ARG C 3 68  ? -14.112 -13.665 10.420  1.00 59.06  ? 1308 ARG A O     1 
ATOM   957  C CB    . ARG C 3 68  ? -13.708 -10.334 10.233  1.00 50.66  ? 1308 ARG A CB    1 
ATOM   958  C CG    . ARG C 3 68  ? -14.574 -10.194 11.467  1.00 57.79  ? 1308 ARG A CG    1 
ATOM   959  C CD    . ARG C 3 68  ? -15.373 -8.898  11.434  1.00 54.47  ? 1308 ARG A CD    1 
ATOM   960  N NE    . ARG C 3 68  ? -14.598 -7.716  11.813  1.00 45.66  ? 1308 ARG A NE    1 
ATOM   961  C CZ    . ARG C 3 68  ? -14.067 -7.519  13.019  1.00 53.74  ? 1308 ARG A CZ    1 
ATOM   962  N NH1   . ARG C 3 68  ? -14.211 -8.430  13.976  1.00 47.37  ? 1308 ARG A NH1   1 
ATOM   963  N NH2   . ARG C 3 68  ? -13.420 -6.390  13.287  1.00 55.32  ? 1308 ARG A NH2   1 
ATOM   964  N N     . GLN C 3 69  ? -13.901 -12.797 8.352   1.00 64.22  ? 1309 GLN A N     1 
ATOM   965  C CA    . GLN C 3 69  ? -14.655 -13.875 7.725   1.00 61.69  ? 1309 GLN A CA    1 
ATOM   966  C C     . GLN C 3 69  ? -13.965 -15.186 8.055   1.00 58.30  ? 1309 GLN A C     1 
ATOM   967  O O     . GLN C 3 69  ? -14.603 -16.221 8.193   1.00 67.81  ? 1309 GLN A O     1 
ATOM   968  C CB    . GLN C 3 69  ? -14.726 -13.675 6.199   1.00 75.68  ? 1309 GLN A CB    1 
ATOM   969  C CG    . GLN C 3 69  ? -13.378 -13.667 5.469   1.00 84.51  ? 1309 GLN A CG    1 
ATOM   970  C CD    . GLN C 3 69  ? -12.979 -15.032 4.902   1.00 88.84  ? 1309 GLN A CD    1 
ATOM   971  O OE1   . GLN C 3 69  ? -13.669 -15.578 4.040   1.00 90.11  ? 1309 GLN A OE1   1 
ATOM   972  N NE2   . GLN C 3 69  ? -11.861 -15.582 5.380   1.00 88.87  ? 1309 GLN A NE2   1 
ATOM   973  N N     . ALA C 3 70  ? -12.648 -15.126 8.195   1.00 64.87  ? 1310 ALA A N     1 
ATOM   974  C CA    . ALA C 3 70  ? -11.860 -16.302 8.522   1.00 65.89  ? 1310 ALA A CA    1 
ATOM   975  C C     . ALA C 3 70  ? -12.130 -16.721 9.962   1.00 70.76  ? 1310 ALA A C     1 
ATOM   976  O O     . ALA C 3 70  ? -12.417 -17.887 10.226  1.00 75.43  ? 1310 ALA A O     1 
ATOM   977  C CB    . ALA C 3 70  ? -10.388 -16.003 8.338   1.00 60.82  ? 1310 ALA A CB    1 
ATOM   978  N N     . VAL C 3 71  ? -12.028 -15.770 10.888  1.00 70.87  ? 1311 VAL A N     1 
ATOM   979  C CA    . VAL C 3 71  ? -12.278 -16.057 12.295  1.00 68.12  ? 1311 VAL A CA    1 
ATOM   980  C C     . VAL C 3 71  ? -13.541 -16.900 12.366  1.00 68.09  ? 1311 VAL A C     1 
ATOM   981  O O     . VAL C 3 71  ? -13.503 -18.059 12.788  1.00 60.59  ? 1311 VAL A O     1 
ATOM   982  C CB    . VAL C 3 71  ? -12.517 -14.771 13.108  1.00 74.53  ? 1311 VAL A CB    1 
ATOM   983  C CG1   . VAL C 3 71  ? -12.735 -15.117 14.573  1.00 74.68  ? 1311 VAL A CG1   1 
ATOM   984  C CG2   . VAL C 3 71  ? -11.345 -13.831 12.956  1.00 79.12  ? 1311 VAL A CG2   1 
ATOM   985  N N     . THR C 3 72  ? -14.654 -16.304 11.939  1.00 63.02  ? 1312 THR A N     1 
ATOM   986  C CA    . THR C 3 72  ? -15.937 -16.989 11.926  1.00 66.93  ? 1312 THR A CA    1 
ATOM   987  C C     . THR C 3 72  ? -15.790 -18.424 11.422  1.00 76.53  ? 1312 THR A C     1 
ATOM   988  O O     . THR C 3 72  ? -16.119 -19.371 12.137  1.00 84.49  ? 1312 THR A O     1 
ATOM   989  C CB    . THR C 3 72  ? -16.943 -16.265 11.023  1.00 65.45  ? 1312 THR A CB    1 
ATOM   990  O OG1   . THR C 3 72  ? -17.305 -15.010 11.617  1.00 63.85  ? 1312 THR A OG1   1 
ATOM   991  C CG2   . THR C 3 72  ? -18.185 -17.121 10.829  1.00 63.94  ? 1312 THR A CG2   1 
ATOM   992  N N     . GLU C 3 73  ? -15.300 -18.582 10.193  1.00 76.21  ? 1313 GLU A N     1 
ATOM   993  C CA    . GLU C 3 73  ? -15.100 -19.911 9.608   1.00 74.20  ? 1313 GLU A CA    1 
ATOM   994  C C     . GLU C 3 73  ? -14.078 -20.730 10.408  1.00 72.21  ? 1313 GLU A C     1 
ATOM   995  O O     . GLU C 3 73  ? -14.294 -21.069 11.573  1.00 65.47  ? 1313 GLU A O     1 
ATOM   996  C CB    . GLU C 3 73  ? -14.611 -19.797 8.156   1.00 74.59  ? 1313 GLU A CB    1 
ATOM   997  C CG    . GLU C 3 73  ? -15.557 -19.076 7.210   1.00 76.38  ? 1313 GLU A CG    1 
ATOM   998  C CD    . GLU C 3 73  ? -15.074 -19.098 5.763   1.00 75.63  ? 1313 GLU A CD    1 
ATOM   999  O OE1   . GLU C 3 73  ? -13.893 -18.751 5.521   1.00 68.82  ? 1313 GLU A OE1   1 
ATOM   1000 O OE2   . GLU C 3 73  ? -15.878 -19.452 4.869   1.00 74.31  ? 1313 GLU A OE2   1 
ATOM   1001 N N     . SER C 3 87  ? -5.673  -16.084 -0.523  1.00 66.41  ? 1327 SER A N     1 
ATOM   1002 C CA    . SER C 3 87  ? -6.405  -16.745 -1.601  1.00 73.20  ? 1327 SER A CA    1 
ATOM   1003 C C     . SER C 3 87  ? -6.785  -15.722 -2.671  1.00 67.04  ? 1327 SER A C     1 
ATOM   1004 O O     . SER C 3 87  ? -6.054  -14.758 -2.882  1.00 55.93  ? 1327 SER A O     1 
ATOM   1005 C CB    . SER C 3 87  ? -7.673  -17.416 -1.045  1.00 79.17  ? 1327 SER A CB    1 
ATOM   1006 O OG    . SER C 3 87  ? -8.613  -16.458 -0.575  1.00 79.57  ? 1327 SER A OG    1 
ATOM   1007 N N     . GLU C 3 88  ? -7.929  -15.945 -3.329  1.00 71.62  ? 1328 GLU A N     1 
ATOM   1008 C CA    . GLU C 3 88  ? -8.461  -15.060 -4.374  1.00 73.09  ? 1328 GLU A CA    1 
ATOM   1009 C C     . GLU C 3 88  ? -8.524  -13.607 -3.902  1.00 80.02  ? 1328 GLU A C     1 
ATOM   1010 O O     . GLU C 3 88  ? -8.797  -12.686 -4.684  1.00 82.35  ? 1328 GLU A O     1 
ATOM   1011 C CB    . GLU C 3 88  ? -9.871  -15.499 -4.779  1.00 82.27  ? 1328 GLU A CB    1 
ATOM   1012 C CG    . GLU C 3 88  ? -10.539 -14.587 -5.818  1.00 87.62  ? 1328 GLU A CG    1 
ATOM   1013 C CD    . GLU C 3 88  ? -10.258 -15.011 -7.253  1.00 87.67  ? 1328 GLU A CD    1 
ATOM   1014 O OE1   . GLU C 3 88  ? -10.853 -16.011 -7.707  1.00 78.36  ? 1328 GLU A OE1   1 
ATOM   1015 O OE2   . GLU C 3 88  ? -9.438  -14.355 -7.928  1.00 83.46  ? 1328 GLU A OE2   1 
ATOM   1016 N N     . LEU C 3 89  ? -8.307  -13.413 -2.605  1.00 74.28  ? 1329 LEU A N     1 
ATOM   1017 C CA    . LEU C 3 89  ? -8.288  -12.080 -2.029  1.00 56.40  ? 1329 LEU A CA    1 
ATOM   1018 C C     . LEU C 3 89  ? -7.267  -11.268 -2.843  1.00 59.70  ? 1329 LEU A C     1 
ATOM   1019 O O     . LEU C 3 89  ? -7.383  -10.048 -2.995  1.00 56.58  ? 1329 LEU A O     1 
ATOM   1020 C CB    . LEU C 3 89  ? -7.869  -12.190 -0.565  1.00 40.92  ? 1329 LEU A CB    1 
ATOM   1021 C CG    . LEU C 3 89  ? -6.797  -11.249 -0.027  1.00 33.96  ? 1329 LEU A CG    1 
ATOM   1022 C CD1   . LEU C 3 89  ? -7.285  -9.806  -0.024  1.00 32.50  ? 1329 LEU A CD1   1 
ATOM   1023 C CD2   . LEU C 3 89  ? -6.455  -11.682 1.378   1.00 40.56  ? 1329 LEU A CD2   1 
ATOM   1024 N N     . TYR C 3 90  ? -6.260  -11.960 -3.366  1.00 53.97  ? 1330 TYR A N     1 
ATOM   1025 C CA    . TYR C 3 90  ? -5.267  -11.301 -4.176  1.00 46.22  ? 1330 TYR A CA    1 
ATOM   1026 C C     . TYR C 3 90  ? -5.922  -10.725 -5.413  1.00 55.20  ? 1330 TYR A C     1 
ATOM   1027 O O     . TYR C 3 90  ? -5.584  -9.621  -5.833  1.00 67.61  ? 1330 TYR A O     1 
ATOM   1028 C CB    . TYR C 3 90  ? -4.143  -12.263 -4.552  1.00 46.09  ? 1330 TYR A CB    1 
ATOM   1029 C CG    . TYR C 3 90  ? -3.118  -12.358 -3.452  1.00 50.87  ? 1330 TYR A CG    1 
ATOM   1030 C CD1   . TYR C 3 90  ? -3.313  -13.203 -2.364  1.00 52.61  ? 1330 TYR A CD1   1 
ATOM   1031 C CD2   . TYR C 3 90  ? -2.013  -11.502 -3.433  1.00 49.65  ? 1330 TYR A CD2   1 
ATOM   1032 C CE1   . TYR C 3 90  ? -2.438  -13.189 -1.275  1.00 60.65  ? 1330 TYR A CE1   1 
ATOM   1033 C CE2   . TYR C 3 90  ? -1.136  -11.474 -2.354  1.00 48.88  ? 1330 TYR A CE2   1 
ATOM   1034 C CZ    . TYR C 3 90  ? -1.353  -12.317 -1.276  1.00 61.00  ? 1330 TYR A CZ    1 
ATOM   1035 O OH    . TYR C 3 90  ? -0.498  -12.282 -0.193  1.00 74.68  ? 1330 TYR A OH    1 
ATOM   1036 N N     . ARG C 3 91  ? -6.861  -11.455 -6.002  1.00 48.74  ? 1331 ARG A N     1 
ATOM   1037 C CA    . ARG C 3 91  ? -7.535  -10.925 -7.179  1.00 55.86  ? 1331 ARG A CA    1 
ATOM   1038 C C     . ARG C 3 91  ? -7.990  -9.524  -6.819  1.00 57.42  ? 1331 ARG A C     1 
ATOM   1039 O O     . ARG C 3 91  ? -7.880  -8.592  -7.612  1.00 60.69  ? 1331 ARG A O     1 
ATOM   1040 C CB    . ARG C 3 91  ? -8.770  -11.753 -7.540  1.00 70.33  ? 1331 ARG A CB    1 
ATOM   1041 C CG    . ARG C 3 91  ? -9.586  -11.167 -8.711  1.00 67.13  ? 1331 ARG A CG    1 
ATOM   1042 C CD    . ARG C 3 91  ? -10.907 -11.910 -8.933  1.00 71.63  ? 1331 ARG A CD    1 
ATOM   1043 N NE    . ARG C 3 91  ? -11.862 -11.670 -7.852  1.00 77.40  ? 1331 ARG A NE    1 
ATOM   1044 C CZ    . ARG C 3 91  ? -12.610 -10.575 -7.736  1.00 75.70  ? 1331 ARG A CZ    1 
ATOM   1045 N NH1   . ARG C 3 91  ? -12.525 -9.607  -8.644  1.00 66.33  ? 1331 ARG A NH1   1 
ATOM   1046 N NH2   . ARG C 3 91  ? -13.431 -10.442 -6.699  1.00 65.54  ? 1331 ARG A NH2   1 
ATOM   1047 N N     . VAL C 3 92  ? -8.510  -9.386  -5.605  1.00 56.52  ? 1332 VAL A N     1 
ATOM   1048 C CA    . VAL C 3 92  ? -8.979  -8.090  -5.150  1.00 54.06  ? 1332 VAL A CA    1 
ATOM   1049 C C     . VAL C 3 92  ? -7.818  -7.108  -5.084  1.00 47.47  ? 1332 VAL A C     1 
ATOM   1050 O O     . VAL C 3 92  ? -7.779  -6.138  -5.846  1.00 41.29  ? 1332 VAL A O     1 
ATOM   1051 C CB    . VAL C 3 92  ? -9.653  -8.192  -3.759  1.00 49.35  ? 1332 VAL A CB    1 
ATOM   1052 C CG1   . VAL C 3 92  ? -10.062 -6.818  -3.268  1.00 32.87  ? 1332 VAL A CG1   1 
ATOM   1053 C CG2   . VAL C 3 92  ? -10.869 -9.085  -3.850  1.00 46.47  ? 1332 VAL A CG2   1 
ATOM   1054 N N     . LEU C 3 93  ? -6.868  -7.371  -4.189  1.00 40.63  ? 1333 LEU A N     1 
ATOM   1055 C CA    . LEU C 3 93  ? -5.721  -6.480  -4.029  1.00 39.34  ? 1333 LEU A CA    1 
ATOM   1056 C C     . LEU C 3 93  ? -5.016  -6.205  -5.358  1.00 48.21  ? 1333 LEU A C     1 
ATOM   1057 O O     . LEU C 3 93  ? -4.702  -5.044  -5.684  1.00 49.93  ? 1333 LEU A O     1 
ATOM   1058 C CB    . LEU C 3 93  ? -4.727  -7.060  -3.016  1.00 29.27  ? 1333 LEU A CB    1 
ATOM   1059 C CG    . LEU C 3 93  ? -5.195  -7.290  -1.568  1.00 28.28  ? 1333 LEU A CG    1 
ATOM   1060 C CD1   . LEU C 3 93  ? -4.025  -7.717  -0.742  1.00 21.47  ? 1333 LEU A CD1   1 
ATOM   1061 C CD2   . LEU C 3 93  ? -5.762  -6.026  -0.968  1.00 30.88  ? 1333 LEU A CD2   1 
ATOM   1062 N N     . ASN C 3 94  ? -4.788  -7.263  -6.135  1.00 40.45  ? 1334 ASN A N     1 
ATOM   1063 C CA    . ASN C 3 94  ? -4.118  -7.116  -7.421  1.00 40.12  ? 1334 ASN A CA    1 
ATOM   1064 C C     . ASN C 3 94  ? -4.942  -6.287  -8.405  1.00 40.65  ? 1334 ASN A C     1 
ATOM   1065 O O     . ASN C 3 94  ? -4.389  -5.556  -9.221  1.00 42.31  ? 1334 ASN A O     1 
ATOM   1066 C CB    . ASN C 3 94  ? -3.822  -8.486  -8.023  1.00 48.26  ? 1334 ASN A CB    1 
ATOM   1067 C CG    . ASN C 3 94  ? -2.858  -8.403  -9.183  1.00 49.34  ? 1334 ASN A CG    1 
ATOM   1068 O OD1   . ASN C 3 94  ? -1.699  -8.043  -9.006  1.00 49.99  ? 1334 ASN A OD1   1 
ATOM   1069 N ND2   . ASN C 3 94  ? -3.335  -8.723  -10.382 1.00 56.43  ? 1334 ASN A ND2   1 
ATOM   1070 N N     . LEU C 3 95  ? -6.264  -6.414  -8.341  1.00 45.25  ? 1335 LEU A N     1 
ATOM   1071 C CA    . LEU C 3 95  ? -7.132  -5.644  -9.220  1.00 47.36  ? 1335 LEU A CA    1 
ATOM   1072 C C     . LEU C 3 95  ? -6.988  -4.184  -8.844  1.00 49.06  ? 1335 LEU A C     1 
ATOM   1073 O O     . LEU C 3 95  ? -6.772  -3.328  -9.698  1.00 55.94  ? 1335 LEU A O     1 
ATOM   1074 C CB    . LEU C 3 95  ? -8.600  -6.062  -9.045  1.00 61.98  ? 1335 LEU A CB    1 
ATOM   1075 C CG    . LEU C 3 95  ? -9.690  -5.040  -9.445  1.00 73.67  ? 1335 LEU A CG    1 
ATOM   1076 C CD1   . LEU C 3 95  ? -9.700  -4.841  -10.949 1.00 67.39  ? 1335 LEU A CD1   1 
ATOM   1077 C CD2   . LEU C 3 95  ? -11.065 -5.518  -8.983  1.00 73.83  ? 1335 LEU A CD2   1 
ATOM   1078 N N     . HIS C 3 96  ? -7.092  -3.915  -7.545  1.00 47.35  ? 1336 HIS A N     1 
ATOM   1079 C CA    . HIS C 3 96  ? -7.012  -2.557  -7.018  1.00 50.39  ? 1336 HIS A CA    1 
ATOM   1080 C C     . HIS C 3 96  ? -5.710  -1.793  -7.287  1.00 54.49  ? 1336 HIS A C     1 
ATOM   1081 O O     . HIS C 3 96  ? -5.752  -0.615  -7.659  1.00 51.05  ? 1336 HIS A O     1 
ATOM   1082 C CB    . HIS C 3 96  ? -7.283  -2.570  -5.510  1.00 48.66  ? 1336 HIS A CB    1 
ATOM   1083 C CG    . HIS C 3 96  ? -7.491  -1.208  -4.925  1.00 53.74  ? 1336 HIS A CG    1 
ATOM   1084 N ND1   . HIS C 3 96  ? -8.546  -0.399  -5.284  1.00 45.86  ? 1336 HIS A ND1   1 
ATOM   1085 C CD2   . HIS C 3 96  ? -6.778  -0.510  -4.009  1.00 58.13  ? 1336 HIS A CD2   1 
ATOM   1086 C CE1   . HIS C 3 96  ? -8.476  0.737   -4.615  1.00 47.87  ? 1336 HIS A CE1   1 
ATOM   1087 N NE2   . HIS C 3 96  ? -7.413  0.696   -3.834  1.00 58.28  ? 1336 HIS A NE2   1 
ATOM   1088 N N     . TYR C 3 97  ? -4.558  -2.441  -7.108  1.00 49.07  ? 1337 TYR A N     1 
ATOM   1089 C CA    . TYR C 3 97  ? -3.292  -1.745  -7.322  1.00 45.44  ? 1337 TYR A CA    1 
ATOM   1090 C C     . TYR C 3 97  ? -2.577  -2.071  -8.632  1.00 47.24  ? 1337 TYR A C     1 
ATOM   1091 O O     . TYR C 3 97  ? -1.722  -1.307  -9.084  1.00 50.00  ? 1337 TYR A O     1 
ATOM   1092 C CB    . TYR C 3 97  ? -2.319  -2.033  -6.165  1.00 40.64  ? 1337 TYR A CB    1 
ATOM   1093 C CG    . TYR C 3 97  ? -2.873  -1.793  -4.779  1.00 36.91  ? 1337 TYR A CG    1 
ATOM   1094 C CD1   . TYR C 3 97  ? -3.327  -2.850  -3.995  1.00 41.10  ? 1337 TYR A CD1   1 
ATOM   1095 C CD2   . TYR C 3 97  ? -2.967  -0.510  -4.261  1.00 33.30  ? 1337 TYR A CD2   1 
ATOM   1096 C CE1   . TYR C 3 97  ? -3.866  -2.630  -2.717  1.00 32.37  ? 1337 TYR A CE1   1 
ATOM   1097 C CE2   . TYR C 3 97  ? -3.506  -0.278  -2.991  1.00 31.83  ? 1337 TYR A CE2   1 
ATOM   1098 C CZ    . TYR C 3 97  ? -3.954  -1.336  -2.227  1.00 25.45  ? 1337 TYR A CZ    1 
ATOM   1099 O OH    . TYR C 3 97  ? -4.511  -1.094  -0.988  1.00 21.40  ? 1337 TYR A OH    1 
ATOM   1100 N N     . ASN C 3 98  ? -2.939  -3.185  -9.252  1.00 46.19  ? 1338 ASN A N     1 
ATOM   1101 C CA    . ASN C 3 98  ? -2.246  -3.633  -10.455 1.00 45.11  ? 1338 ASN A CA    1 
ATOM   1102 C C     . ASN C 3 98  ? -3.198  -4.116  -11.564 1.00 46.36  ? 1338 ASN A C     1 
ATOM   1103 O O     . ASN C 3 98  ? -2.924  -5.081  -12.271 1.00 51.74  ? 1338 ASN A O     1 
ATOM   1104 C CB    . ASN C 3 98  ? -1.262  -4.724  -9.994  1.00 40.90  ? 1338 ASN A CB    1 
ATOM   1105 C CG    . ASN C 3 98  ? -0.462  -5.331  -11.113 1.00 39.05  ? 1338 ASN A CG    1 
ATOM   1106 O OD1   . ASN C 3 98  ? -0.073  -4.657  -12.060 1.00 47.63  ? 1338 ASN A OD1   1 
ATOM   1107 N ND2   . ASN C 3 98  ? -0.185  -6.617  -10.992 1.00 36.35  ? 1338 ASN A ND2   1 
ATOM   1108 N N     . ARG C 3 99  ? -4.313  -3.406  -11.703 1.00 57.28  ? 1339 ARG A N     1 
ATOM   1109 C CA    . ARG C 3 99  ? -5.366  -3.682  -12.687 1.00 59.42  ? 1339 ARG A CA    1 
ATOM   1110 C C     . ARG C 3 99  ? -4.977  -4.456  -13.942 1.00 58.27  ? 1339 ARG A C     1 
ATOM   1111 O O     . ARG C 3 99  ? -5.633  -5.431  -14.303 1.00 59.22  ? 1339 ARG A O     1 
ATOM   1112 C CB    . ARG C 3 99  ? -5.994  -2.367  -13.146 1.00 70.08  ? 1339 ARG A CB    1 
ATOM   1113 C CG    . ARG C 3 99  ? -7.474  -2.444  -13.442 1.00 75.35  ? 1339 ARG A CG    1 
ATOM   1114 C CD    . ARG C 3 99  ? -8.263  -2.296  -12.154 1.00 95.19  ? 1339 ARG A CD    1 
ATOM   1115 N NE    . ARG C 3 99  ? -8.041  -0.999  -11.506 1.00 100.11 ? 1339 ARG A NE    1 
ATOM   1116 C CZ    . ARG C 3 99  ? -8.592  -0.627  -10.352 1.00 100.47 ? 1339 ARG A CZ    1 
ATOM   1117 N NH1   . ARG C 3 99  ? -9.404  -1.448  -9.696  1.00 96.55  ? 1339 ARG A NH1   1 
ATOM   1118 N NH2   . ARG C 3 99  ? -8.345  0.579   -9.856  1.00 105.67 ? 1339 ARG A NH2   1 
ATOM   1119 N N     . ASN C 3 100 ? -3.932  -4.010  -14.627 1.00 51.07  ? 1340 ASN A N     1 
ATOM   1120 C CA    . ASN C 3 100 ? -3.534  -4.669  -15.860 1.00 52.51  ? 1340 ASN A CA    1 
ATOM   1121 C C     . ASN C 3 100 ? -2.324  -5.543  -15.669 1.00 53.06  ? 1340 ASN A C     1 
ATOM   1122 O O     . ASN C 3 100 ? -1.522  -5.721  -16.588 1.00 60.09  ? 1340 ASN A O     1 
ATOM   1123 C CB    . ASN C 3 100 ? -3.246  -3.627  -16.938 1.00 60.05  ? 1340 ASN A CB    1 
ATOM   1124 C CG    . ASN C 3 100 ? -4.361  -2.612  -17.077 1.00 68.18  ? 1340 ASN A CG    1 
ATOM   1125 O OD1   . ASN C 3 100 ? -4.329  -1.749  -17.959 1.00 68.23  ? 1340 ASN A OD1   1 
ATOM   1126 N ND2   . ASN C 3 100 ? -5.355  -2.704  -16.199 1.00 79.63  ? 1340 ASN A ND2   1 
ATOM   1127 N N     . ASN C 3 101 ? -2.202  -6.094  -14.472 1.00 54.26  ? 1341 ASN A N     1 
ATOM   1128 C CA    . ASN C 3 101 ? -1.079  -6.949  -14.135 1.00 55.65  ? 1341 ASN A CA    1 
ATOM   1129 C C     . ASN C 3 101 ? 0.207   -6.455  -14.820 1.00 52.56  ? 1341 ASN A C     1 
ATOM   1130 O O     . ASN C 3 101 ? 1.001   -7.255  -15.318 1.00 60.72  ? 1341 ASN A O     1 
ATOM   1131 C CB    . ASN C 3 101 ? -1.384  -8.389  -14.549 1.00 54.72  ? 1341 ASN A CB    1 
ATOM   1132 C CG    . ASN C 3 101 ? -0.803  -9.408  -13.583 1.00 70.57  ? 1341 ASN A CG    1 
ATOM   1133 O OD1   . ASN C 3 101 ? -1.429  -9.758  -12.577 1.00 69.54  ? 1341 ASN A OD1   1 
ATOM   1134 N ND2   . ASN C 3 101 ? 0.412   -9.877  -13.873 1.00 73.32  ? 1341 ASN A ND2   1 
ATOM   1135 N N     . HIS C 3 102 ? 0.397   -5.136  -14.844 1.00 48.11  ? 1342 HIS A N     1 
ATOM   1136 C CA    . HIS C 3 102 ? 1.571   -4.513  -15.459 1.00 46.63  ? 1342 HIS A CA    1 
ATOM   1137 C C     . HIS C 3 102 ? 2.880   -5.055  -14.900 1.00 45.11  ? 1342 HIS A C     1 
ATOM   1138 O O     . HIS C 3 102 ? 3.893   -5.084  -15.601 1.00 49.61  ? 1342 HIS A O     1 
ATOM   1139 C CB    . HIS C 3 102 ? 1.554   -2.998  -15.256 1.00 59.89  ? 1342 HIS A CB    1 
ATOM   1140 C CG    . HIS C 3 102 ? 1.090   -2.221  -16.449 1.00 80.07  ? 1342 HIS A CG    1 
ATOM   1141 N ND1   . HIS C 3 102 ? -0.180  -2.345  -16.975 1.00 89.87  ? 1342 HIS A ND1   1 
ATOM   1142 C CD2   . HIS C 3 102 ? 1.715   -1.280  -17.196 1.00 90.77  ? 1342 HIS A CD2   1 
ATOM   1143 C CE1   . HIS C 3 102 ? -0.317  -1.512  -17.992 1.00 93.37  ? 1342 HIS A CE1   1 
ATOM   1144 N NE2   . HIS C 3 102 ? 0.818   -0.853  -18.146 1.00 93.99  ? 1342 HIS A NE2   1 
ATOM   1145 N N     . ILE C 3 103 ? 2.880   -5.455  -13.634 1.00 30.51  ? 1343 ILE A N     1 
ATOM   1146 C CA    . ILE C 3 103 ? 4.092   -6.001  -13.054 1.00 26.39  ? 1343 ILE A CA    1 
ATOM   1147 C C     . ILE C 3 103 ? 3.771   -7.207  -12.229 1.00 27.38  ? 1343 ILE A C     1 
ATOM   1148 O O     . ILE C 3 103 ? 2.606   -7.505  -11.972 1.00 33.65  ? 1343 ILE A O     1 
ATOM   1149 C CB    . ILE C 3 103 ? 4.830   -4.990  -12.177 1.00 26.30  ? 1343 ILE A CB    1 
ATOM   1150 C CG1   . ILE C 3 103 ? 3.953   -4.555  -11.010 1.00 36.49  ? 1343 ILE A CG1   1 
ATOM   1151 C CG2   . ILE C 3 103 ? 5.246   -3.805  -13.022 1.00 37.96  ? 1343 ILE A CG2   1 
ATOM   1152 C CD1   . ILE C 3 103 ? 3.920   -5.539  -9.865  1.00 50.12  ? 1343 ILE A CD1   1 
ATOM   1153 N N     . GLU C 3 104 ? 4.813   -7.912  -11.817 1.00 34.98  ? 1344 GLU A N     1 
ATOM   1154 C CA    . GLU C 3 104 ? 4.620   -9.101  -11.017 1.00 38.76  ? 1344 GLU A CA    1 
ATOM   1155 C C     . GLU C 3 104 ? 4.649   -8.762  -9.524  1.00 40.67  ? 1344 GLU A C     1 
ATOM   1156 O O     . GLU C 3 104 ? 5.552   -8.074  -9.036  1.00 40.13  ? 1344 GLU A O     1 
ATOM   1157 C CB    . GLU C 3 104 ? 5.687   -10.132 -11.380 1.00 17.09  ? 1344 GLU A CB    1 
ATOM   1158 C CG    . GLU C 3 104 ? 5.867   -11.241 -10.360 1.00 69.13  ? 1344 GLU A CG    1 
ATOM   1159 C CD    . GLU C 3 104 ? 6.724   -12.375 -10.896 1.00 86.56  ? 1344 GLU A CD    1 
ATOM   1160 O OE1   . GLU C 3 104 ? 7.020   -13.326 -10.134 1.00 93.13  ? 1344 GLU A OE1   1 
ATOM   1161 O OE2   . GLU C 3 104 ? 7.096   -12.315 -12.090 1.00 95.76  ? 1344 GLU A OE2   1 
ATOM   1162 N N     . VAL C 3 105 ? 3.630   -9.228  -8.814  1.00 32.61  ? 1345 VAL A N     1 
ATOM   1163 C CA    . VAL C 3 105 ? 3.524   -8.995  -7.380  1.00 26.87  ? 1345 VAL A CA    1 
ATOM   1164 C C     . VAL C 3 105 ? 4.779   -9.481  -6.668  1.00 28.61  ? 1345 VAL A C     1 
ATOM   1165 O O     . VAL C 3 105 ? 5.037   -10.684 -6.608  1.00 39.47  ? 1345 VAL A O     1 
ATOM   1166 C CB    . VAL C 3 105 ? 2.310   -9.763  -6.788  1.00 21.15  ? 1345 VAL A CB    1 
ATOM   1167 C CG1   . VAL C 3 105 ? 2.297   -9.668  -5.271  1.00 26.86  ? 1345 VAL A CG1   1 
ATOM   1168 C CG2   . VAL C 3 105 ? 1.026   -9.235  -7.386  1.00 18.85  ? 1345 VAL A CG2   1 
ATOM   1169 N N     . PRO C 3 106 ? 5.578   -8.554  -6.121  1.00 28.50  ? 1346 PRO A N     1 
ATOM   1170 C CA    . PRO C 3 106 ? 6.814   -8.892  -5.398  1.00 23.23  ? 1346 PRO A CA    1 
ATOM   1171 C C     . PRO C 3 106 ? 6.512   -9.725  -4.144  1.00 38.14  ? 1346 PRO A C     1 
ATOM   1172 O O     . PRO C 3 106 ? 5.636   -9.371  -3.336  1.00 33.51  ? 1346 PRO A O     1 
ATOM   1173 C CB    . PRO C 3 106 ? 7.391   -7.527  -5.045  1.00 27.34  ? 1346 PRO A CB    1 
ATOM   1174 C CG    . PRO C 3 106 ? 6.139   -6.678  -4.871  1.00 38.08  ? 1346 PRO A CG    1 
ATOM   1175 C CD    . PRO C 3 106 ? 5.311   -7.107  -6.068  1.00 29.89  ? 1346 PRO A CD    1 
ATOM   1176 N N     . GLN C 3 107 ? 7.255   -10.818 -3.985  1.00 40.71  ? 1347 GLN A N     1 
ATOM   1177 C CA    . GLN C 3 107 ? 7.078   -11.740 -2.867  1.00 38.20  ? 1347 GLN A CA    1 
ATOM   1178 C C     . GLN C 3 107 ? 6.957   -11.064 -1.494  1.00 42.02  ? 1347 GLN A C     1 
ATOM   1179 O O     . GLN C 3 107 ? 6.187   -11.510 -0.634  1.00 34.31  ? 1347 GLN A O     1 
ATOM   1180 C CB    . GLN C 3 107 ? 8.228   -12.748 -2.861  1.00 36.73  ? 1347 GLN A CB    1 
ATOM   1181 C CG    . GLN C 3 107 ? 7.941   -14.021 -2.069  1.00 58.14  ? 1347 GLN A CG    1 
ATOM   1182 C CD    . GLN C 3 107 ? 6.636   -14.703 -2.484  1.00 64.62  ? 1347 GLN A CD    1 
ATOM   1183 O OE1   . GLN C 3 107 ? 6.346   -14.856 -3.675  1.00 63.26  ? 1347 GLN A OE1   1 
ATOM   1184 N NE2   . GLN C 3 107 ? 5.850   -15.127 -1.494  1.00 70.89  ? 1347 GLN A NE2   1 
ATOM   1185 N N     . ASN C 3 108 ? 7.711   -9.989  -1.287  1.00 42.75  ? 1348 ASN A N     1 
ATOM   1186 C CA    . ASN C 3 108 ? 7.666   -9.278  -0.016  1.00 44.93  ? 1348 ASN A CA    1 
ATOM   1187 C C     . ASN C 3 108 ? 6.216   -8.944  0.283   1.00 44.14  ? 1348 ASN A C     1 
ATOM   1188 O O     . ASN C 3 108 ? 5.729   -9.136  1.408   1.00 40.03  ? 1348 ASN A O     1 
ATOM   1189 C CB    . ASN C 3 108 ? 8.451   -7.966  -0.093  1.00 60.18  ? 1348 ASN A CB    1 
ATOM   1190 C CG    . ASN C 3 108 ? 9.742   -8.091  -0.885  1.00 81.82  ? 1348 ASN A CG    1 
ATOM   1191 O OD1   . ASN C 3 108 ? 10.632  -8.882  -0.543  1.00 92.16  ? 1348 ASN A OD1   1 
ATOM   1192 N ND2   . ASN C 3 108 ? 9.854   -7.303  -1.952  1.00 80.68  ? 1348 ASN A ND2   1 
ATOM   1193 N N     . PHE C 3 109 ? 5.525   -8.448  -0.740  1.00 31.21  ? 1349 PHE A N     1 
ATOM   1194 C CA    . PHE C 3 109 ? 4.142   -8.054  -0.582  1.00 28.05  ? 1349 PHE A CA    1 
ATOM   1195 C C     . PHE C 3 109 ? 3.288   -9.208  -0.108  1.00 31.41  ? 1349 PHE A C     1 
ATOM   1196 O O     . PHE C 3 109 ? 2.451   -9.055  0.782   1.00 35.79  ? 1349 PHE A O     1 
ATOM   1197 C CB    . PHE C 3 109 ? 3.571   -7.516  -1.888  1.00 30.51  ? 1349 PHE A CB    1 
ATOM   1198 C CG    . PHE C 3 109 ? 2.241   -6.848  -1.712  1.00 35.28  ? 1349 PHE A CG    1 
ATOM   1199 C CD1   . PHE C 3 109 ? 2.157   -5.585  -1.114  1.00 40.17  ? 1349 PHE A CD1   1 
ATOM   1200 C CD2   . PHE C 3 109 ? 1.067   -7.502  -2.070  1.00 28.45  ? 1349 PHE A CD2   1 
ATOM   1201 C CE1   . PHE C 3 109 ? 0.922   -4.986  -0.871  1.00 31.43  ? 1349 PHE A CE1   1 
ATOM   1202 C CE2   . PHE C 3 109 ? -0.181  -6.915  -1.832  1.00 22.63  ? 1349 PHE A CE2   1 
ATOM   1203 C CZ    . PHE C 3 109 ? -0.251  -5.654  -1.231  1.00 35.04  ? 1349 PHE A CZ    1 
ATOM   1204 N N     . ARG C 3 110 ? 3.498   -10.367 -0.713  1.00 34.02  ? 1350 ARG A N     1 
ATOM   1205 C CA    . ARG C 3 110 ? 2.742   -11.548 -0.346  1.00 42.00  ? 1350 ARG A CA    1 
ATOM   1206 C C     . ARG C 3 110 ? 3.002   -11.916 1.124   1.00 38.46  ? 1350 ARG A C     1 
ATOM   1207 O O     . ARG C 3 110 ? 2.179   -12.578 1.759   1.00 42.94  ? 1350 ARG A O     1 
ATOM   1208 C CB    . ARG C 3 110 ? 3.122   -12.701 -1.271  1.00 48.58  ? 1350 ARG A CB    1 
ATOM   1209 C CG    . ARG C 3 110 ? 2.222   -13.919 -1.162  1.00 70.56  ? 1350 ARG A CG    1 
ATOM   1210 C CD    . ARG C 3 110 ? 2.693   -15.003 -2.118  1.00 83.87  ? 1350 ARG A CD    1 
ATOM   1211 N NE    . ARG C 3 110 ? 2.884   -14.471 -3.465  1.00 79.96  ? 1350 ARG A NE    1 
ATOM   1212 C CZ    . ARG C 3 110 ? 1.911   -13.947 -4.205  1.00 81.70  ? 1350 ARG A CZ    1 
ATOM   1213 N NH1   . ARG C 3 110 ? 0.668   -13.884 -3.739  1.00 74.61  ? 1350 ARG A NH1   1 
ATOM   1214 N NH2   . ARG C 3 110 ? 2.186   -13.483 -5.414  1.00 84.38  ? 1350 ARG A NH2   1 
ATOM   1215 N N     . PHE C 3 111 ? 4.141   -11.480 1.663   1.00 41.58  ? 1351 PHE A N     1 
ATOM   1216 C CA    . PHE C 3 111 ? 4.490   -11.756 3.061   1.00 36.35  ? 1351 PHE A CA    1 
ATOM   1217 C C     . PHE C 3 111 ? 3.931   -10.672 3.981   1.00 35.76  ? 1351 PHE A C     1 
ATOM   1218 O O     . PHE C 3 111 ? 3.482   -10.953 5.090   1.00 27.36  ? 1351 PHE A O     1 
ATOM   1219 C CB    . PHE C 3 111 ? 6.009   -11.824 3.245   1.00 35.58  ? 1351 PHE A CB    1 
ATOM   1220 C CG    . PHE C 3 111 ? 6.432   -12.138 4.656   1.00 37.59  ? 1351 PHE A CG    1 
ATOM   1221 C CD1   . PHE C 3 111 ? 6.279   -13.422 5.175   1.00 45.12  ? 1351 PHE A CD1   1 
ATOM   1222 C CD2   . PHE C 3 111 ? 6.962   -11.142 5.476   1.00 39.93  ? 1351 PHE A CD2   1 
ATOM   1223 C CE1   . PHE C 3 111 ? 6.650   -13.711 6.495   1.00 51.82  ? 1351 PHE A CE1   1 
ATOM   1224 C CE2   . PHE C 3 111 ? 7.335   -11.414 6.793   1.00 44.39  ? 1351 PHE A CE2   1 
ATOM   1225 C CZ    . PHE C 3 111 ? 7.179   -12.705 7.308   1.00 48.23  ? 1351 PHE A CZ    1 
ATOM   1226 N N     . VAL C 3 112 ? 3.985   -9.423  3.529   1.00 32.42  ? 1352 VAL A N     1 
ATOM   1227 C CA    . VAL C 3 112 ? 3.452   -8.327  4.325   1.00 38.34  ? 1352 VAL A CA    1 
ATOM   1228 C C     . VAL C 3 112 ? 1.975   -8.641  4.593   1.00 34.40  ? 1352 VAL A C     1 
ATOM   1229 O O     . VAL C 3 112 ? 1.476   -8.518  5.720   1.00 30.90  ? 1352 VAL A O     1 
ATOM   1230 C CB    . VAL C 3 112 ? 3.569   -7.001  3.566   1.00 41.18  ? 1352 VAL A CB    1 
ATOM   1231 C CG1   . VAL C 3 112 ? 3.215   -5.851  4.475   1.00 44.08  ? 1352 VAL A CG1   1 
ATOM   1232 C CG2   . VAL C 3 112 ? 4.984   -6.835  3.049   1.00 60.80  ? 1352 VAL A CG2   1 
ATOM   1233 N N     . VAL C 3 113 ? 1.291   -9.069  3.538   1.00 35.97  ? 1353 VAL A N     1 
ATOM   1234 C CA    . VAL C 3 113 ? -0.113  -9.424  3.619   1.00 32.42  ? 1353 VAL A CA    1 
ATOM   1235 C C     . VAL C 3 113 ? -0.344  -10.430 4.732   1.00 36.96  ? 1353 VAL A C     1 
ATOM   1236 O O     . VAL C 3 113 ? -1.162  -10.185 5.630   1.00 36.28  ? 1353 VAL A O     1 
ATOM   1237 C CB    . VAL C 3 113 ? -0.597  -10.024 2.295   1.00 27.66  ? 1353 VAL A CB    1 
ATOM   1238 C CG1   . VAL C 3 113 ? -1.984  -10.591 2.457   1.00 25.88  ? 1353 VAL A CG1   1 
ATOM   1239 C CG2   . VAL C 3 113 ? -0.595  -8.948  1.219   1.00 36.79  ? 1353 VAL A CG2   1 
ATOM   1240 N N     . GLU C 3 114 ? 0.377   -11.555 4.672   1.00 29.30  ? 1354 GLU A N     1 
ATOM   1241 C CA    . GLU C 3 114 ? 0.235   -12.603 5.686   1.00 40.73  ? 1354 GLU A CA    1 
ATOM   1242 C C     . GLU C 3 114 ? 0.459   -12.021 7.070   1.00 35.07  ? 1354 GLU A C     1 
ATOM   1243 O O     . GLU C 3 114 ? -0.289  -12.308 7.998   1.00 31.92  ? 1354 GLU A O     1 
ATOM   1244 C CB    . GLU C 3 114 ? 1.234   -13.756 5.474   1.00 47.64  ? 1354 GLU A CB    1 
ATOM   1245 C CG    . GLU C 3 114 ? 1.179   -14.455 4.109   1.00 85.10  ? 1354 GLU A CG    1 
ATOM   1246 C CD    . GLU C 3 114 ? -0.243  -14.774 3.625   1.00 98.46  ? 1354 GLU A CD    1 
ATOM   1247 O OE1   . GLU C 3 114 ? -0.944  -13.836 3.189   1.00 107.08 ? 1354 GLU A OE1   1 
ATOM   1248 O OE2   . GLU C 3 114 ? -0.659  -15.956 3.672   1.00 98.56  ? 1354 GLU A OE2   1 
ATOM   1249 N N     . SER C 3 115 ? 1.494   -11.199 7.198   1.00 28.33  ? 1355 SER A N     1 
ATOM   1250 C CA    . SER C 3 115 ? 1.819   -10.586 8.471   1.00 27.44  ? 1355 SER A CA    1 
ATOM   1251 C C     . SER C 3 115 ? 0.621   -9.793  8.952   1.00 29.41  ? 1355 SER A C     1 
ATOM   1252 O O     . SER C 3 115 ? 0.233   -9.864  10.122  1.00 29.43  ? 1355 SER A O     1 
ATOM   1253 C CB    . SER C 3 115 ? 3.016   -9.643  8.321   1.00 24.27  ? 1355 SER A CB    1 
ATOM   1254 O OG    . SER C 3 115 ? 4.128   -10.295 7.739   1.00 41.92  ? 1355 SER A OG    1 
ATOM   1255 N N     . THR C 3 116 ? 0.031   -9.039  8.037   1.00 22.35  ? 1356 THR A N     1 
ATOM   1256 C CA    . THR C 3 116 ? -1.103  -8.209  8.388   1.00 31.29  ? 1356 THR A CA    1 
ATOM   1257 C C     . THR C 3 116 ? -2.306  -9.035  8.813   1.00 31.58  ? 1356 THR A C     1 
ATOM   1258 O O     . THR C 3 116 ? -2.939  -8.739  9.829   1.00 27.06  ? 1356 THR A O     1 
ATOM   1259 C CB    . THR C 3 116 ? -1.496  -7.299  7.221   1.00 30.42  ? 1356 THR A CB    1 
ATOM   1260 O OG1   . THR C 3 116 ? -0.313  -6.756  6.627   1.00 18.48  ? 1356 THR A OG1   1 
ATOM   1261 C CG2   . THR C 3 116 ? -2.342  -6.154  7.720   1.00 14.54  ? 1356 THR A CG2   1 
ATOM   1262 N N     . LEU C 3 117 ? -2.617  -10.071 8.037   1.00 31.86  ? 1357 LEU A N     1 
ATOM   1263 C CA    . LEU C 3 117 ? -3.751  -10.936 8.347   1.00 27.93  ? 1357 LEU A CA    1 
ATOM   1264 C C     . LEU C 3 117 ? -3.562  -11.656 9.668   1.00 27.41  ? 1357 LEU A C     1 
ATOM   1265 O O     . LEU C 3 117 ? -4.513  -11.832 10.418  1.00 34.12  ? 1357 LEU A O     1 
ATOM   1266 C CB    . LEU C 3 117 ? -3.960  -11.947 7.230   1.00 23.99  ? 1357 LEU A CB    1 
ATOM   1267 C CG    . LEU C 3 117 ? -4.518  -11.302 5.959   1.00 44.03  ? 1357 LEU A CG    1 
ATOM   1268 C CD1   . LEU C 3 117 ? -4.538  -12.318 4.831   1.00 35.89  ? 1357 LEU A CD1   1 
ATOM   1269 C CD2   . LEU C 3 117 ? -5.931  -10.760 6.228   1.00 45.14  ? 1357 LEU A CD2   1 
ATOM   1270 N N     . ARG C 3 118 ? -2.330  -12.065 9.950   1.00 35.24  ? 1358 ARG A N     1 
ATOM   1271 C CA    . ARG C 3 118 ? -2.012  -12.755 11.193  1.00 26.61  ? 1358 ARG A CA    1 
ATOM   1272 C C     . ARG C 3 118 ? -2.319  -11.839 12.369  1.00 33.39  ? 1358 ARG A C     1 
ATOM   1273 O O     . ARG C 3 118 ? -2.877  -12.272 13.373  1.00 27.20  ? 1358 ARG A O     1 
ATOM   1274 C CB    . ARG C 3 118 ? -0.526  -13.141 11.239  1.00 38.36  ? 1358 ARG A CB    1 
ATOM   1275 C CG    . ARG C 3 118 ? -0.104  -14.330 10.369  1.00 39.83  ? 1358 ARG A CG    1 
ATOM   1276 C CD    . ARG C 3 118 ? 1.339   -14.728 10.692  1.00 52.96  ? 1358 ARG A CD    1 
ATOM   1277 N NE    . ARG C 3 118 ? 1.856   -15.781 9.817   1.00 59.39  ? 1358 ARG A NE    1 
ATOM   1278 C CZ    . ARG C 3 118 ? 1.722   -17.089 10.034  1.00 58.09  ? 1358 ARG A CZ    1 
ATOM   1279 N NH1   . ARG C 3 118 ? 1.081   -17.535 11.108  1.00 52.96  ? 1358 ARG A NH1   1 
ATOM   1280 N NH2   . ARG C 3 118 ? 2.241   -17.952 9.168   1.00 51.59  ? 1358 ARG A NH2   1 
ATOM   1281 N N     . GLU C 3 119 ? -1.954  -10.567 12.243  1.00 36.35  ? 1359 GLU A N     1 
ATOM   1282 C CA    . GLU C 3 119 ? -2.195  -9.614  13.316  1.00 37.55  ? 1359 GLU A CA    1 
ATOM   1283 C C     . GLU C 3 119 ? -3.691  -9.417  13.580  1.00 38.91  ? 1359 GLU A C     1 
ATOM   1284 O O     . GLU C 3 119 ? -4.146  -9.497  14.722  1.00 39.32  ? 1359 GLU A O     1 
ATOM   1285 C CB    . GLU C 3 119 ? -1.543  -8.270  12.984  1.00 25.01  ? 1359 GLU A CB    1 
ATOM   1286 C CG    . GLU C 3 119 ? -0.033  -8.311  12.883  1.00 45.87  ? 1359 GLU A CG    1 
ATOM   1287 C CD    . GLU C 3 119 ? 0.636   -8.793  14.161  1.00 44.78  ? 1359 GLU A CD    1 
ATOM   1288 O OE1   . GLU C 3 119 ? 0.011   -8.682  15.237  1.00 39.65  ? 1359 GLU A OE1   1 
ATOM   1289 O OE2   . GLU C 3 119 ? 1.791   -9.268  14.091  1.00 43.09  ? 1359 GLU A OE2   1 
ATOM   1290 N N     . PHE C 3 120 ? -4.458  -9.160  12.526  1.00 37.14  ? 1360 PHE A N     1 
ATOM   1291 C CA    . PHE C 3 120 ? -5.887  -8.954  12.699  1.00 37.87  ? 1360 PHE A CA    1 
ATOM   1292 C C     . PHE C 3 120 ? -6.520  -10.181 13.325  1.00 37.89  ? 1360 PHE A C     1 
ATOM   1293 O O     . PHE C 3 120 ? -7.255  -10.075 14.310  1.00 45.91  ? 1360 PHE A O     1 
ATOM   1294 C CB    . PHE C 3 120 ? -6.569  -8.648  11.364  1.00 30.97  ? 1360 PHE A CB    1 
ATOM   1295 C CG    . PHE C 3 120 ? -6.396  -7.234  10.912  1.00 39.15  ? 1360 PHE A CG    1 
ATOM   1296 C CD1   . PHE C 3 120 ? -5.252  -6.836  10.237  1.00 46.23  ? 1360 PHE A CD1   1 
ATOM   1297 C CD2   . PHE C 3 120 ? -7.377  -6.284  11.178  1.00 47.00  ? 1360 PHE A CD2   1 
ATOM   1298 C CE1   . PHE C 3 120 ? -5.089  -5.510  9.836   1.00 43.04  ? 1360 PHE A CE1   1 
ATOM   1299 C CE2   . PHE C 3 120 ? -7.222  -4.958  10.781  1.00 37.75  ? 1360 PHE A CE2   1 
ATOM   1300 C CZ    . PHE C 3 120 ? -6.077  -4.571  10.110  1.00 33.17  ? 1360 PHE A CZ    1 
ATOM   1301 N N     . PHE C 3 121 ? -6.220  -11.348 12.766  1.00 28.56  ? 1361 PHE A N     1 
ATOM   1302 C CA    . PHE C 3 121 ? -6.780  -12.574 13.294  1.00 39.69  ? 1361 PHE A CA    1 
ATOM   1303 C C     . PHE C 3 121 ? -6.458  -12.696 14.777  1.00 44.17  ? 1361 PHE A C     1 
ATOM   1304 O O     . PHE C 3 121 ? -7.310  -13.076 15.579  1.00 51.63  ? 1361 PHE A O     1 
ATOM   1305 C CB    . PHE C 3 121 ? -6.243  -13.790 12.542  1.00 39.46  ? 1361 PHE A CB    1 
ATOM   1306 C CG    . PHE C 3 121 ? -6.786  -15.086 13.052  1.00 52.16  ? 1361 PHE A CG    1 
ATOM   1307 C CD1   . PHE C 3 121 ? -8.140  -15.368 12.954  1.00 56.26  ? 1361 PHE A CD1   1 
ATOM   1308 C CD2   . PHE C 3 121 ? -5.955  -16.003 13.683  1.00 65.91  ? 1361 PHE A CD2   1 
ATOM   1309 C CE1   . PHE C 3 121 ? -8.665  -16.548 13.479  1.00 63.86  ? 1361 PHE A CE1   1 
ATOM   1310 C CE2   . PHE C 3 121 ? -6.466  -17.190 14.212  1.00 60.42  ? 1361 PHE A CE2   1 
ATOM   1311 C CZ    . PHE C 3 121 ? -7.822  -17.460 14.110  1.00 60.13  ? 1361 PHE A CZ    1 
ATOM   1312 N N     . ARG C 3 122 ? -5.230  -12.357 15.146  1.00 48.64  ? 1362 ARG A N     1 
ATOM   1313 C CA    . ARG C 3 122 ? -4.830  -12.435 16.544  1.00 48.05  ? 1362 ARG A CA    1 
ATOM   1314 C C     . ARG C 3 122 ? -5.701  -11.484 17.358  1.00 45.39  ? 1362 ARG A C     1 
ATOM   1315 O O     . ARG C 3 122 ? -6.296  -11.877 18.352  1.00 49.93  ? 1362 ARG A O     1 
ATOM   1316 C CB    . ARG C 3 122 ? -3.345  -12.065 16.689  1.00 46.69  ? 1362 ARG A CB    1 
ATOM   1317 C CG    . ARG C 3 122 ? -2.746  -12.268 18.078  1.00 45.39  ? 1362 ARG A CG    1 
ATOM   1318 C CD    . ARG C 3 122 ? -2.789  -11.001 18.955  1.00 59.87  ? 1362 ARG A CD    1 
ATOM   1319 N NE    . ARG C 3 122 ? -1.978  -9.905  18.419  1.00 62.76  ? 1362 ARG A NE    1 
ATOM   1320 C CZ    . ARG C 3 122 ? -2.443  -8.943  17.620  1.00 73.12  ? 1362 ARG A CZ    1 
ATOM   1321 N NH1   . ARG C 3 122 ? -3.716  -8.930  17.264  1.00 81.08  ? 1362 ARG A NH1   1 
ATOM   1322 N NH2   . ARG C 3 122 ? -1.636  -7.995  17.164  1.00 74.06  ? 1362 ARG A NH2   1 
ATOM   1323 N N     . ALA C 3 123 ? -5.797  -10.239 16.909  1.00 42.09  ? 1363 ALA A N     1 
ATOM   1324 C CA    . ALA C 3 123 ? -6.579  -9.236  17.618  1.00 47.58  ? 1363 ALA A CA    1 
ATOM   1325 C C     . ALA C 3 123 ? -8.051  -9.599  17.715  1.00 48.45  ? 1363 ALA A C     1 
ATOM   1326 O O     . ALA C 3 123 ? -8.643  -9.560  18.793  1.00 50.79  ? 1363 ALA A O     1 
ATOM   1327 C CB    . ALA C 3 123 ? -6.425  -7.876  16.939  1.00 28.59  ? 1363 ALA A CB    1 
ATOM   1328 N N     . ILE C 3 124 ? -8.641  -9.952  16.583  1.00 50.49  ? 1364 ILE A N     1 
ATOM   1329 C CA    . ILE C 3 124 ? -10.056 -10.283 16.551  1.00 55.29  ? 1364 ILE A CA    1 
ATOM   1330 C C     . ILE C 3 124 ? -10.387 -11.493 17.407  1.00 59.28  ? 1364 ILE A C     1 
ATOM   1331 O O     . ILE C 3 124 ? -11.256 -11.427 18.283  1.00 61.53  ? 1364 ILE A O     1 
ATOM   1332 C CB    . ILE C 3 124 ? -10.533 -10.533 15.100  1.00 45.52  ? 1364 ILE A CB    1 
ATOM   1333 C CG1   . ILE C 3 124 ? -10.451 -9.233  14.294  1.00 45.26  ? 1364 ILE A CG1   1 
ATOM   1334 C CG2   . ILE C 3 124 ? -11.953 -11.051 15.103  1.00 45.56  ? 1364 ILE A CG2   1 
ATOM   1335 C CD1   . ILE C 3 124 ? -10.893 -9.364  12.849  1.00 49.12  ? 1364 ILE A CD1   1 
ATOM   1336 N N     . GLN C 3 125 ? -9.692  -12.594 17.149  1.00 57.23  ? 1365 GLN A N     1 
ATOM   1337 C CA    . GLN C 3 125 ? -9.915  -13.830 17.886  1.00 64.47  ? 1365 GLN A CA    1 
ATOM   1338 C C     . GLN C 3 125 ? -9.705  -13.627 19.389  1.00 65.44  ? 1365 GLN A C     1 
ATOM   1339 O O     . GLN C 3 125 ? -10.225 -14.387 20.208  1.00 69.70  ? 1365 GLN A O     1 
ATOM   1340 C CB    . GLN C 3 125 ? -8.973  -14.912 17.368  1.00 68.47  ? 1365 GLN A CB    1 
ATOM   1341 C CG    . GLN C 3 125 ? -9.089  -16.233 18.086  1.00 75.49  ? 1365 GLN A CG    1 
ATOM   1342 C CD    . GLN C 3 125 ? -7.894  -17.130 17.824  1.00 95.17  ? 1365 GLN A CD    1 
ATOM   1343 O OE1   . GLN C 3 125 ? -7.885  -18.298 18.215  1.00 96.94  ? 1365 GLN A OE1   1 
ATOM   1344 N NE2   . GLN C 3 125 ? -6.871  -16.584 17.167  1.00 97.92  ? 1365 GLN A NE2   1 
ATOM   1345 N N     . GLY C 3 126 ? -8.936  -12.606 19.748  1.00 62.71  ? 1366 GLY A N     1 
ATOM   1346 C CA    . GLY C 3 126 ? -8.694  -12.332 21.150  1.00 57.34  ? 1366 GLY A CA    1 
ATOM   1347 C C     . GLY C 3 126 ? -9.660  -11.266 21.615  1.00 64.72  ? 1366 GLY A C     1 
ATOM   1348 O O     . GLY C 3 126 ? -9.520  -10.718 22.707  1.00 63.94  ? 1366 GLY A O     1 
ATOM   1349 N N     . GLY C 3 127 ? -10.644 -10.972 20.766  1.00 65.50  ? 1367 GLY A N     1 
ATOM   1350 C CA    . GLY C 3 127 ? -11.639 -9.967  21.082  1.00 61.58  ? 1367 GLY A CA    1 
ATOM   1351 C C     . GLY C 3 127 ? -11.023 -8.617  21.393  1.00 67.67  ? 1367 GLY A C     1 
ATOM   1352 O O     . GLY C 3 127 ? -11.724 -7.680  21.774  1.00 75.94  ? 1367 GLY A O     1 
ATOM   1353 N N     . LYS C 3 128 ? -9.709  -8.511  21.231  1.00 70.16  ? 1368 LYS A N     1 
ATOM   1354 C CA    . LYS C 3 128 ? -9.006  -7.262  21.497  1.00 69.82  ? 1368 LYS A CA    1 
ATOM   1355 C C     . LYS C 3 128 ? -9.368  -6.210  20.457  1.00 71.94  ? 1368 LYS A C     1 
ATOM   1356 O O     . LYS C 3 128 ? -8.711  -5.173  20.354  1.00 77.30  ? 1368 LYS A O     1 
ATOM   1357 C CB    . LYS C 3 128 ? -7.497  -7.505  21.492  1.00 63.99  ? 1368 LYS A CB    1 
ATOM   1358 C CG    . LYS C 3 128 ? -7.049  -8.556  22.502  1.00 77.92  ? 1368 LYS A CG    1 
ATOM   1359 C CD    . LYS C 3 128 ? -7.346  -8.124  23.940  1.00 81.41  ? 1368 LYS A CD    1 
ATOM   1360 C CE    . LYS C 3 128 ? -6.732  -9.080  24.961  1.00 76.21  ? 1368 LYS A CE    1 
ATOM   1361 N NZ    . LYS C 3 128 ? -6.755  -8.518  26.344  1.00 82.17  ? 1368 LYS A NZ    1 
ATOM   1362 N N     . ASP C 3 129 ? -10.424 -6.485  19.692  1.00 72.18  ? 1369 ASP A N     1 
ATOM   1363 C CA    . ASP C 3 129 ? -10.896 -5.580  18.648  1.00 70.00  ? 1369 ASP A CA    1 
ATOM   1364 C C     . ASP C 3 129 ? -12.054 -4.734  19.155  1.00 71.10  ? 1369 ASP A C     1 
ATOM   1365 O O     . ASP C 3 129 ? -12.620 -3.934  18.413  1.00 74.52  ? 1369 ASP A O     1 
ATOM   1366 C CB    . ASP C 3 129 ? -11.341 -6.377  17.415  1.00 69.69  ? 1369 ASP A CB    1 
ATOM   1367 C CG    . ASP C 3 129 ? -12.647 -7.143  17.638  1.00 68.59  ? 1369 ASP A CG    1 
ATOM   1368 O OD1   . ASP C 3 129 ? -13.730 -6.520  17.579  1.00 56.43  ? 1369 ASP A OD1   1 
ATOM   1369 O OD2   . ASP C 3 129 ? -12.589 -8.372  17.873  1.00 70.03  ? 1369 ASP A OD2   1 
ATOM   1370 N N     . THR C 3 130 ? -12.405 -4.919  20.425  1.00 74.06  ? 1370 THR A N     1 
ATOM   1371 C CA    . THR C 3 130 ? -13.499 -4.173  21.036  1.00 75.55  ? 1370 THR A CA    1 
ATOM   1372 C C     . THR C 3 130 ? -13.006 -2.815  21.535  1.00 77.41  ? 1370 THR A C     1 
ATOM   1373 O O     . THR C 3 130 ? -13.779 -1.869  21.652  1.00 77.39  ? 1370 THR A O     1 
ATOM   1374 C CB    . THR C 3 130 ? -14.119 -4.949  22.223  1.00 75.38  ? 1370 THR A CB    1 
ATOM   1375 O OG1   . THR C 3 130 ? -13.195 -4.981  23.319  1.00 80.98  ? 1370 THR A OG1   1 
ATOM   1376 C CG2   . THR C 3 130 ? -14.446 -6.383  21.806  1.00 66.52  ? 1370 THR A CG2   1 
ATOM   1377 N N     . GLU C 3 131 ? -11.712 -2.727  21.829  1.00 83.99  ? 1371 GLU A N     1 
ATOM   1378 C CA    . GLU C 3 131 ? -11.124 -1.480  22.302  1.00 85.26  ? 1371 GLU A CA    1 
ATOM   1379 C C     . GLU C 3 131 ? -11.030 -0.488  21.147  1.00 82.48  ? 1371 GLU A C     1 
ATOM   1380 O O     . GLU C 3 131 ? -10.840 -0.877  19.993  1.00 80.12  ? 1371 GLU A O     1 
ATOM   1381 C CB    . GLU C 3 131 ? -9.725  -1.727  22.891  1.00 90.35  ? 1371 GLU A CB    1 
ATOM   1382 C CG    . GLU C 3 131 ? -9.711  -2.544  24.191  1.00 109.26 ? 1371 GLU A CG    1 
ATOM   1383 C CD    . GLU C 3 131 ? -9.471  -4.039  23.984  1.00 115.55 ? 1371 GLU A CD    1 
ATOM   1384 O OE1   . GLU C 3 131 ? -10.179 -4.666  23.167  1.00 117.79 ? 1371 GLU A OE1   1 
ATOM   1385 O OE2   . GLU C 3 131 ? -8.573  -4.593  24.655  1.00 115.99 ? 1371 GLU A OE2   1 
ATOM   1386 N N     . GLN C 3 132 ? -11.173 0.795   21.465  1.00 82.60  ? 1372 GLN A N     1 
ATOM   1387 C CA    . GLN C 3 132 ? -11.103 1.856   20.463  1.00 87.10  ? 1372 GLN A CA    1 
ATOM   1388 C C     . GLN C 3 132 ? -9.677  1.911   19.911  1.00 85.35  ? 1372 GLN A C     1 
ATOM   1389 O O     . GLN C 3 132 ? -8.725  1.566   20.610  1.00 83.59  ? 1372 GLN A O     1 
ATOM   1390 C CB    . GLN C 3 132 ? -11.453 3.213   21.095  1.00 92.65  ? 1372 GLN A CB    1 
ATOM   1391 C CG    . GLN C 3 132 ? -12.460 3.165   22.256  1.00 101.47 ? 1372 GLN A CG    1 
ATOM   1392 C CD    . GLN C 3 132 ? -13.875 2.795   21.830  1.00 108.95 ? 1372 GLN A CD    1 
ATOM   1393 O OE1   . GLN C 3 132 ? -14.102 1.740   21.234  1.00 110.62 ? 1372 GLN A OE1   1 
ATOM   1394 N NE2   . GLN C 3 132 ? -14.838 3.663   22.147  1.00 105.08 ? 1372 GLN A NE2   1 
ATOM   1395 N N     . SER C 3 133 ? -9.530  2.346   18.662  1.00 83.51  ? 1373 SER A N     1 
ATOM   1396 C CA    . SER C 3 133 ? -8.217  2.446   18.024  1.00 75.72  ? 1373 SER A CA    1 
ATOM   1397 C C     . SER C 3 133 ? -7.311  1.229   18.283  1.00 69.22  ? 1373 SER A C     1 
ATOM   1398 O O     . SER C 3 133 ? -6.124  1.374   18.590  1.00 61.70  ? 1373 SER A O     1 
ATOM   1399 C CB    . SER C 3 133 ? -7.509  3.723   18.492  1.00 76.08  ? 1373 SER A CB    1 
ATOM   1400 O OG    . SER C 3 133 ? -7.114  3.630   19.849  1.00 78.20  ? 1373 SER A OG    1 
ATOM   1401 N N     . TRP C 3 134 ? -7.877  0.031   18.155  1.00 65.26  ? 1374 TRP A N     1 
ATOM   1402 C CA    . TRP C 3 134 ? -7.129  -1.204  18.368  1.00 55.05  ? 1374 TRP A CA    1 
ATOM   1403 C C     . TRP C 3 134 ? -6.291  -1.527  17.136  1.00 54.57  ? 1374 TRP A C     1 
ATOM   1404 O O     . TRP C 3 134 ? -5.261  -2.205  17.232  1.00 56.81  ? 1374 TRP A O     1 
ATOM   1405 C CB    . TRP C 3 134 ? -8.082  -2.358  18.634  1.00 52.86  ? 1374 TRP A CB    1 
ATOM   1406 C CG    . TRP C 3 134 ? -9.070  -2.527  17.541  1.00 55.62  ? 1374 TRP A CG    1 
ATOM   1407 C CD1   . TRP C 3 134 ? -10.190 -1.777  17.327  1.00 47.27  ? 1374 TRP A CD1   1 
ATOM   1408 C CD2   . TRP C 3 134 ? -9.015  -3.487  16.481  1.00 56.18  ? 1374 TRP A CD2   1 
ATOM   1409 N NE1   . TRP C 3 134 ? -10.841 -2.214  16.196  1.00 53.81  ? 1374 TRP A NE1   1 
ATOM   1410 C CE2   . TRP C 3 134 ? -10.143 -3.262  15.657  1.00 51.74  ? 1374 TRP A CE2   1 
ATOM   1411 C CE3   . TRP C 3 134 ? -8.123  -4.514  16.146  1.00 52.24  ? 1374 TRP A CE3   1 
ATOM   1412 C CZ2   . TRP C 3 134 ? -10.404 -4.029  14.514  1.00 49.64  ? 1374 TRP A CZ2   1 
ATOM   1413 C CZ3   . TRP C 3 134 ? -8.382  -5.280  15.009  1.00 50.42  ? 1374 TRP A CZ3   1 
ATOM   1414 C CH2   . TRP C 3 134 ? -9.516  -5.032  14.208  1.00 53.98  ? 1374 TRP A CH2   1 
ATOM   1415 N N     . LYS C 3 135 ? -6.737  -1.050  15.976  1.00 47.20  ? 1375 LYS A N     1 
ATOM   1416 C CA    . LYS C 3 135 ? -5.998  -1.288  14.740  1.00 45.34  ? 1375 LYS A CA    1 
ATOM   1417 C C     . LYS C 3 135 ? -4.618  -0.628  14.815  1.00 42.34  ? 1375 LYS A C     1 
ATOM   1418 O O     . LYS C 3 135 ? -3.665  -1.105  14.191  1.00 35.51  ? 1375 LYS A O     1 
ATOM   1419 C CB    . LYS C 3 135 ? -6.771  -0.733  13.536  1.00 44.39  ? 1375 LYS A CB    1 
ATOM   1420 C CG    . LYS C 3 135 ? -8.186  -1.285  13.392  1.00 44.46  ? 1375 LYS A CG    1 
ATOM   1421 C CD    . LYS C 3 135 ? -8.949  -0.578  12.273  1.00 47.00  ? 1375 LYS A CD    1 
ATOM   1422 C CE    . LYS C 3 135 ? -10.381 -1.082  12.179  1.00 61.52  ? 1375 LYS A CE    1 
ATOM   1423 N NZ    . LYS C 3 135 ? -11.089 -0.616  10.948  1.00 71.18  ? 1375 LYS A NZ    1 
ATOM   1424 N N     . LYS C 3 136 ? -4.523  0.458   15.588  1.00 39.40  ? 1376 LYS A N     1 
ATOM   1425 C CA    . LYS C 3 136 ? -3.279  1.210   15.757  1.00 38.90  ? 1376 LYS A CA    1 
ATOM   1426 C C     . LYS C 3 136 ? -2.075  0.306   15.982  1.00 45.74  ? 1376 LYS A C     1 
ATOM   1427 O O     . LYS C 3 136 ? -1.060  0.412   15.277  1.00 37.83  ? 1376 LYS A O     1 
ATOM   1428 C CB    . LYS C 3 136 ? -3.400  2.202   16.920  1.00 45.10  ? 1376 LYS A CB    1 
ATOM   1429 C CG    . LYS C 3 136 ? -4.108  3.515   16.572  1.00 57.84  ? 1376 LYS A CG    1 
ATOM   1430 C CD    . LYS C 3 136 ? -3.365  4.263   15.468  1.00 70.63  ? 1376 LYS A CD    1 
ATOM   1431 C CE    . LYS C 3 136 ? -4.047  5.580   15.100  1.00 73.24  ? 1376 LYS A CE    1 
ATOM   1432 N NZ    . LYS C 3 136 ? -3.336  6.280   13.978  1.00 76.00  ? 1376 LYS A NZ    1 
ATOM   1433 N N     . SER C 3 137 ? -2.184  -0.577  16.968  1.00 47.74  ? 1377 SER A N     1 
ATOM   1434 C CA    . SER C 3 137 ? -1.113  -1.516  17.266  1.00 48.55  ? 1377 SER A CA    1 
ATOM   1435 C C     . SER C 3 137 ? -0.608  -2.164  15.966  1.00 47.71  ? 1377 SER A C     1 
ATOM   1436 O O     . SER C 3 137 ? 0.588   -2.110  15.655  1.00 46.91  ? 1377 SER A O     1 
ATOM   1437 C CB    . SER C 3 137 ? -1.628  -2.590  18.220  1.00 51.71  ? 1377 SER A CB    1 
ATOM   1438 O OG    . SER C 3 137 ? -0.673  -3.618  18.378  1.00 69.06  ? 1377 SER A OG    1 
ATOM   1439 N N     . ILE C 3 138 ? -1.538  -2.754  15.212  1.00 35.82  ? 1378 ILE A N     1 
ATOM   1440 C CA    . ILE C 3 138 ? -1.247  -3.417  13.942  1.00 29.55  ? 1378 ILE A CA    1 
ATOM   1441 C C     . ILE C 3 138 ? -0.496  -2.500  12.981  1.00 35.63  ? 1378 ILE A C     1 
ATOM   1442 O O     . ILE C 3 138 ? 0.467   -2.908  12.319  1.00 37.52  ? 1378 ILE A O     1 
ATOM   1443 C CB    . ILE C 3 138 ? -2.539  -3.837  13.220  1.00 37.24  ? 1378 ILE A CB    1 
ATOM   1444 C CG1   . ILE C 3 138 ? -3.520  -4.510  14.198  1.00 43.64  ? 1378 ILE A CG1   1 
ATOM   1445 C CG2   . ILE C 3 138 ? -2.195  -4.728  12.044  1.00 28.39  ? 1378 ILE A CG2   1 
ATOM   1446 C CD1   . ILE C 3 138 ? -2.981  -5.711  14.942  1.00 46.87  ? 1378 ILE A CD1   1 
ATOM   1447 N N     . TYR C 3 139 ? -0.974  -1.265  12.888  1.00 37.79  ? 1379 TYR A N     1 
ATOM   1448 C CA    . TYR C 3 139 ? -0.381  -0.256  12.021  1.00 30.05  ? 1379 TYR A CA    1 
ATOM   1449 C C     . TYR C 3 139 ? 1.089   -0.020  12.354  1.00 30.00  ? 1379 TYR A C     1 
ATOM   1450 O O     . TYR C 3 139 ? 1.939   -0.027  11.464  1.00 31.54  ? 1379 TYR A O     1 
ATOM   1451 C CB    . TYR C 3 139 ? -1.134  1.065   12.175  1.00 36.49  ? 1379 TYR A CB    1 
ATOM   1452 C CG    . TYR C 3 139 ? -2.578  1.057   11.724  1.00 35.26  ? 1379 TYR A CG    1 
ATOM   1453 C CD1   . TYR C 3 139 ? -3.435  2.098   12.081  1.00 31.79  ? 1379 TYR A CD1   1 
ATOM   1454 C CD2   . TYR C 3 139 ? -3.078  0.042   10.903  1.00 37.20  ? 1379 TYR A CD2   1 
ATOM   1455 C CE1   . TYR C 3 139 ? -4.754  2.133   11.629  1.00 38.81  ? 1379 TYR A CE1   1 
ATOM   1456 C CE2   . TYR C 3 139 ? -4.394  0.071   10.442  1.00 34.85  ? 1379 TYR A CE2   1 
ATOM   1457 C CZ    . TYR C 3 139 ? -5.226  1.121   10.810  1.00 40.67  ? 1379 TYR A CZ    1 
ATOM   1458 O OH    . TYR C 3 139 ? -6.524  1.175   10.353  1.00 38.39  ? 1379 TYR A OH    1 
ATOM   1459 N N     . LYS C 3 140 ? 1.394   0.194   13.633  1.00 25.14  ? 1380 LYS A N     1 
ATOM   1460 C CA    . LYS C 3 140 ? 2.780   0.448   14.015  1.00 33.29  ? 1380 LYS A CA    1 
ATOM   1461 C C     . LYS C 3 140 ? 3.676   -0.700  13.537  1.00 36.80  ? 1380 LYS A C     1 
ATOM   1462 O O     . LYS C 3 140 ? 4.802   -0.489  13.085  1.00 35.22  ? 1380 LYS A O     1 
ATOM   1463 C CB    . LYS C 3 140 ? 2.924   0.626   15.538  1.00 30.57  ? 1380 LYS A CB    1 
ATOM   1464 C CG    . LYS C 3 140 ? 4.292   1.219   15.907  1.00 46.36  ? 1380 LYS A CG    1 
ATOM   1465 C CD    . LYS C 3 140 ? 4.600   1.162   17.395  1.00 68.17  ? 1380 LYS A CD    1 
ATOM   1466 C CE    . LYS C 3 140 ? 6.054   1.583   17.663  1.00 75.32  ? 1380 LYS A CE    1 
ATOM   1467 N NZ    . LYS C 3 140 ? 6.486   1.438   19.096  1.00 67.58  ? 1380 LYS A NZ    1 
ATOM   1468 N N     . ILE C 3 141 ? 3.155   -1.918  13.639  1.00 32.97  ? 1381 ILE A N     1 
ATOM   1469 C CA    . ILE C 3 141 ? 3.874   -3.100  13.218  1.00 22.28  ? 1381 ILE A CA    1 
ATOM   1470 C C     . ILE C 3 141 ? 4.091   -3.117  11.710  1.00 30.63  ? 1381 ILE A C     1 
ATOM   1471 O O     . ILE C 3 141 ? 5.178   -3.407  11.246  1.00 39.88  ? 1381 ILE A O     1 
ATOM   1472 C CB    . ILE C 3 141 ? 3.100   -4.358  13.589  1.00 25.97  ? 1381 ILE A CB    1 
ATOM   1473 C CG1   . ILE C 3 141 ? 3.066   -4.496  15.110  1.00 15.90  ? 1381 ILE A CG1   1 
ATOM   1474 C CG2   . ILE C 3 141 ? 3.729   -5.590  12.904  1.00 20.90  ? 1381 ILE A CG2   1 
ATOM   1475 C CD1   . ILE C 3 141 ? 2.038   -5.509  15.592  1.00 19.62  ? 1381 ILE A CD1   1 
ATOM   1476 N N     . ILE C 3 142 ? 3.055   -2.807  10.945  1.00 19.38  ? 1382 ILE A N     1 
ATOM   1477 C CA    . ILE C 3 142 ? 3.172   -2.834  9.496   1.00 32.13  ? 1382 ILE A CA    1 
ATOM   1478 C C     . ILE C 3 142 ? 4.072   -1.721  8.941   1.00 38.61  ? 1382 ILE A C     1 
ATOM   1479 O O     . ILE C 3 142 ? 4.727   -1.871  7.886   1.00 24.90  ? 1382 ILE A O     1 
ATOM   1480 C CB    . ILE C 3 142 ? 1.780   -2.742  8.870   1.00 36.14  ? 1382 ILE A CB    1 
ATOM   1481 C CG1   . ILE C 3 142 ? 0.896   -3.874  9.417   1.00 31.62  ? 1382 ILE A CG1   1 
ATOM   1482 C CG2   . ILE C 3 142 ? 1.887   -2.776  7.362   1.00 34.25  ? 1382 ILE A CG2   1 
ATOM   1483 C CD1   . ILE C 3 142 ? 1.447   -5.272  9.189   1.00 19.88  ? 1382 ILE A CD1   1 
ATOM   1484 N N     . SER C 3 143 ? 4.113   -0.609  9.665   1.00 34.83  ? 1383 SER A N     1 
ATOM   1485 C CA    . SER C 3 143 ? 4.920   0.531   9.261   1.00 32.73  ? 1383 SER A CA    1 
ATOM   1486 C C     . SER C 3 143 ? 6.406   0.215   9.196   1.00 26.45  ? 1383 SER A C     1 
ATOM   1487 O O     . SER C 3 143 ? 7.162   0.923   8.525   1.00 33.54  ? 1383 SER A O     1 
ATOM   1488 C CB    . SER C 3 143 ? 4.674   1.700   10.206  1.00 27.38  ? 1383 SER A CB    1 
ATOM   1489 O OG    . SER C 3 143 ? 4.154   1.221   11.436  1.00 42.78  ? 1383 SER A OG    1 
ATOM   1490 N N     . ARG C 3 144 ? 6.852   -0.837  9.869   1.00 24.17  ? 1384 ARG A N     1 
ATOM   1491 C CA    . ARG C 3 144 ? 8.281   -1.126  9.779   1.00 29.25  ? 1384 ARG A CA    1 
ATOM   1492 C C     . ARG C 3 144 ? 8.573   -2.122  8.675   1.00 31.30  ? 1384 ARG A C     1 
ATOM   1493 O O     . ARG C 3 144 ? 9.709   -2.558  8.513   1.00 33.10  ? 1384 ARG A O     1 
ATOM   1494 C CB    . ARG C 3 144 ? 8.824   -1.678  11.095  1.00 24.64  ? 1384 ARG A CB    1 
ATOM   1495 C CG    . ARG C 3 144 ? 8.342   -0.952  12.310  1.00 33.75  ? 1384 ARG A CG    1 
ATOM   1496 C CD    . ARG C 3 144 ? 9.001   -1.486  13.560  1.00 37.15  ? 1384 ARG A CD    1 
ATOM   1497 N NE    . ARG C 3 144 ? 8.092   -1.441  14.701  1.00 42.64  ? 1384 ARG A NE    1 
ATOM   1498 C CZ    . ARG C 3 144 ? 7.340   -2.465  15.086  1.00 41.47  ? 1384 ARG A CZ    1 
ATOM   1499 N NH1   . ARG C 3 144 ? 7.399   -3.617  14.419  1.00 30.70  ? 1384 ARG A NH1   1 
ATOM   1500 N NH2   . ARG C 3 144 ? 6.526   -2.334  16.126  1.00 49.46  ? 1384 ARG A NH2   1 
ATOM   1501 N N     . MET C 3 145 ? 7.559   -2.478  7.897   1.00 36.14  ? 1385 MET A N     1 
ATOM   1502 C CA    . MET C 3 145 ? 7.776   -3.471  6.859   1.00 27.16  ? 1385 MET A CA    1 
ATOM   1503 C C     . MET C 3 145 ? 7.963   -3.000  5.410   1.00 28.74  ? 1385 MET A C     1 
ATOM   1504 O O     . MET C 3 145 ? 8.079   -3.826  4.503   1.00 25.04  ? 1385 MET A O     1 
ATOM   1505 C CB    . MET C 3 145 ? 6.678   -4.527  6.967   1.00 31.81  ? 1385 MET A CB    1 
ATOM   1506 C CG    . MET C 3 145 ? 6.912   -5.443  8.160   1.00 25.26  ? 1385 MET A CG    1 
ATOM   1507 S SD    . MET C 3 145 ? 5.596   -6.610  8.561   1.00 39.44  ? 1385 MET A SD    1 
ATOM   1508 C CE    . MET C 3 145 ? 5.727   -7.768  7.198   1.00 46.59  ? 1385 MET A CE    1 
ATOM   1509 N N     . ASP C 3 146 ? 8.023   -1.690  5.185   1.00 28.42  ? 1386 ASP A N     1 
ATOM   1510 C CA    . ASP C 3 146 ? 8.236   -1.202  3.825   1.00 29.77  ? 1386 ASP A CA    1 
ATOM   1511 C C     . ASP C 3 146 ? 9.554   -1.778  3.306   1.00 28.83  ? 1386 ASP A C     1 
ATOM   1512 O O     . ASP C 3 146 ? 10.452  -2.067  4.079   1.00 26.23  ? 1386 ASP A O     1 
ATOM   1513 C CB    . ASP C 3 146 ? 8.341   0.333   3.783   1.00 26.35  ? 1386 ASP A CB    1 
ATOM   1514 C CG    . ASP C 3 146 ? 7.004   1.026   3.939   1.00 30.35  ? 1386 ASP A CG    1 
ATOM   1515 O OD1   . ASP C 3 146 ? 5.958   0.343   3.901   1.00 25.22  ? 1386 ASP A OD1   1 
ATOM   1516 O OD2   . ASP C 3 146 ? 7.013   2.267   4.093   1.00 33.79  ? 1386 ASP A OD2   1 
ATOM   1517 N N     . ASP C 3 147 ? 9.660   -1.950  1.996   1.00 30.73  ? 1387 ASP A N     1 
ATOM   1518 C CA    . ASP C 3 147 ? 10.891  -2.438  1.385   1.00 23.28  ? 1387 ASP A CA    1 
ATOM   1519 C C     . ASP C 3 147 ? 11.369  -1.378  0.404   1.00 24.63  ? 1387 ASP A C     1 
ATOM   1520 O O     . ASP C 3 147 ? 10.616  -0.479  0.016   1.00 26.66  ? 1387 ASP A O     1 
ATOM   1521 C CB    . ASP C 3 147 ? 10.653  -3.760  0.659   1.00 27.95  ? 1387 ASP A CB    1 
ATOM   1522 C CG    . ASP C 3 147 ? 10.864  -4.957  1.561   1.00 49.83  ? 1387 ASP A CG    1 
ATOM   1523 O OD1   . ASP C 3 147 ? 10.272  -4.978  2.662   1.00 60.88  ? 1387 ASP A OD1   1 
ATOM   1524 O OD2   . ASP C 3 147 ? 11.624  -5.876  1.179   1.00 61.21  ? 1387 ASP A OD2   1 
ATOM   1525 N N     . PRO C 3 148 ? 12.637  -1.448  0.000   1.00 34.34  ? 1388 PRO A N     1 
ATOM   1526 C CA    . PRO C 3 148 ? 13.108  -0.428  -0.944  1.00 27.81  ? 1388 PRO A CA    1 
ATOM   1527 C C     . PRO C 3 148 ? 12.441  -0.600  -2.306  1.00 22.81  ? 1388 PRO A C     1 
ATOM   1528 O O     . PRO C 3 148 ? 12.495  -1.672  -2.908  1.00 39.05  ? 1388 PRO A O     1 
ATOM   1529 C CB    . PRO C 3 148 ? 14.605  -0.685  -1.009  1.00 24.96  ? 1388 PRO A CB    1 
ATOM   1530 C CG    . PRO C 3 148 ? 14.913  -1.421  0.292   1.00 29.84  ? 1388 PRO A CG    1 
ATOM   1531 C CD    . PRO C 3 148 ? 13.737  -2.327  0.432   1.00 26.99  ? 1388 PRO A CD    1 
ATOM   1532 N N     . VAL C 3 149 ? 11.800  0.453   -2.785  1.00 26.23  ? 1389 VAL A N     1 
ATOM   1533 C CA    . VAL C 3 149 ? 11.152  0.405   -4.082  1.00 23.55  ? 1389 VAL A CA    1 
ATOM   1534 C C     . VAL C 3 149 ? 12.223  0.259   -5.159  1.00 32.30  ? 1389 VAL A C     1 
ATOM   1535 O O     . VAL C 3 149 ? 13.222  0.985   -5.157  1.00 28.61  ? 1389 VAL A O     1 
ATOM   1536 C CB    . VAL C 3 149 ? 10.368  1.694   -4.356  1.00 34.64  ? 1389 VAL A CB    1 
ATOM   1537 C CG1   . VAL C 3 149 ? 9.830   1.693   -5.809  1.00 3.53   ? 1389 VAL A CG1   1 
ATOM   1538 C CG2   . VAL C 3 149 ? 9.263   1.839   -3.311  1.00 19.28  ? 1389 VAL A CG2   1 
ATOM   1539 N N     . PRO C 3 150 ? 12.022  -0.686  -6.094  1.00 32.70  ? 1390 PRO A N     1 
ATOM   1540 C CA    . PRO C 3 150 ? 12.963  -0.938  -7.182  1.00 29.75  ? 1390 PRO A CA    1 
ATOM   1541 C C     . PRO C 3 150 ? 13.460  0.352   -7.829  1.00 33.46  ? 1390 PRO A C     1 
ATOM   1542 O O     . PRO C 3 150 ? 12.727  1.345   -7.950  1.00 33.31  ? 1390 PRO A O     1 
ATOM   1543 C CB    . PRO C 3 150 ? 12.149  -1.804  -8.140  1.00 30.66  ? 1390 PRO A CB    1 
ATOM   1544 C CG    . PRO C 3 150 ? 11.301  -2.592  -7.218  1.00 25.83  ? 1390 PRO A CG    1 
ATOM   1545 C CD    . PRO C 3 150 ? 10.815  -1.519  -6.262  1.00 33.45  ? 1390 PRO A CD    1 
ATOM   1546 N N     . GLU C 3 151 ? 14.712  0.305   -8.257  1.00 25.07  ? 1391 GLU A N     1 
ATOM   1547 C CA    . GLU C 3 151 ? 15.385  1.432   -8.874  1.00 27.96  ? 1391 GLU A CA    1 
ATOM   1548 C C     . GLU C 3 151 ? 14.761  1.949   -10.173 1.00 31.51  ? 1391 GLU A C     1 
ATOM   1549 O O     . GLU C 3 151 ? 14.669  3.160   -10.380 1.00 28.52  ? 1391 GLU A O     1 
ATOM   1550 C CB    . GLU C 3 151 ? 16.856  1.054   -9.095  1.00 19.34  ? 1391 GLU A CB    1 
ATOM   1551 C CG    . GLU C 3 151 ? 17.823  2.170   -8.764  1.00 44.51  ? 1391 GLU A CG    1 
ATOM   1552 C CD    . GLU C 3 151 ? 17.608  2.732   -7.370  1.00 36.93  ? 1391 GLU A CD    1 
ATOM   1553 O OE1   . GLU C 3 151 ? 17.934  3.918   -7.157  1.00 37.22  ? 1391 GLU A OE1   1 
ATOM   1554 O OE2   . GLU C 3 151 ? 17.118  1.989   -6.491  1.00 41.29  ? 1391 GLU A OE2   1 
ATOM   1555 N N     . TYR C 3 152 ? 14.323  1.040   -11.041 1.00 39.77  ? 1392 TYR A N     1 
ATOM   1556 C CA    . TYR C 3 152 ? 13.742  1.421   -12.331 1.00 42.63  ? 1392 TYR A CA    1 
ATOM   1557 C C     . TYR C 3 152 ? 12.429  2.180   -12.251 1.00 38.96  ? 1392 TYR A C     1 
ATOM   1558 O O     . TYR C 3 152 ? 11.832  2.499   -13.275 1.00 33.45  ? 1392 TYR A O     1 
ATOM   1559 C CB    . TYR C 3 152 ? 13.530  0.185   -13.192 1.00 48.77  ? 1392 TYR A CB    1 
ATOM   1560 C CG    . TYR C 3 152 ? 12.517  -0.763  -12.610 1.00 51.93  ? 1392 TYR A CG    1 
ATOM   1561 C CD1   . TYR C 3 152 ? 11.151  -0.571  -12.815 1.00 49.66  ? 1392 TYR A CD1   1 
ATOM   1562 C CD2   . TYR C 3 152 ? 12.922  -1.840  -11.827 1.00 54.63  ? 1392 TYR A CD2   1 
ATOM   1563 C CE1   . TYR C 3 152 ? 10.213  -1.437  -12.251 1.00 53.00  ? 1392 TYR A CE1   1 
ATOM   1564 C CE2   . TYR C 3 152 ? 11.996  -2.707  -11.261 1.00 53.83  ? 1392 TYR A CE2   1 
ATOM   1565 C CZ    . TYR C 3 152 ? 10.648  -2.504  -11.473 1.00 51.80  ? 1392 TYR A CZ    1 
ATOM   1566 O OH    . TYR C 3 152 ? 9.746   -3.368  -10.897 1.00 50.61  ? 1392 TYR A OH    1 
ATOM   1567 N N     . PHE C 3 153 ? 11.960  2.445   -11.041 1.00 42.35  ? 1393 PHE A N     1 
ATOM   1568 C CA    . PHE C 3 153 ? 10.721  3.192   -10.892 1.00 41.52  ? 1393 PHE A CA    1 
ATOM   1569 C C     . PHE C 3 153 ? 11.054  4.664   -11.025 1.00 39.73  ? 1393 PHE A C     1 
ATOM   1570 O O     . PHE C 3 153 ? 10.165  5.513   -11.089 1.00 38.68  ? 1393 PHE A O     1 
ATOM   1571 C CB    . PHE C 3 153 ? 10.079  2.941   -9.527  1.00 41.85  ? 1393 PHE A CB    1 
ATOM   1572 C CG    . PHE C 3 153 ? 9.131   1.774   -9.503  1.00 40.74  ? 1393 PHE A CG    1 
ATOM   1573 C CD1   . PHE C 3 153 ? 9.604   0.474   -9.503  1.00 40.76  ? 1393 PHE A CD1   1 
ATOM   1574 C CD2   . PHE C 3 153 ? 7.759   1.982   -9.448  1.00 38.71  ? 1393 PHE A CD2   1 
ATOM   1575 C CE1   . PHE C 3 153 ? 8.722   -0.601  -9.443  1.00 36.98  ? 1393 PHE A CE1   1 
ATOM   1576 C CE2   . PHE C 3 153 ? 6.878   0.915   -9.388  1.00 37.52  ? 1393 PHE A CE2   1 
ATOM   1577 C CZ    . PHE C 3 153 ? 7.362   -0.377  -9.384  1.00 32.73  ? 1393 PHE A CZ    1 
ATOM   1578 N N     . LYS C 3 154 ? 12.345  4.968   -11.047 1.00 40.18  ? 1394 LYS A N     1 
ATOM   1579 C CA    . LYS C 3 154 ? 12.769  6.352   -11.185 1.00 48.19  ? 1394 LYS A CA    1 
ATOM   1580 C C     . LYS C 3 154 ? 12.914  6.666   -12.672 1.00 48.64  ? 1394 LYS A C     1 
ATOM   1581 O O     . LYS C 3 154 ? 12.740  7.805   -13.095 1.00 52.41  ? 1394 LYS A O     1 
ATOM   1582 C CB    . LYS C 3 154 ? 14.099  6.573   -10.468 1.00 40.86  ? 1394 LYS A CB    1 
ATOM   1583 C CG    . LYS C 3 154 ? 14.057  6.236   -8.987  1.00 42.74  ? 1394 LYS A CG    1 
ATOM   1584 C CD    . LYS C 3 154 ? 15.416  6.460   -8.322  1.00 38.60  ? 1394 LYS A CD    1 
ATOM   1585 C CE    . LYS C 3 154 ? 15.425  5.946   -6.886  1.00 44.68  ? 1394 LYS A CE    1 
ATOM   1586 N NZ    . LYS C 3 154 ? 16.686  6.308   -6.173  1.00 44.20  ? 1394 LYS A NZ    1 
ATOM   1587 N N     . SER C 3 155 ? 13.202  5.630   -13.455 1.00 49.22  ? 1395 SER A N     1 
ATOM   1588 C CA    . SER C 3 155 ? 13.395  5.753   -14.897 1.00 52.98  ? 1395 SER A CA    1 
ATOM   1589 C C     . SER C 3 155 ? 12.231  6.356   -15.683 1.00 54.09  ? 1395 SER A C     1 
ATOM   1590 O O     . SER C 3 155 ? 11.120  5.829   -15.686 1.00 57.09  ? 1395 SER A O     1 
ATOM   1591 C CB    . SER C 3 155 ? 13.736  4.385   -15.496 1.00 49.37  ? 1395 SER A CB    1 
ATOM   1592 O OG    . SER C 3 155 ? 13.925  4.483   -16.896 1.00 48.76  ? 1395 SER A OG    1 
ATOM   1593 N N     . PRO C 3 156 ? 12.489  7.466   -16.383 1.00 52.83  ? 1396 PRO A N     1 
ATOM   1594 C CA    . PRO C 3 156 ? 11.478  8.155   -17.191 1.00 48.21  ? 1396 PRO A CA    1 
ATOM   1595 C C     . PRO C 3 156 ? 10.762  7.138   -18.087 1.00 52.14  ? 1396 PRO A C     1 
ATOM   1596 O O     . PRO C 3 156 ? 9.548   7.225   -18.325 1.00 54.78  ? 1396 PRO A O     1 
ATOM   1597 C CB    . PRO C 3 156 ? 12.314  9.127   -18.016 1.00 46.35  ? 1396 PRO A CB    1 
ATOM   1598 C CG    . PRO C 3 156 ? 13.465  9.428   -17.128 1.00 48.48  ? 1396 PRO A CG    1 
ATOM   1599 C CD    . PRO C 3 156 ? 13.818  8.081   -16.567 1.00 48.79  ? 1396 PRO A CD    1 
ATOM   1600 N N     . ASN C 3 157 ? 11.548  6.180   -18.575 1.00 44.92  ? 1397 ASN A N     1 
ATOM   1601 C CA    . ASN C 3 157 ? 11.057  5.131   -19.457 1.00 46.21  ? 1397 ASN A CA    1 
ATOM   1602 C C     . ASN C 3 157 ? 10.090  4.201   -18.753 1.00 43.24  ? 1397 ASN A C     1 
ATOM   1603 O O     . ASN C 3 157 ? 9.331   3.488   -19.406 1.00 58.08  ? 1397 ASN A O     1 
ATOM   1604 C CB    . ASN C 3 157 ? 12.224  4.309   -20.017 1.00 51.41  ? 1397 ASN A CB    1 
ATOM   1605 C CG    . ASN C 3 157 ? 13.247  5.164   -20.742 1.00 53.76  ? 1397 ASN A CG    1 
ATOM   1606 O OD1   . ASN C 3 157 ? 12.907  5.889   -21.683 1.00 52.70  ? 1397 ASN A OD1   1 
ATOM   1607 N ND2   . ASN C 3 157 ? 14.511  5.083   -20.310 1.00 48.90  ? 1397 ASN A ND2   1 
ATOM   1608 N N     . PHE C 3 158 ? 10.117  4.184   -17.426 1.00 43.77  ? 1398 PHE A N     1 
ATOM   1609 C CA    . PHE C 3 158 ? 9.198   3.312   -16.707 1.00 44.60  ? 1398 PHE A CA    1 
ATOM   1610 C C     . PHE C 3 158 ? 7.789   3.815   -16.898 1.00 47.05  ? 1398 PHE A C     1 
ATOM   1611 O O     . PHE C 3 158 ? 6.913   3.075   -17.345 1.00 41.02  ? 1398 PHE A O     1 
ATOM   1612 C CB    . PHE C 3 158 ? 9.494   3.280   -15.210 1.00 48.72  ? 1398 PHE A CB    1 
ATOM   1613 C CG    . PHE C 3 158 ? 8.411   2.621   -14.397 1.00 45.93  ? 1398 PHE A CG    1 
ATOM   1614 C CD1   . PHE C 3 158 ? 8.145   1.266   -14.534 1.00 51.07  ? 1398 PHE A CD1   1 
ATOM   1615 C CD2   . PHE C 3 158 ? 7.648   3.359   -13.498 1.00 53.89  ? 1398 PHE A CD2   1 
ATOM   1616 C CE1   . PHE C 3 158 ? 7.138   0.652   -13.786 1.00 52.12  ? 1398 PHE A CE1   1 
ATOM   1617 C CE2   . PHE C 3 158 ? 6.637   2.755   -12.746 1.00 54.39  ? 1398 PHE A CE2   1 
ATOM   1618 C CZ    . PHE C 3 158 ? 6.384   1.400   -12.890 1.00 53.56  ? 1398 PHE A CZ    1 
ATOM   1619 N N     . LEU C 3 159 ? 7.586   5.085   -16.555 1.00 61.12  ? 1399 LEU A N     1 
ATOM   1620 C CA    . LEU C 3 159 ? 6.276   5.715   -16.655 1.00 63.06  ? 1399 LEU A CA    1 
ATOM   1621 C C     . LEU C 3 159 ? 5.562   5.268   -17.918 1.00 62.16  ? 1399 LEU A C     1 
ATOM   1622 O O     . LEU C 3 159 ? 4.368   4.985   -17.879 1.00 59.73  ? 1399 LEU A O     1 
ATOM   1623 C CB    . LEU C 3 159 ? 6.404   7.242   -16.622 1.00 56.22  ? 1399 LEU A CB    1 
ATOM   1624 C CG    . LEU C 3 159 ? 5.100   8.019   -16.401 1.00 55.13  ? 1399 LEU A CG    1 
ATOM   1625 C CD1   . LEU C 3 159 ? 4.204   7.315   -15.384 1.00 55.60  ? 1399 LEU A CD1   1 
ATOM   1626 C CD2   . LEU C 3 159 ? 5.444   9.412   -15.915 1.00 46.30  ? 1399 LEU A CD2   1 
ATOM   1627 N N     . GLU C 3 160 ? 6.295   5.197   -19.027 1.00 65.08  ? 1400 GLU A N     1 
ATOM   1628 C CA    . GLU C 3 160 ? 5.723   4.748   -20.288 1.00 68.61  ? 1400 GLU A CA    1 
ATOM   1629 C C     . GLU C 3 160 ? 5.124   3.371   -20.043 1.00 70.74  ? 1400 GLU A C     1 
ATOM   1630 O O     . GLU C 3 160 ? 4.431   3.166   -19.055 1.00 71.70  ? 1400 GLU A O     1 
ATOM   1631 C CB    . GLU C 3 160 ? 6.816   4.665   -21.349 1.00 71.16  ? 1400 GLU A CB    1 
ATOM   1632 C CG    . GLU C 3 160 ? 7.553   5.973   -21.534 1.00 83.71  ? 1400 GLU A CG    1 
ATOM   1633 C CD    . GLU C 3 160 ? 8.607   5.917   -22.628 1.00 95.51  ? 1400 GLU A CD    1 
ATOM   1634 O OE1   . GLU C 3 160 ? 9.569   5.125   -22.497 1.00 103.51 ? 1400 GLU A OE1   1 
ATOM   1635 O OE2   . GLU C 3 160 ? 8.471   6.672   -23.617 1.00 92.64  ? 1400 GLU A OE2   1 
ATOM   1636 N N     . GLN C 3 161 ? 5.390   2.428   -20.935 1.00 73.84  ? 1401 GLN A N     1 
ATOM   1637 C CA    . GLN C 3 161 ? 4.881   1.066   -20.776 1.00 84.91  ? 1401 GLN A CA    1 
ATOM   1638 C C     . GLN C 3 161 ? 3.722   0.942   -19.772 1.00 86.95  ? 1401 GLN A C     1 
ATOM   1639 O O     . GLN C 3 161 ? 3.877   0.207   -18.771 1.00 88.68  ? 1401 GLN A O     1 
ATOM   1640 C CB    . GLN C 3 161 ? 6.032   0.158   -20.351 1.00 78.92  ? 1401 GLN A CB    1 
ATOM   1641 C CG    . GLN C 3 161 ? 6.837   0.725   -19.200 1.00 80.24  ? 1401 GLN A CG    1 
ATOM   1642 C CD    . GLN C 3 161 ? 8.161   0.018   -19.015 1.00 87.94  ? 1401 GLN A CD    1 
ATOM   1643 O OE1   . GLN C 3 161 ? 8.207   -1.193  -18.806 1.00 93.08  ? 1401 GLN A OE1   1 
ATOM   1644 N NE2   . GLN C 3 161 ? 9.253   0.775   -19.093 1.00 90.33  ? 1401 GLN A NE2   1 
HETATM 1645 O O     . HOH D 4 .   ? -17.709 12.447  -3.318  1.00 33.16  ? 7    HOH D O     1 
HETATM 1646 O O     . HOH E 4 .   ? -6.346  11.685  -9.535  1.00 39.22  ? 4    HOH C O     1 
HETATM 1647 O O     . HOH E 4 .   ? -13.232 20.600  2.278   1.00 37.19  ? 13   HOH C O     1 
HETATM 1648 O O     . HOH F 4 .   ? 2.512   2.307   -17.117 1.00 43.83  ? 1    HOH A O     1 
HETATM 1649 O O     . HOH F 4 .   ? 16.276  3.696   -17.818 1.00 22.47  ? 2    HOH A O     1 
HETATM 1650 O O     . HOH F 4 .   ? 4.756   -2.306  4.999   1.00 22.76  ? 3    HOH A O     1 
HETATM 1651 O O     . HOH F 4 .   ? 12.370  2.742   -1.748  1.00 39.27  ? 5    HOH A O     1 
HETATM 1652 O O     . HOH F 4 .   ? 12.322  -5.298  -4.672  1.00 40.58  ? 6    HOH A O     1 
HETATM 1653 O O     . HOH F 4 .   ? -0.178  -16.226 13.315  1.00 37.19  ? 8    HOH A O     1 
HETATM 1654 O O     . HOH F 4 .   ? 8.435   9.157   -14.406 1.00 37.19  ? 9    HOH A O     1 
HETATM 1655 O O     . HOH F 4 .   ? -11.307 5.739   2.822   1.00 37.19  ? 10   HOH A O     1 
HETATM 1656 O O     . HOH F 4 .   ? 11.000  -4.919  9.192   1.00 37.19  ? 11   HOH A O     1 
HETATM 1657 O O     . HOH F 4 .   ? 7.349   -5.447  -0.298  1.00 37.19  ? 12   HOH A O     1 
HETATM 1658 O O     . HOH F 4 .   ? 8.721   -2.995  -16.886 1.00 37.19  ? 14   HOH A O     1 
HETATM 1659 O O     . HOH F 4 .   ? -4.056  -20.958 11.401  1.00 37.19  ? 15   HOH A O     1 
# 
